data_9KCU
#
_entry.id   9KCU
#
_cell.length_a   1.00
_cell.length_b   1.00
_cell.length_c   1.00
_cell.angle_alpha   90.00
_cell.angle_beta   90.00
_cell.angle_gamma   90.00
#
_symmetry.space_group_name_H-M   'P 1'
#
loop_
_entity.id
_entity.type
_entity.pdbx_description
1 polymer 'Protein CNGC15b'
2 non-polymer PHOSPHATIDYLETHANOLAMINE
#
_entity_poly.entity_id   1
_entity_poly.type   'polypeptide(L)'
_entity_poly.pdbx_seq_one_letter_code
;MVTPKFMSDLFEGDHLELAKLTSPNGDNGIKFNEKHVAPRVLSRVFSEDYKRVKRRRRIFDPRGQTIHQWNKIFLVACLI
SLFVDPLFFYLPIVQDEVCIDIGIAVEVFLIIIRSIADVFYVIHIFMRFHTAYVAPSSRVFGRGELVIDSSKIASRYLHK
GFFLDFIAALPLPQVLIWIVIPNLGGSTIANTKNVLRFIIIIQYLPRLFLIFPLSSQIVKATGVVTETAWAGAAYNLILY
MLASHVLGACWYLLSIERQEACWKSVCKLEESSCQFDFFDCNMVKDSLRVSWFVTSNVTNLCSPNSLFYQFGIYGDAVTS
KVTTSAFFNKYFFCLWWGLRNLSSLGQGLLTSTFVGEIMFAIVIATLGLVLFALLIGNMQTYLQSTTVRLEEWRVKRTDT
EQWMHHRQLPQELRQSVRKYDQYKWIATRGVDEESLLRGLPLDLRRDIKRHLCLELVRRVPLFDAMDERMLDAICERLKP
ALCTENTYLVREGDPVNEMLFIIRGNLDSYTTDGGRTGFFNSCRIGPGDFCGEELLTWALDPRPTMVIPSSTRTVKAISE
VEAFALIAEDLKFVASQFRRLHSKQLRNKLRFHSHQWRTWAACFIQVAWRRTIQEKKGSCGSSAWSHPQFEKGGGSGGGS
GGSAWSHPQFEKSGDYKDDDDK
;
_entity_poly.pdbx_strand_id   A,B,C,D
#
# COMPACT_ATOMS: atom_id res chain seq x y z
N ARG A 58 -57.22 2.05 -1.18
CA ARG A 58 -56.32 1.65 -0.10
C ARG A 58 -54.94 2.25 -0.28
N ILE A 59 -54.90 3.55 -0.58
CA ILE A 59 -53.62 4.23 -0.80
C ILE A 59 -52.92 4.42 0.53
N PHE A 60 -51.65 4.02 0.59
CA PHE A 60 -50.87 4.12 1.82
C PHE A 60 -50.32 5.54 1.99
N ASP A 61 -50.13 5.92 3.24
CA ASP A 61 -49.55 7.23 3.55
C ASP A 61 -48.03 7.17 3.37
N PRO A 62 -47.46 8.05 2.54
CA PRO A 62 -46.01 7.97 2.29
C PRO A 62 -45.15 8.15 3.53
N ARG A 63 -45.66 8.81 4.56
CA ARG A 63 -44.93 9.00 5.81
C ARG A 63 -45.65 8.28 6.95
N GLY A 64 -46.35 7.21 6.64
CA GLY A 64 -47.11 6.45 7.61
C GLY A 64 -46.30 5.33 8.26
N GLN A 65 -47.02 4.31 8.71
CA GLN A 65 -46.41 3.16 9.39
C GLN A 65 -46.28 1.94 8.50
N THR A 66 -47.24 1.70 7.61
CA THR A 66 -47.16 0.54 6.72
C THR A 66 -45.97 0.65 5.78
N ILE A 67 -45.79 1.83 5.16
CA ILE A 67 -44.69 2.00 4.23
C ILE A 67 -43.35 1.97 4.96
N HIS A 68 -43.29 2.50 6.18
CA HIS A 68 -42.06 2.45 6.95
C HIS A 68 -41.63 1.00 7.19
N GLN A 69 -42.57 0.17 7.67
CA GLN A 69 -42.26 -1.24 7.90
C GLN A 69 -41.91 -1.95 6.60
N TRP A 70 -42.62 -1.62 5.51
CA TRP A 70 -42.33 -2.26 4.24
C TRP A 70 -40.94 -1.89 3.74
N ASN A 71 -40.53 -0.64 3.94
CA ASN A 71 -39.19 -0.23 3.54
C ASN A 71 -38.14 -0.89 4.42
N LYS A 72 -38.44 -1.07 5.71
CA LYS A 72 -37.53 -1.81 6.59
C LYS A 72 -37.34 -3.23 6.09
N ILE A 73 -38.42 -3.88 5.64
CA ILE A 73 -38.32 -5.23 5.09
C ILE A 73 -37.59 -5.21 3.75
N PHE A 74 -37.89 -4.21 2.92
CA PHE A 74 -37.35 -4.15 1.57
C PHE A 74 -35.84 -3.89 1.56
N LEU A 75 -35.34 -3.16 2.55
CA LEU A 75 -33.88 -2.98 2.64
C LEU A 75 -33.19 -4.31 2.86
N VAL A 76 -33.73 -5.14 3.76
CA VAL A 76 -33.16 -6.47 3.98
C VAL A 76 -33.29 -7.33 2.73
N ALA A 77 -34.44 -7.25 2.05
CA ALA A 77 -34.64 -8.02 0.83
C ALA A 77 -33.65 -7.61 -0.25
N CYS A 78 -33.42 -6.32 -0.40
CA CYS A 78 -32.48 -5.83 -1.41
C CYS A 78 -31.05 -6.20 -1.04
N LEU A 79 -30.70 -6.16 0.26
CA LEU A 79 -29.38 -6.61 0.67
C LEU A 79 -29.17 -8.09 0.36
N ILE A 80 -30.20 -8.92 0.60
CA ILE A 80 -30.11 -10.33 0.27
C ILE A 80 -29.94 -10.51 -1.23
N SER A 81 -30.69 -9.75 -2.02
CA SER A 81 -30.59 -9.86 -3.48
C SER A 81 -29.20 -9.44 -3.96
N LEU A 82 -28.64 -8.39 -3.36
CA LEU A 82 -27.29 -7.95 -3.74
C LEU A 82 -26.24 -8.96 -3.32
N PHE A 83 -26.45 -9.67 -2.21
CA PHE A 83 -25.51 -10.70 -1.80
C PHE A 83 -25.62 -11.95 -2.66
N VAL A 84 -26.82 -12.23 -3.19
CA VAL A 84 -27.05 -13.50 -3.88
C VAL A 84 -26.69 -13.43 -5.36
N ASP A 85 -26.91 -12.29 -6.02
CA ASP A 85 -26.69 -12.22 -7.46
C ASP A 85 -25.25 -12.55 -7.87
N PRO A 86 -24.21 -12.00 -7.26
CA PRO A 86 -22.85 -12.40 -7.66
C PRO A 86 -22.52 -13.86 -7.39
N LEU A 87 -23.24 -14.52 -6.47
CA LEU A 87 -22.97 -15.92 -6.19
C LEU A 87 -23.21 -16.80 -7.42
N PHE A 88 -24.06 -16.35 -8.35
CA PHE A 88 -24.27 -17.08 -9.60
C PHE A 88 -22.97 -17.23 -10.38
N PHE A 89 -21.98 -16.38 -10.13
CA PHE A 89 -20.70 -16.48 -10.81
C PHE A 89 -19.84 -17.62 -10.26
N TYR A 90 -20.14 -18.12 -9.06
CA TYR A 90 -19.37 -19.20 -8.46
C TYR A 90 -19.88 -20.58 -8.90
N LEU A 91 -20.94 -20.64 -9.69
CA LEU A 91 -21.47 -21.93 -10.12
C LEU A 91 -20.51 -22.73 -10.98
N PRO A 92 -19.85 -22.16 -12.00
CA PRO A 92 -18.96 -22.98 -12.82
C PRO A 92 -17.82 -23.57 -12.02
N ILE A 93 -17.54 -24.86 -12.25
CA ILE A 93 -16.51 -25.61 -11.57
C ILE A 93 -15.63 -26.26 -12.63
N VAL A 94 -14.31 -26.09 -12.48
CA VAL A 94 -13.35 -26.74 -13.36
C VAL A 94 -12.95 -28.06 -12.73
N GLN A 95 -13.17 -29.16 -13.44
CA GLN A 95 -12.86 -30.49 -12.93
C GLN A 95 -11.48 -30.94 -13.37
N ASP A 96 -10.99 -31.99 -12.72
CA ASP A 96 -9.66 -32.52 -13.02
C ASP A 96 -9.56 -33.08 -14.43
N GLU A 97 -10.69 -33.46 -15.03
CA GLU A 97 -10.70 -33.95 -16.41
C GLU A 97 -10.68 -32.81 -17.43
N VAL A 98 -10.37 -31.59 -17.00
CA VAL A 98 -10.31 -30.41 -17.86
C VAL A 98 -11.68 -30.20 -18.52
N CYS A 99 -12.65 -29.78 -17.73
CA CYS A 99 -13.97 -29.42 -18.24
C CYS A 99 -14.65 -28.52 -17.21
N ILE A 100 -15.67 -27.80 -17.66
CA ILE A 100 -16.42 -26.88 -16.81
C ILE A 100 -17.83 -27.42 -16.65
N ASP A 101 -18.21 -27.71 -15.41
CA ASP A 101 -19.54 -28.16 -15.06
C ASP A 101 -20.25 -27.09 -14.23
N ILE A 102 -21.54 -27.28 -14.02
CA ILE A 102 -22.35 -26.35 -13.23
C ILE A 102 -22.94 -27.11 -12.06
N GLY A 103 -22.70 -26.62 -10.85
CA GLY A 103 -23.29 -27.24 -9.67
C GLY A 103 -24.79 -27.06 -9.64
N ILE A 104 -25.54 -28.14 -9.89
CA ILE A 104 -26.98 -28.02 -10.07
C ILE A 104 -27.67 -27.70 -8.75
N ALA A 105 -27.22 -28.30 -7.65
CA ALA A 105 -27.89 -28.08 -6.37
C ALA A 105 -27.75 -26.64 -5.90
N VAL A 106 -26.52 -26.12 -5.91
CA VAL A 106 -26.29 -24.74 -5.50
C VAL A 106 -26.96 -23.78 -6.46
N GLU A 107 -26.98 -24.13 -7.75
CA GLU A 107 -27.67 -23.30 -8.73
C GLU A 107 -29.16 -23.22 -8.42
N VAL A 108 -29.78 -24.35 -8.10
CA VAL A 108 -31.20 -24.36 -7.77
C VAL A 108 -31.47 -23.56 -6.50
N PHE A 109 -30.61 -23.71 -5.48
CA PHE A 109 -30.80 -22.96 -4.25
C PHE A 109 -30.70 -21.46 -4.50
N LEU A 110 -29.69 -21.04 -5.27
CA LEU A 110 -29.54 -19.63 -5.58
C LEU A 110 -30.71 -19.11 -6.41
N ILE A 111 -31.21 -19.94 -7.33
CA ILE A 111 -32.37 -19.54 -8.13
C ILE A 111 -33.58 -19.35 -7.24
N ILE A 112 -33.77 -20.23 -6.26
CA ILE A 112 -34.92 -20.11 -5.35
C ILE A 112 -34.80 -18.83 -4.53
N ILE A 113 -33.61 -18.55 -3.99
CA ILE A 113 -33.42 -17.34 -3.19
C ILE A 113 -33.65 -16.09 -4.04
N ARG A 114 -33.10 -16.09 -5.26
CA ARG A 114 -33.32 -14.96 -6.16
C ARG A 114 -34.79 -14.80 -6.53
N SER A 115 -35.51 -15.91 -6.69
CA SER A 115 -36.94 -15.83 -6.98
C SER A 115 -37.70 -15.22 -5.81
N ILE A 116 -37.33 -15.58 -4.58
CA ILE A 116 -37.95 -14.96 -3.42
C ILE A 116 -37.67 -13.46 -3.40
N ALA A 117 -36.42 -13.08 -3.69
CA ALA A 117 -36.08 -11.65 -3.73
C ALA A 117 -36.89 -10.93 -4.82
N ASP A 118 -37.05 -11.56 -5.98
CA ASP A 118 -37.81 -10.95 -7.06
C ASP A 118 -39.29 -10.84 -6.72
N VAL A 119 -39.83 -11.81 -6.00
CA VAL A 119 -41.21 -11.71 -5.53
C VAL A 119 -41.35 -10.53 -4.58
N PHE A 120 -40.36 -10.34 -3.70
CA PHE A 120 -40.37 -9.18 -2.82
C PHE A 120 -40.31 -7.88 -3.63
N TYR A 121 -39.51 -7.86 -4.70
CA TYR A 121 -39.45 -6.68 -5.57
C TYR A 121 -40.80 -6.41 -6.23
N VAL A 122 -41.47 -7.47 -6.70
CA VAL A 122 -42.79 -7.30 -7.31
C VAL A 122 -43.78 -6.76 -6.29
N ILE A 123 -43.73 -7.26 -5.05
CA ILE A 123 -44.59 -6.75 -4.00
C ILE A 123 -44.31 -5.27 -3.74
N HIS A 124 -43.03 -4.90 -3.75
CA HIS A 124 -42.67 -3.50 -3.54
C HIS A 124 -43.25 -2.62 -4.65
N ILE A 125 -43.11 -3.05 -5.90
CA ILE A 125 -43.65 -2.27 -7.02
C ILE A 125 -45.16 -2.15 -6.91
N PHE A 126 -45.83 -3.27 -6.61
CA PHE A 126 -47.29 -3.27 -6.51
C PHE A 126 -47.76 -2.34 -5.40
N MET A 127 -47.10 -2.38 -4.25
CA MET A 127 -47.53 -1.52 -3.14
C MET A 127 -47.20 -0.06 -3.38
N ARG A 128 -46.04 0.24 -3.99
CA ARG A 128 -45.68 1.64 -4.15
C ARG A 128 -46.43 2.24 -5.34
N PHE A 129 -47.07 1.41 -6.15
CA PHE A 129 -48.16 1.89 -7.00
C PHE A 129 -49.29 2.52 -6.21
N HIS A 130 -49.43 2.19 -4.93
CA HIS A 130 -50.56 2.64 -4.13
C HIS A 130 -50.11 3.50 -2.96
N THR A 131 -49.20 4.44 -3.21
CA THR A 131 -48.75 5.39 -2.21
C THR A 131 -48.99 6.81 -2.71
N ALA A 132 -49.33 7.70 -1.76
CA ALA A 132 -49.51 9.09 -2.09
C ALA A 132 -48.16 9.80 -2.21
N TYR A 133 -48.17 10.94 -2.90
CA TYR A 133 -46.98 11.75 -3.06
C TYR A 133 -47.32 13.20 -2.78
N VAL A 134 -46.32 13.96 -2.35
CA VAL A 134 -46.50 15.37 -2.03
C VAL A 134 -46.50 16.18 -3.32
N ALA A 135 -47.54 16.95 -3.55
CA ALA A 135 -47.64 17.76 -4.76
C ALA A 135 -46.57 18.86 -4.71
N PRO A 136 -45.84 19.08 -5.80
CA PRO A 136 -44.81 20.13 -5.78
C PRO A 136 -45.36 21.52 -5.53
N SER A 137 -46.57 21.81 -6.02
CA SER A 137 -47.16 23.14 -5.85
C SER A 137 -47.96 23.28 -4.58
N SER A 138 -48.18 22.20 -3.83
CA SER A 138 -48.93 22.24 -2.59
C SER A 138 -48.05 22.30 -1.35
N ARG A 139 -46.73 22.45 -1.54
CA ARG A 139 -45.79 22.48 -0.41
C ARG A 139 -45.89 23.86 0.27
N VAL A 140 -46.96 24.03 1.03
CA VAL A 140 -47.22 25.27 1.75
C VAL A 140 -46.55 25.15 3.12
N PHE A 141 -45.33 25.69 3.23
CA PHE A 141 -44.56 25.67 4.47
C PHE A 141 -44.39 24.24 5.01
N GLY A 142 -44.14 23.30 4.10
CA GLY A 142 -43.90 21.93 4.50
C GLY A 142 -45.11 21.03 4.35
N ARG A 143 -46.29 21.56 4.65
CA ARG A 143 -47.53 20.79 4.57
C ARG A 143 -47.93 20.66 3.10
N GLY A 144 -47.43 19.60 2.46
CA GLY A 144 -47.68 19.32 1.07
C GLY A 144 -48.91 18.49 0.79
N GLU A 145 -49.73 18.20 1.81
CA GLU A 145 -50.96 17.43 1.66
C GLU A 145 -50.69 16.04 1.08
N LEU A 146 -51.75 15.35 0.68
CA LEU A 146 -51.66 14.00 0.14
C LEU A 146 -52.49 13.90 -1.13
N VAL A 147 -51.96 13.19 -2.12
CA VAL A 147 -52.67 12.94 -3.38
C VAL A 147 -53.25 11.54 -3.31
N ILE A 148 -54.58 11.45 -3.26
CA ILE A 148 -55.25 10.15 -3.14
C ILE A 148 -55.62 9.60 -4.52
N ASP A 149 -55.64 10.44 -5.55
CA ASP A 149 -56.02 10.00 -6.89
C ASP A 149 -55.08 8.92 -7.39
N SER A 150 -55.61 7.71 -7.58
CA SER A 150 -54.79 6.59 -8.03
C SER A 150 -54.28 6.80 -9.45
N SER A 151 -55.11 7.40 -10.32
CA SER A 151 -54.70 7.63 -11.70
C SER A 151 -53.50 8.57 -11.77
N LYS A 152 -53.54 9.65 -10.98
CA LYS A 152 -52.42 10.59 -10.96
C LYS A 152 -51.15 9.92 -10.43
N ILE A 153 -51.30 9.10 -9.39
CA ILE A 153 -50.15 8.40 -8.81
C ILE A 153 -49.54 7.46 -9.86
N ALA A 154 -50.38 6.72 -10.58
CA ALA A 154 -49.89 5.82 -11.60
C ALA A 154 -49.22 6.57 -12.73
N SER A 155 -49.80 7.71 -13.14
CA SER A 155 -49.19 8.50 -14.20
C SER A 155 -47.83 9.03 -13.78
N ARG A 156 -47.71 9.52 -12.55
CA ARG A 156 -46.41 10.00 -12.07
C ARG A 156 -45.41 8.85 -11.99
N TYR A 157 -45.85 7.68 -11.52
CA TYR A 157 -44.94 6.54 -11.43
C TYR A 157 -44.44 6.11 -12.80
N LEU A 158 -45.34 6.07 -13.79
CA LEU A 158 -44.91 5.73 -15.15
C LEU A 158 -43.96 6.79 -15.70
N HIS A 159 -44.23 8.06 -15.42
CA HIS A 159 -43.36 9.13 -15.89
C HIS A 159 -41.98 9.05 -15.23
N LYS A 160 -41.93 8.76 -13.93
CA LYS A 160 -40.68 8.73 -13.18
C LYS A 160 -40.77 7.63 -12.13
N GLY A 161 -39.91 6.63 -12.24
CA GLY A 161 -39.81 5.60 -11.22
C GLY A 161 -40.09 4.19 -11.69
N PHE A 162 -41.03 4.04 -12.63
CA PHE A 162 -41.44 2.70 -13.06
C PHE A 162 -40.33 1.98 -13.82
N PHE A 163 -39.57 2.69 -14.65
CA PHE A 163 -38.62 2.02 -15.53
C PHE A 163 -37.50 1.36 -14.74
N LEU A 164 -36.87 2.11 -13.83
CA LEU A 164 -35.73 1.55 -13.10
C LEU A 164 -36.17 0.49 -12.10
N ASP A 165 -37.35 0.65 -11.52
CA ASP A 165 -37.85 -0.36 -10.58
C ASP A 165 -38.27 -1.63 -11.31
N PHE A 166 -38.78 -1.50 -12.53
CA PHE A 166 -39.17 -2.67 -13.31
C PHE A 166 -37.95 -3.41 -13.84
N ILE A 167 -36.95 -2.67 -14.34
CA ILE A 167 -35.75 -3.32 -14.85
C ILE A 167 -34.97 -3.99 -13.73
N ALA A 168 -35.14 -3.52 -12.49
CA ALA A 168 -34.46 -4.12 -11.33
C ALA A 168 -35.23 -5.28 -10.74
N ALA A 169 -36.47 -5.52 -11.18
CA ALA A 169 -37.27 -6.63 -10.68
C ALA A 169 -37.40 -7.77 -11.68
N LEU A 170 -36.77 -7.66 -12.84
CA LEU A 170 -36.85 -8.72 -13.82
C LEU A 170 -36.11 -9.97 -13.32
N PRO A 171 -36.67 -11.16 -13.54
CA PRO A 171 -35.98 -12.40 -13.14
C PRO A 171 -34.95 -12.83 -14.18
N LEU A 172 -34.12 -11.88 -14.60
CA LEU A 172 -33.15 -12.13 -15.67
C LEU A 172 -32.17 -13.26 -15.35
N PRO A 173 -31.57 -13.35 -14.16
CA PRO A 173 -30.67 -14.48 -13.90
C PRO A 173 -31.33 -15.84 -14.07
N GLN A 174 -32.44 -16.10 -13.38
CA GLN A 174 -33.07 -17.42 -13.48
C GLN A 174 -33.60 -17.67 -14.88
N VAL A 175 -34.01 -16.62 -15.58
CA VAL A 175 -34.44 -16.76 -16.98
C VAL A 175 -33.28 -17.26 -17.84
N LEU A 176 -32.09 -16.66 -17.65
CA LEU A 176 -30.93 -17.13 -18.38
C LEU A 176 -30.59 -18.57 -18.02
N ILE A 177 -30.65 -18.90 -16.73
CA ILE A 177 -30.27 -20.24 -16.31
C ILE A 177 -31.23 -21.30 -16.84
N TRP A 178 -32.52 -20.99 -16.93
CA TRP A 178 -33.53 -22.00 -17.25
C TRP A 178 -33.96 -21.98 -18.71
N ILE A 179 -34.43 -20.84 -19.21
CA ILE A 179 -35.11 -20.80 -20.50
C ILE A 179 -34.32 -20.01 -21.54
N VAL A 180 -33.02 -19.83 -21.35
CA VAL A 180 -32.21 -19.11 -22.34
C VAL A 180 -31.06 -20.00 -22.81
N ILE A 181 -30.18 -20.38 -21.89
CA ILE A 181 -28.99 -21.15 -22.24
C ILE A 181 -29.35 -22.61 -22.55
N PRO A 182 -30.02 -23.36 -21.66
CA PRO A 182 -30.31 -24.76 -21.97
C PRO A 182 -31.62 -24.93 -22.72
N ASN A 183 -32.00 -26.20 -22.96
CA ASN A 183 -33.28 -26.56 -23.57
C ASN A 183 -33.37 -26.05 -25.00
N LEU A 184 -34.46 -25.33 -25.32
CA LEU A 184 -34.66 -24.88 -26.69
C LEU A 184 -33.59 -23.88 -27.12
N GLY A 185 -33.17 -22.99 -26.22
CA GLY A 185 -32.20 -21.98 -26.57
C GLY A 185 -30.76 -22.47 -26.53
N GLY A 186 -30.51 -23.67 -27.07
CA GLY A 186 -29.16 -24.20 -27.11
C GLY A 186 -28.20 -23.31 -27.86
N SER A 187 -27.29 -22.66 -27.13
CA SER A 187 -26.35 -21.70 -27.72
C SER A 187 -25.07 -22.38 -28.20
N THR A 188 -25.23 -23.37 -29.08
CA THR A 188 -24.06 -24.03 -29.65
C THR A 188 -23.26 -23.06 -30.52
N ILE A 189 -23.96 -22.24 -31.31
CA ILE A 189 -23.28 -21.27 -32.16
C ILE A 189 -22.58 -20.21 -31.32
N ALA A 190 -23.25 -19.71 -30.28
CA ALA A 190 -22.65 -18.68 -29.44
C ALA A 190 -21.45 -19.22 -28.67
N ASN A 191 -21.60 -20.39 -28.06
CA ASN A 191 -20.53 -21.02 -27.28
C ASN A 191 -20.00 -20.09 -26.20
N THR A 192 -20.91 -19.38 -25.54
CA THR A 192 -20.59 -18.45 -24.47
C THR A 192 -21.45 -18.74 -23.25
N LYS A 193 -21.52 -20.01 -22.87
CA LYS A 193 -22.37 -20.41 -21.75
C LYS A 193 -21.92 -19.78 -20.45
N ASN A 194 -20.61 -19.74 -20.20
CA ASN A 194 -20.08 -19.18 -18.97
C ASN A 194 -19.77 -17.69 -19.07
N VAL A 195 -20.07 -17.06 -20.21
CA VAL A 195 -19.84 -15.63 -20.40
C VAL A 195 -21.12 -14.83 -20.17
N LEU A 196 -22.26 -15.38 -20.58
CA LEU A 196 -23.53 -14.65 -20.48
C LEU A 196 -23.89 -14.29 -19.05
N ARG A 197 -23.41 -15.04 -18.06
CA ARG A 197 -23.75 -14.75 -16.67
C ARG A 197 -23.42 -13.31 -16.30
N PHE A 198 -22.38 -12.74 -16.92
CA PHE A 198 -21.96 -11.39 -16.58
C PHE A 198 -23.01 -10.34 -16.92
N ILE A 199 -23.98 -10.66 -17.78
CA ILE A 199 -25.04 -9.70 -18.05
C ILE A 199 -25.96 -9.53 -16.84
N ILE A 200 -25.82 -10.38 -15.83
CA ILE A 200 -26.44 -10.11 -14.54
C ILE A 200 -25.97 -8.77 -14.00
N ILE A 201 -24.68 -8.47 -14.18
CA ILE A 201 -24.14 -7.16 -13.83
C ILE A 201 -24.91 -6.06 -14.53
N ILE A 202 -25.36 -6.31 -15.76
CA ILE A 202 -26.12 -5.32 -16.51
C ILE A 202 -27.36 -4.90 -15.72
N GLN A 203 -28.02 -5.86 -15.06
CA GLN A 203 -29.12 -5.55 -14.18
C GLN A 203 -28.67 -5.27 -12.75
N TYR A 204 -27.49 -5.75 -12.36
CA TYR A 204 -27.03 -5.57 -10.98
C TYR A 204 -26.77 -4.11 -10.67
N LEU A 205 -26.18 -3.37 -11.62
CA LEU A 205 -25.85 -1.97 -11.37
C LEU A 205 -27.09 -1.11 -11.09
N PRO A 206 -28.18 -1.18 -11.88
CA PRO A 206 -29.39 -0.44 -11.47
C PRO A 206 -29.91 -0.86 -10.12
N ARG A 207 -29.89 -2.16 -9.81
CA ARG A 207 -30.32 -2.62 -8.50
C ARG A 207 -29.38 -2.12 -7.41
N LEU A 208 -28.10 -1.96 -7.73
CA LEU A 208 -27.17 -1.34 -6.78
C LEU A 208 -27.54 0.12 -6.52
N PHE A 209 -28.19 0.77 -7.48
CA PHE A 209 -28.59 2.16 -7.28
C PHE A 209 -29.67 2.27 -6.22
N LEU A 210 -30.67 1.38 -6.26
CA LEU A 210 -31.83 1.49 -5.39
C LEU A 210 -31.48 1.47 -3.91
N ILE A 211 -30.31 0.94 -3.55
CA ILE A 211 -29.89 0.94 -2.15
C ILE A 211 -29.69 2.36 -1.66
N PHE A 212 -29.04 3.21 -2.45
CA PHE A 212 -28.60 4.50 -1.94
C PHE A 212 -29.75 5.40 -1.51
N PRO A 213 -30.83 5.61 -2.30
CA PRO A 213 -31.96 6.39 -1.78
C PRO A 213 -32.70 5.68 -0.66
N LEU A 214 -33.05 4.42 -0.89
CA LEU A 214 -33.92 3.70 0.05
C LEU A 214 -33.29 3.62 1.43
N SER A 215 -32.00 3.28 1.51
CA SER A 215 -31.32 3.25 2.79
C SER A 215 -31.36 4.61 3.47
N SER A 216 -31.20 5.68 2.69
CA SER A 216 -31.32 7.03 3.25
C SER A 216 -32.68 7.23 3.90
N GLN A 217 -33.74 6.68 3.29
CA GLN A 217 -35.06 6.75 3.91
C GLN A 217 -35.06 6.09 5.28
N ILE A 218 -34.38 4.94 5.40
CA ILE A 218 -34.25 4.30 6.71
C ILE A 218 -33.54 5.24 7.68
N VAL A 219 -32.54 5.98 7.19
CA VAL A 219 -31.87 6.98 8.02
C VAL A 219 -32.89 8.02 8.48
N LYS A 220 -33.80 8.41 7.60
CA LYS A 220 -34.87 9.33 8.01
C LYS A 220 -35.86 8.65 8.93
N ALA A 221 -35.99 7.33 8.84
CA ALA A 221 -36.93 6.62 9.70
C ALA A 221 -36.41 6.51 11.13
N THR A 222 -35.12 6.24 11.28
CA THR A 222 -34.51 6.10 12.60
C THR A 222 -34.45 7.43 13.33
N THR A 228 -25.61 8.54 12.45
CA THR A 228 -25.00 8.73 13.76
C THR A 228 -23.47 8.64 13.67
N ALA A 229 -22.81 8.67 14.82
CA ALA A 229 -21.36 8.58 14.87
C ALA A 229 -20.84 7.23 14.38
N TRP A 230 -21.53 6.14 14.70
CA TRP A 230 -21.14 4.80 14.29
C TRP A 230 -21.71 4.42 12.93
N ALA A 231 -22.54 5.27 12.34
CA ALA A 231 -23.18 4.97 11.06
C ALA A 231 -22.34 5.40 9.87
N GLY A 232 -21.14 5.94 10.10
CA GLY A 232 -20.26 6.31 9.00
C GLY A 232 -19.24 5.23 8.68
N ALA A 233 -18.62 4.69 9.73
CA ALA A 233 -17.64 3.62 9.52
C ALA A 233 -18.32 2.32 9.14
N ALA A 234 -19.40 1.95 9.84
CA ALA A 234 -20.07 0.69 9.57
C ALA A 234 -20.68 0.65 8.17
N TYR A 235 -21.35 1.74 7.77
CA TYR A 235 -21.95 1.77 6.44
C TYR A 235 -20.89 1.70 5.35
N ASN A 236 -19.79 2.42 5.53
CA ASN A 236 -18.70 2.36 4.56
C ASN A 236 -18.09 0.97 4.50
N LEU A 237 -17.91 0.30 5.65
CA LEU A 237 -17.38 -1.05 5.62
C LEU A 237 -18.34 -2.04 5.00
N ILE A 238 -19.64 -1.84 5.17
CA ILE A 238 -20.63 -2.70 4.51
C ILE A 238 -20.54 -2.54 2.99
N LEU A 239 -20.48 -1.29 2.53
CA LEU A 239 -20.30 -1.06 1.09
C LEU A 239 -18.99 -1.67 0.60
N TYR A 240 -17.94 -1.56 1.42
CA TYR A 240 -16.62 -2.04 1.03
C TYR A 240 -16.63 -3.56 0.90
N MET A 241 -17.27 -4.25 1.84
CA MET A 241 -17.39 -5.70 1.77
C MET A 241 -18.27 -6.13 0.61
N LEU A 242 -19.33 -5.37 0.31
CA LEU A 242 -20.15 -5.68 -0.86
C LEU A 242 -19.33 -5.56 -2.15
N ALA A 243 -18.53 -4.50 -2.26
CA ALA A 243 -17.67 -4.34 -3.42
C ALA A 243 -16.65 -5.48 -3.51
N SER A 244 -16.08 -5.87 -2.37
CA SER A 244 -15.14 -6.99 -2.37
C SER A 244 -15.80 -8.27 -2.84
N HIS A 245 -17.02 -8.54 -2.37
CA HIS A 245 -17.74 -9.75 -2.76
C HIS A 245 -18.04 -9.76 -4.26
N VAL A 246 -18.53 -8.62 -4.78
CA VAL A 246 -18.85 -8.54 -6.20
C VAL A 246 -17.59 -8.70 -7.04
N LEU A 247 -16.50 -8.02 -6.66
CA LEU A 247 -15.27 -8.13 -7.41
C LEU A 247 -14.68 -9.53 -7.34
N GLY A 248 -14.81 -10.22 -6.20
CA GLY A 248 -14.34 -11.59 -6.12
C GLY A 248 -15.13 -12.53 -7.01
N ALA A 249 -16.46 -12.38 -7.04
CA ALA A 249 -17.27 -13.20 -7.93
C ALA A 249 -16.91 -12.93 -9.39
N CYS A 250 -16.75 -11.66 -9.75
CA CYS A 250 -16.37 -11.31 -11.12
C CYS A 250 -15.01 -11.88 -11.47
N TRP A 251 -14.06 -11.82 -10.53
CA TRP A 251 -12.73 -12.39 -10.77
C TRP A 251 -12.80 -13.90 -10.94
N TYR A 252 -13.62 -14.59 -10.15
CA TYR A 252 -13.75 -16.04 -10.31
C TYR A 252 -14.29 -16.38 -11.69
N LEU A 253 -15.36 -15.70 -12.11
CA LEU A 253 -15.92 -16.01 -13.42
C LEU A 253 -14.97 -15.64 -14.55
N LEU A 254 -14.22 -14.53 -14.39
CA LEU A 254 -13.25 -14.14 -15.41
C LEU A 254 -12.08 -15.12 -15.45
N SER A 255 -11.69 -15.69 -14.31
CA SER A 255 -10.66 -16.72 -14.31
C SER A 255 -11.14 -17.99 -14.98
N ILE A 256 -12.41 -18.35 -14.75
CA ILE A 256 -13.00 -19.46 -15.49
C ILE A 256 -12.95 -19.20 -16.99
N GLU A 257 -13.29 -17.97 -17.39
CA GLU A 257 -13.25 -17.60 -18.81
C GLU A 257 -11.83 -17.68 -19.36
N ARG A 258 -10.85 -17.23 -18.58
CA ARG A 258 -9.45 -17.27 -19.01
C ARG A 258 -8.98 -18.70 -19.20
N GLN A 259 -9.32 -19.58 -18.26
CA GLN A 259 -8.93 -20.99 -18.38
C GLN A 259 -9.63 -21.65 -19.56
N GLU A 260 -10.89 -21.29 -19.81
CA GLU A 260 -11.59 -21.80 -20.98
C GLU A 260 -10.94 -21.31 -22.27
N ALA A 261 -10.49 -20.06 -22.29
CA ALA A 261 -9.79 -19.53 -23.46
C ALA A 261 -8.47 -20.25 -23.67
N CYS A 262 -7.76 -20.56 -22.59
CA CYS A 262 -6.53 -21.35 -22.72
C CYS A 262 -6.83 -22.73 -23.29
N TRP A 263 -7.91 -23.36 -22.84
CA TRP A 263 -8.31 -24.66 -23.37
C TRP A 263 -8.64 -24.56 -24.86
N LYS A 264 -9.33 -23.48 -25.25
CA LYS A 264 -9.65 -23.27 -26.66
C LYS A 264 -8.38 -23.10 -27.48
N SER A 265 -7.40 -22.36 -26.95
CA SER A 265 -6.13 -22.20 -27.66
C SER A 265 -5.40 -23.52 -27.80
N VAL A 266 -5.43 -24.34 -26.74
CA VAL A 266 -4.80 -25.66 -26.81
C VAL A 266 -5.48 -26.52 -27.87
N CYS A 267 -6.82 -26.49 -27.90
CA CYS A 267 -7.55 -27.24 -28.91
C CYS A 267 -7.22 -26.75 -30.32
N LYS A 268 -7.06 -25.44 -30.48
CA LYS A 268 -6.62 -24.92 -31.77
C LYS A 268 -5.23 -25.42 -32.12
N LEU A 269 -4.37 -25.58 -31.12
CA LEU A 269 -3.07 -26.18 -31.36
C LEU A 269 -3.18 -27.67 -31.70
N GLU A 270 -4.29 -28.30 -31.30
CA GLU A 270 -4.52 -29.72 -31.52
C GLU A 270 -5.77 -29.97 -32.35
N GLU A 271 -5.94 -29.20 -33.43
CA GLU A 271 -7.14 -29.33 -34.26
C GLU A 271 -7.26 -30.69 -34.94
N SER A 272 -6.17 -31.47 -34.97
CA SER A 272 -6.22 -32.78 -35.63
C SER A 272 -7.19 -33.71 -34.92
N SER A 273 -7.21 -33.70 -33.59
CA SER A 273 -8.03 -34.63 -32.82
C SER A 273 -8.90 -33.95 -31.78
N CYS A 274 -9.06 -32.62 -31.86
CA CYS A 274 -9.85 -31.89 -30.87
C CYS A 274 -10.79 -30.90 -31.58
N GLN A 275 -11.97 -30.74 -30.99
CA GLN A 275 -12.90 -29.67 -31.35
C GLN A 275 -13.37 -29.00 -30.08
N PHE A 276 -14.17 -27.94 -30.24
CA PHE A 276 -14.60 -27.17 -29.08
C PHE A 276 -15.78 -27.83 -28.38
N ASP A 277 -15.64 -29.12 -28.07
CA ASP A 277 -16.63 -29.84 -27.29
C ASP A 277 -16.02 -30.76 -26.25
N PHE A 278 -14.70 -30.99 -26.29
CA PHE A 278 -14.07 -31.91 -25.34
C PHE A 278 -13.97 -31.32 -23.94
N PHE A 279 -14.22 -30.01 -23.79
CA PHE A 279 -14.10 -29.33 -22.51
C PHE A 279 -15.46 -29.16 -21.83
N ASP A 280 -16.42 -30.01 -22.15
CA ASP A 280 -17.72 -30.04 -21.51
C ASP A 280 -17.85 -31.33 -20.71
N CYS A 281 -18.24 -31.21 -19.44
CA CYS A 281 -18.27 -32.37 -18.55
C CYS A 281 -19.38 -33.36 -18.88
N ASN A 282 -20.30 -33.01 -19.78
CA ASN A 282 -21.31 -33.97 -20.20
C ASN A 282 -20.76 -34.98 -21.20
N MET A 283 -19.57 -34.73 -21.74
CA MET A 283 -18.94 -35.60 -22.74
C MET A 283 -17.65 -36.21 -22.21
N VAL A 284 -17.40 -36.13 -20.89
CA VAL A 284 -16.14 -36.59 -20.32
C VAL A 284 -15.98 -38.10 -20.48
N LYS A 285 -17.06 -38.87 -20.41
CA LYS A 285 -16.99 -40.33 -20.48
C LYS A 285 -16.98 -40.85 -21.90
N ASP A 286 -16.98 -39.97 -22.90
CA ASP A 286 -16.94 -40.41 -24.29
C ASP A 286 -15.61 -41.09 -24.59
N SER A 287 -15.65 -42.10 -25.47
CA SER A 287 -14.44 -42.80 -25.86
C SER A 287 -13.47 -41.87 -26.58
N LEU A 288 -14.00 -41.02 -27.48
CA LEU A 288 -13.15 -40.04 -28.14
C LEU A 288 -12.55 -39.07 -27.14
N ARG A 289 -13.34 -38.69 -26.13
CA ARG A 289 -12.84 -37.78 -25.09
C ARG A 289 -11.65 -38.37 -24.36
N VAL A 290 -11.76 -39.61 -23.88
CA VAL A 290 -10.66 -40.21 -23.13
C VAL A 290 -9.47 -40.48 -24.04
N SER A 291 -9.72 -40.87 -25.30
CA SER A 291 -8.62 -41.11 -26.22
C SER A 291 -7.84 -39.84 -26.51
N TRP A 292 -8.55 -38.71 -26.65
CA TRP A 292 -7.86 -37.44 -26.81
C TRP A 292 -7.12 -37.04 -25.53
N PHE A 293 -7.76 -37.26 -24.38
CA PHE A 293 -7.18 -36.81 -23.11
C PHE A 293 -5.89 -37.56 -22.79
N VAL A 294 -5.85 -38.87 -23.03
CA VAL A 294 -4.65 -39.63 -22.71
C VAL A 294 -3.47 -39.23 -23.60
N THR A 295 -3.73 -38.57 -24.72
CA THR A 295 -2.67 -38.15 -25.64
C THR A 295 -2.57 -36.65 -25.79
N SER A 296 -3.22 -35.88 -24.91
CA SER A 296 -3.17 -34.42 -24.95
C SER A 296 -2.51 -33.89 -23.70
N ASN A 297 -1.70 -32.84 -23.88
CA ASN A 297 -0.97 -32.20 -22.79
C ASN A 297 -1.61 -30.89 -22.35
N VAL A 298 -2.95 -30.81 -22.39
CA VAL A 298 -3.64 -29.59 -21.99
C VAL A 298 -3.43 -29.31 -20.51
N THR A 299 -3.15 -30.35 -19.71
CA THR A 299 -2.93 -30.16 -18.28
C THR A 299 -1.68 -29.34 -17.99
N ASN A 300 -0.63 -29.47 -18.80
CA ASN A 300 0.62 -28.76 -18.58
C ASN A 300 0.66 -27.40 -19.26
N LEU A 301 0.15 -27.31 -20.49
CA LEU A 301 0.16 -26.04 -21.21
C LEU A 301 -0.71 -24.99 -20.52
N CYS A 302 -1.88 -25.37 -20.03
CA CYS A 302 -2.79 -24.43 -19.38
C CYS A 302 -2.50 -24.31 -17.88
N SER A 303 -1.29 -23.86 -17.56
CA SER A 303 -0.89 -23.57 -16.20
C SER A 303 -0.11 -22.26 -16.18
N PRO A 304 -0.20 -21.49 -15.10
CA PRO A 304 0.61 -20.27 -15.01
C PRO A 304 2.11 -20.53 -15.08
N ASN A 305 2.57 -21.69 -14.61
CA ASN A 305 3.99 -22.00 -14.66
C ASN A 305 4.48 -22.08 -16.10
N SER A 306 3.72 -22.75 -16.96
CA SER A 306 4.08 -22.84 -18.37
C SER A 306 3.80 -21.52 -19.07
N LEU A 307 4.78 -21.02 -19.82
CA LEU A 307 4.64 -19.75 -20.54
C LEU A 307 4.00 -19.96 -21.91
N PHE A 308 2.83 -20.60 -21.93
CA PHE A 308 2.09 -20.83 -23.15
C PHE A 308 0.96 -19.84 -23.34
N TYR A 309 0.16 -19.60 -22.30
CA TYR A 309 -0.95 -18.67 -22.36
C TYR A 309 -0.81 -17.64 -21.25
N GLN A 310 -1.03 -16.37 -21.59
CA GLN A 310 -0.90 -15.27 -20.64
C GLN A 310 -2.10 -15.29 -19.70
N PHE A 311 -1.94 -15.95 -18.56
CA PHE A 311 -3.03 -16.01 -17.59
C PHE A 311 -3.21 -14.69 -16.85
N GLY A 312 -2.11 -14.02 -16.54
CA GLY A 312 -2.21 -12.73 -15.87
C GLY A 312 -2.71 -12.87 -14.45
N ILE A 313 -3.52 -11.90 -14.02
CA ILE A 313 -4.04 -11.88 -12.65
C ILE A 313 -4.93 -13.07 -12.36
N TYR A 314 -5.38 -13.79 -13.38
CA TYR A 314 -6.20 -14.98 -13.21
C TYR A 314 -5.37 -16.23 -12.95
N GLY A 315 -4.05 -16.15 -13.14
CA GLY A 315 -3.19 -17.29 -12.86
C GLY A 315 -3.22 -17.74 -11.41
N ASP A 316 -3.36 -16.81 -10.48
CA ASP A 316 -3.52 -17.17 -9.07
C ASP A 316 -4.73 -18.07 -8.85
N ALA A 317 -5.74 -17.99 -9.73
CA ALA A 317 -6.89 -18.87 -9.62
C ALA A 317 -6.56 -20.29 -10.06
N VAL A 318 -5.61 -20.46 -10.97
CA VAL A 318 -5.24 -21.79 -11.44
C VAL A 318 -4.18 -22.41 -10.55
N THR A 319 -3.21 -21.60 -10.09
CA THR A 319 -2.19 -22.11 -9.20
C THR A 319 -2.78 -22.59 -7.89
N SER A 320 -3.72 -21.82 -7.32
CA SER A 320 -4.35 -22.19 -6.06
C SER A 320 -5.47 -23.21 -6.24
N LYS A 321 -5.82 -23.55 -7.48
CA LYS A 321 -6.89 -24.51 -7.78
C LYS A 321 -8.22 -24.09 -7.15
N VAL A 322 -8.47 -22.78 -7.09
CA VAL A 322 -9.72 -22.30 -6.51
C VAL A 322 -10.90 -22.67 -7.39
N THR A 323 -10.68 -22.78 -8.71
CA THR A 323 -11.78 -23.10 -9.62
C THR A 323 -12.29 -24.52 -9.40
N THR A 324 -11.49 -25.39 -8.79
CA THR A 324 -11.87 -26.76 -8.51
C THR A 324 -12.41 -26.96 -7.10
N SER A 325 -12.11 -26.04 -6.18
CA SER A 325 -12.47 -26.21 -4.78
C SER A 325 -13.98 -26.16 -4.60
N ALA A 326 -14.41 -26.49 -3.37
CA ALA A 326 -15.82 -26.46 -3.03
C ALA A 326 -16.34 -25.02 -3.02
N PHE A 327 -17.66 -24.89 -2.85
CA PHE A 327 -18.29 -23.58 -2.95
C PHE A 327 -17.79 -22.64 -1.85
N PHE A 328 -17.71 -23.12 -0.61
CA PHE A 328 -17.30 -22.25 0.48
C PHE A 328 -15.84 -21.83 0.32
N ASN A 329 -14.97 -22.78 -0.03
CA ASN A 329 -13.56 -22.46 -0.22
C ASN A 329 -13.38 -21.43 -1.33
N LYS A 330 -14.01 -21.67 -2.49
CA LYS A 330 -13.86 -20.74 -3.61
C LYS A 330 -14.47 -19.38 -3.29
N TYR A 331 -15.62 -19.36 -2.63
CA TYR A 331 -16.26 -18.09 -2.31
C TYR A 331 -15.39 -17.27 -1.37
N PHE A 332 -14.86 -17.90 -0.31
CA PHE A 332 -14.04 -17.15 0.63
C PHE A 332 -12.71 -16.73 0.00
N PHE A 333 -12.12 -17.60 -0.81
CA PHE A 333 -10.88 -17.22 -1.49
C PHE A 333 -11.09 -16.03 -2.41
N CYS A 334 -12.18 -16.03 -3.18
CA CYS A 334 -12.43 -14.92 -4.10
C CYS A 334 -12.82 -13.65 -3.34
N LEU A 335 -13.55 -13.79 -2.23
CA LEU A 335 -13.87 -12.63 -1.41
C LEU A 335 -12.61 -12.00 -0.84
N TRP A 336 -11.68 -12.83 -0.35
CA TRP A 336 -10.42 -12.30 0.15
C TRP A 336 -9.59 -11.70 -0.97
N TRP A 337 -9.62 -12.31 -2.17
CA TRP A 337 -8.92 -11.73 -3.30
C TRP A 337 -9.44 -10.34 -3.60
N GLY A 338 -10.76 -10.18 -3.67
CA GLY A 338 -11.35 -8.88 -3.94
C GLY A 338 -11.03 -7.87 -2.85
N LEU A 339 -11.14 -8.29 -1.58
CA LEU A 339 -10.87 -7.39 -0.48
C LEU A 339 -9.41 -6.94 -0.46
N ARG A 340 -8.49 -7.87 -0.73
CA ARG A 340 -7.06 -7.54 -0.73
C ARG A 340 -6.69 -6.65 -1.89
N ASN A 341 -7.18 -6.95 -3.09
CA ASN A 341 -6.87 -6.13 -4.25
C ASN A 341 -7.64 -4.82 -4.25
N LEU A 342 -8.64 -4.68 -3.39
CA LEU A 342 -9.34 -3.41 -3.20
C LEU A 342 -8.65 -2.56 -2.14
N SER A 343 -8.11 -3.19 -1.10
CA SER A 343 -7.34 -2.46 -0.10
C SER A 343 -5.97 -2.06 -0.64
N SER A 344 -5.35 -2.94 -1.42
CA SER A 344 -4.04 -2.66 -2.01
C SER A 344 -4.12 -1.72 -3.20
N LEU A 345 -5.30 -1.15 -3.48
CA LEU A 345 -5.49 -0.19 -4.56
C LEU A 345 -5.14 -0.78 -5.91
N GLY A 346 -5.33 -2.09 -6.05
CA GLY A 346 -5.01 -2.78 -7.28
C GLY A 346 -3.56 -3.17 -7.45
N GLN A 347 -2.70 -2.87 -6.48
CA GLN A 347 -1.30 -3.29 -6.57
C GLN A 347 -1.20 -4.80 -6.45
N GLY A 348 -0.23 -5.37 -7.15
CA GLY A 348 -0.11 -6.81 -7.26
C GLY A 348 -0.94 -7.41 -8.37
N LEU A 349 -1.74 -6.60 -9.06
CA LEU A 349 -2.49 -7.05 -10.22
C LEU A 349 -1.62 -6.88 -11.47
N LEU A 350 -0.57 -7.69 -11.52
CA LEU A 350 0.30 -7.69 -12.69
C LEU A 350 -0.41 -8.37 -13.85
N THR A 351 -1.10 -7.57 -14.67
CA THR A 351 -1.96 -8.10 -15.70
C THR A 351 -1.15 -8.55 -16.91
N SER A 352 -1.85 -9.05 -17.92
CA SER A 352 -1.28 -9.42 -19.19
C SER A 352 -1.57 -8.31 -20.21
N THR A 353 -1.29 -8.59 -21.49
CA THR A 353 -1.54 -7.64 -22.55
C THR A 353 -2.97 -7.67 -23.07
N PHE A 354 -3.91 -8.17 -22.25
CA PHE A 354 -5.31 -8.29 -22.66
C PHE A 354 -6.09 -7.10 -22.13
N VAL A 355 -6.88 -6.48 -23.01
CA VAL A 355 -7.54 -5.22 -22.69
C VAL A 355 -8.58 -5.41 -21.60
N GLY A 356 -9.35 -6.50 -21.66
CA GLY A 356 -10.41 -6.71 -20.68
C GLY A 356 -9.88 -6.88 -19.27
N GLU A 357 -8.82 -7.68 -19.12
CA GLU A 357 -8.21 -7.89 -17.81
C GLU A 357 -7.64 -6.58 -17.27
N ILE A 358 -7.01 -5.78 -18.14
CA ILE A 358 -6.47 -4.49 -17.73
C ILE A 358 -7.58 -3.56 -17.28
N MET A 359 -8.69 -3.54 -18.01
CA MET A 359 -9.82 -2.71 -17.62
C MET A 359 -10.40 -3.15 -16.29
N PHE A 360 -10.47 -4.47 -16.05
CA PHE A 360 -10.93 -4.97 -14.77
C PHE A 360 -10.01 -4.51 -13.64
N ALA A 361 -8.69 -4.58 -13.87
CA ALA A 361 -7.74 -4.13 -12.85
C ALA A 361 -7.87 -2.63 -12.60
N ILE A 362 -8.07 -1.85 -13.65
CA ILE A 362 -8.24 -0.41 -13.49
C ILE A 362 -9.51 -0.10 -12.71
N VAL A 363 -10.59 -0.82 -12.99
CA VAL A 363 -11.83 -0.63 -12.26
C VAL A 363 -11.63 -0.97 -10.78
N ILE A 364 -10.91 -2.06 -10.51
CA ILE A 364 -10.62 -2.43 -9.12
C ILE A 364 -9.81 -1.34 -8.42
N ALA A 365 -8.81 -0.80 -9.10
CA ALA A 365 -7.97 0.24 -8.50
C ALA A 365 -8.76 1.50 -8.22
N THR A 366 -9.60 1.93 -9.16
CA THR A 366 -10.42 3.13 -8.95
C THR A 366 -11.41 2.92 -7.82
N LEU A 367 -12.04 1.74 -7.77
CA LEU A 367 -12.97 1.45 -6.68
C LEU A 367 -12.26 1.46 -5.34
N GLY A 368 -11.05 0.89 -5.28
CA GLY A 368 -10.29 0.92 -4.05
C GLY A 368 -9.93 2.33 -3.64
N LEU A 369 -9.53 3.17 -4.60
CA LEU A 369 -9.21 4.56 -4.31
C LEU A 369 -10.41 5.28 -3.71
N VAL A 370 -11.56 5.21 -4.39
CA VAL A 370 -12.72 5.97 -3.92
C VAL A 370 -13.23 5.42 -2.60
N LEU A 371 -13.20 4.09 -2.42
CA LEU A 371 -13.68 3.50 -1.18
C LEU A 371 -12.76 3.84 -0.01
N PHE A 372 -11.44 3.82 -0.22
CA PHE A 372 -10.52 4.21 0.83
C PHE A 372 -10.68 5.68 1.19
N ALA A 373 -10.87 6.54 0.19
CA ALA A 373 -11.08 7.95 0.48
C ALA A 373 -12.37 8.17 1.27
N LEU A 374 -13.44 7.49 0.88
CA LEU A 374 -14.70 7.62 1.61
C LEU A 374 -14.57 7.10 3.04
N LEU A 375 -13.85 6.00 3.22
CA LEU A 375 -13.66 5.43 4.55
C LEU A 375 -12.84 6.37 5.43
N ILE A 376 -11.79 6.98 4.87
CA ILE A 376 -10.99 7.94 5.64
C ILE A 376 -11.87 9.13 6.05
N GLY A 377 -12.66 9.64 5.10
CA GLY A 377 -13.54 10.76 5.43
C GLY A 377 -14.56 10.42 6.49
N ASN A 378 -15.16 9.22 6.41
CA ASN A 378 -16.13 8.82 7.41
C ASN A 378 -15.50 8.66 8.79
N MET A 379 -14.29 8.10 8.84
CA MET A 379 -13.62 7.97 10.14
C MET A 379 -13.24 9.33 10.70
N GLN A 380 -12.82 10.27 9.83
CA GLN A 380 -12.54 11.62 10.31
C GLN A 380 -13.81 12.27 10.86
N THR A 381 -14.94 12.08 10.19
CA THR A 381 -16.20 12.60 10.70
C THR A 381 -16.55 11.98 12.04
N TYR A 382 -16.33 10.67 12.18
CA TYR A 382 -16.59 10.01 13.46
C TYR A 382 -15.70 10.56 14.57
N LEU A 383 -14.42 10.77 14.28
CA LEU A 383 -13.51 11.29 15.29
C LEU A 383 -13.86 12.71 15.70
N GLN A 384 -14.12 13.58 14.72
CA GLN A 384 -14.45 14.96 15.03
C GLN A 384 -15.87 15.13 15.58
N SER A 385 -16.71 14.11 15.46
CA SER A 385 -18.07 14.18 15.98
C SER A 385 -18.50 12.84 16.56
N ARG B 58 -12.31 44.59 -33.02
CA ARG B 58 -13.22 43.53 -32.56
C ARG B 58 -12.76 42.98 -31.22
N ILE B 59 -12.50 43.87 -30.27
CA ILE B 59 -12.06 43.44 -28.94
C ILE B 59 -13.23 42.81 -28.20
N PHE B 60 -13.01 41.62 -27.67
CA PHE B 60 -14.06 40.87 -26.97
C PHE B 60 -14.10 41.25 -25.50
N ASP B 61 -15.27 41.14 -24.91
CA ASP B 61 -15.46 41.47 -23.50
C ASP B 61 -14.92 40.35 -22.63
N PRO B 62 -13.96 40.61 -21.74
CA PRO B 62 -13.39 39.52 -20.93
C PRO B 62 -14.40 38.84 -20.03
N ARG B 63 -15.46 39.53 -19.62
CA ARG B 63 -16.52 38.96 -18.80
C ARG B 63 -17.70 38.50 -19.65
N GLY B 64 -17.58 38.66 -20.97
CA GLY B 64 -18.66 38.37 -21.89
C GLY B 64 -18.88 36.89 -22.12
N GLN B 65 -19.64 36.58 -23.17
CA GLN B 65 -20.04 35.21 -23.48
C GLN B 65 -19.19 34.55 -24.55
N THR B 66 -18.69 35.31 -25.52
CA THR B 66 -17.85 34.72 -26.56
C THR B 66 -16.57 34.14 -25.96
N ILE B 67 -15.92 34.89 -25.06
CA ILE B 67 -14.71 34.38 -24.42
C ILE B 67 -15.04 33.22 -23.50
N HIS B 68 -16.22 33.25 -22.88
CA HIS B 68 -16.63 32.12 -22.04
C HIS B 68 -16.72 30.83 -22.85
N GLN B 69 -17.40 30.89 -24.00
CA GLN B 69 -17.51 29.71 -24.86
C GLN B 69 -16.14 29.31 -25.41
N TRP B 70 -15.30 30.29 -25.75
CA TRP B 70 -13.97 29.97 -26.25
C TRP B 70 -13.13 29.27 -25.18
N ASN B 71 -13.24 29.71 -23.93
CA ASN B 71 -12.52 29.03 -22.85
C ASN B 71 -13.09 27.64 -22.61
N LYS B 72 -14.40 27.48 -22.73
CA LYS B 72 -15.00 26.15 -22.58
C LYS B 72 -14.46 25.19 -23.64
N ILE B 73 -14.35 25.64 -24.89
CA ILE B 73 -13.83 24.75 -25.92
C ILE B 73 -12.31 24.61 -25.81
N PHE B 74 -11.63 25.62 -25.29
CA PHE B 74 -10.18 25.55 -25.14
C PHE B 74 -9.78 24.60 -24.02
N LEU B 75 -10.62 24.46 -22.99
CA LEU B 75 -10.35 23.44 -21.97
C LEU B 75 -10.40 22.05 -22.58
N VAL B 76 -11.39 21.79 -23.45
CA VAL B 76 -11.46 20.51 -24.14
C VAL B 76 -10.25 20.31 -25.05
N ALA B 77 -9.85 21.36 -25.77
CA ALA B 77 -8.70 21.26 -26.65
C ALA B 77 -7.43 20.97 -25.86
N CYS B 78 -7.25 21.65 -24.73
CA CYS B 78 -6.07 21.42 -23.89
C CYS B 78 -6.08 20.00 -23.31
N LEU B 79 -7.24 19.52 -22.87
CA LEU B 79 -7.31 18.15 -22.37
C LEU B 79 -6.98 17.14 -23.45
N ILE B 80 -7.48 17.35 -24.67
CA ILE B 80 -7.17 16.46 -25.78
C ILE B 80 -5.67 16.50 -26.08
N SER B 81 -5.07 17.69 -26.09
CA SER B 81 -3.65 17.81 -26.36
C SER B 81 -2.82 17.13 -25.28
N LEU B 82 -3.23 17.26 -24.02
CA LEU B 82 -2.53 16.58 -22.94
C LEU B 82 -2.70 15.06 -23.03
N PHE B 83 -3.82 14.60 -23.57
CA PHE B 83 -4.02 13.16 -23.77
C PHE B 83 -3.22 12.63 -24.95
N VAL B 84 -2.96 13.47 -25.95
CA VAL B 84 -2.35 12.99 -27.19
C VAL B 84 -0.83 13.00 -27.14
N ASP B 85 -0.22 14.00 -26.50
CA ASP B 85 1.24 14.09 -26.49
C ASP B 85 1.93 12.84 -25.94
N PRO B 86 1.51 12.26 -24.80
CA PRO B 86 2.16 11.02 -24.34
C PRO B 86 1.99 9.85 -25.29
N LEU B 87 0.97 9.85 -26.15
CA LEU B 87 0.76 8.73 -27.06
C LEU B 87 1.93 8.59 -28.03
N PHE B 88 2.66 9.68 -28.29
CA PHE B 88 3.84 9.61 -29.15
C PHE B 88 4.92 8.72 -28.56
N PHE B 89 4.85 8.42 -27.26
CA PHE B 89 5.82 7.52 -26.65
C PHE B 89 5.50 6.06 -26.95
N TYR B 90 4.29 5.76 -27.42
CA TYR B 90 3.91 4.41 -27.76
C TYR B 90 4.24 4.04 -29.20
N LEU B 91 4.75 4.98 -29.99
CA LEU B 91 5.04 4.70 -31.40
C LEU B 91 6.09 3.62 -31.60
N PRO B 92 7.25 3.64 -30.91
CA PRO B 92 8.23 2.58 -31.15
C PRO B 92 7.69 1.20 -30.80
N ILE B 93 8.01 0.23 -31.65
CA ILE B 93 7.55 -1.15 -31.52
C ILE B 93 8.76 -2.06 -31.63
N VAL B 94 8.94 -2.94 -30.66
CA VAL B 94 9.99 -3.95 -30.71
C VAL B 94 9.44 -5.17 -31.43
N GLN B 95 10.08 -5.53 -32.54
CA GLN B 95 9.63 -6.65 -33.36
C GLN B 95 10.36 -7.93 -32.96
N ASP B 96 9.83 -9.06 -33.43
CA ASP B 96 10.40 -10.36 -33.08
C ASP B 96 11.78 -10.56 -33.68
N GLU B 97 12.15 -9.76 -34.67
CA GLU B 97 13.48 -9.83 -35.28
C GLU B 97 14.53 -9.02 -34.52
N VAL B 98 14.21 -8.62 -33.29
CA VAL B 98 15.09 -7.80 -32.45
C VAL B 98 15.41 -6.50 -33.19
N CYS B 99 14.42 -5.63 -33.32
CA CYS B 99 14.61 -4.32 -33.91
C CYS B 99 13.46 -3.42 -33.46
N ILE B 100 13.66 -2.12 -33.61
CA ILE B 100 12.68 -1.11 -33.20
C ILE B 100 12.19 -0.38 -34.44
N ASP B 101 10.89 -0.45 -34.67
CA ASP B 101 10.24 0.20 -35.81
C ASP B 101 9.27 1.27 -35.30
N ILE B 102 8.78 2.09 -36.22
CA ILE B 102 7.81 3.14 -35.91
C ILE B 102 6.53 2.86 -36.68
N GLY B 103 5.41 2.83 -35.98
CA GLY B 103 4.12 2.66 -36.63
C GLY B 103 3.71 3.90 -37.39
N ILE B 104 3.74 3.82 -38.73
CA ILE B 104 3.52 5.01 -39.55
C ILE B 104 2.08 5.49 -39.48
N ALA B 105 1.11 4.57 -39.46
CA ALA B 105 -0.29 4.98 -39.48
C ALA B 105 -0.69 5.69 -38.19
N VAL B 106 -0.32 5.10 -37.04
CA VAL B 106 -0.64 5.73 -35.77
C VAL B 106 0.11 7.04 -35.62
N GLU B 107 1.35 7.09 -36.10
CA GLU B 107 2.11 8.34 -36.06
C GLU B 107 1.41 9.42 -36.88
N VAL B 108 0.93 9.08 -38.07
CA VAL B 108 0.24 10.08 -38.91
C VAL B 108 -1.04 10.54 -38.24
N PHE B 109 -1.80 9.61 -37.67
CA PHE B 109 -3.04 9.99 -36.99
C PHE B 109 -2.76 10.93 -35.81
N LEU B 110 -1.74 10.61 -35.01
CA LEU B 110 -1.40 11.46 -33.88
C LEU B 110 -0.89 12.83 -34.33
N ILE B 111 -0.14 12.86 -35.44
CA ILE B 111 0.31 14.15 -35.97
C ILE B 111 -0.87 14.99 -36.42
N ILE B 112 -1.87 14.36 -37.03
CA ILE B 112 -3.06 15.12 -37.46
C ILE B 112 -3.81 15.66 -36.25
N ILE B 113 -3.98 14.84 -35.22
CA ILE B 113 -4.68 15.31 -34.02
C ILE B 113 -3.91 16.44 -33.36
N ARG B 114 -2.58 16.32 -33.29
CA ARG B 114 -1.77 17.38 -32.72
C ARG B 114 -1.81 18.65 -33.56
N SER B 115 -1.92 18.51 -34.89
CA SER B 115 -2.08 19.69 -35.74
C SER B 115 -3.39 20.40 -35.44
N ILE B 116 -4.47 19.64 -35.25
CA ILE B 116 -5.74 20.25 -34.88
C ILE B 116 -5.62 20.97 -33.54
N ALA B 117 -4.97 20.33 -32.57
CA ALA B 117 -4.78 20.96 -31.26
C ALA B 117 -3.95 22.24 -31.37
N ASP B 118 -2.91 22.21 -32.20
CA ASP B 118 -2.07 23.39 -32.38
C ASP B 118 -2.82 24.51 -33.08
N VAL B 119 -3.70 24.19 -34.03
CA VAL B 119 -4.55 25.21 -34.64
C VAL B 119 -5.44 25.84 -33.58
N PHE B 120 -6.02 25.02 -32.70
CA PHE B 120 -6.81 25.58 -31.61
C PHE B 120 -5.97 26.48 -30.71
N TYR B 121 -4.74 26.07 -30.42
CA TYR B 121 -3.87 26.89 -29.57
C TYR B 121 -3.53 28.23 -30.23
N VAL B 122 -3.28 28.21 -31.55
CA VAL B 122 -2.98 29.45 -32.26
C VAL B 122 -4.20 30.37 -32.27
N ILE B 123 -5.39 29.81 -32.49
CA ILE B 123 -6.61 30.63 -32.42
C ILE B 123 -6.77 31.20 -31.02
N HIS B 124 -6.44 30.42 -29.99
CA HIS B 124 -6.54 30.90 -28.62
C HIS B 124 -5.59 32.07 -28.37
N ILE B 125 -4.34 31.96 -28.82
CA ILE B 125 -3.39 33.04 -28.59
C ILE B 125 -3.79 34.27 -29.38
N PHE B 126 -4.35 34.09 -30.57
CA PHE B 126 -4.87 35.23 -31.34
C PHE B 126 -6.00 35.93 -30.59
N MET B 127 -6.94 35.14 -30.06
CA MET B 127 -8.05 35.73 -29.31
C MET B 127 -7.56 36.42 -28.04
N ARG B 128 -6.51 35.88 -27.42
CA ARG B 128 -5.93 36.53 -26.25
C ARG B 128 -5.23 37.84 -26.64
N PHE B 129 -4.63 37.89 -27.82
CA PHE B 129 -4.20 39.18 -28.36
C PHE B 129 -5.37 40.12 -28.66
N HIS B 130 -6.57 39.57 -28.87
CA HIS B 130 -7.71 40.43 -29.16
C HIS B 130 -8.78 40.37 -28.06
N THR B 131 -8.35 40.43 -26.79
CA THR B 131 -9.28 40.50 -25.67
C THR B 131 -8.93 41.69 -24.78
N ALA B 132 -9.94 42.22 -24.11
CA ALA B 132 -9.76 43.34 -23.21
C ALA B 132 -9.39 42.85 -21.81
N TYR B 133 -8.84 43.76 -21.01
CA TYR B 133 -8.46 43.46 -19.64
C TYR B 133 -8.88 44.60 -18.72
N VAL B 134 -9.02 44.27 -17.45
CA VAL B 134 -9.37 45.27 -16.44
C VAL B 134 -8.11 45.90 -15.89
N ALA B 135 -8.04 47.21 -15.90
CA ALA B 135 -6.87 47.92 -15.40
C ALA B 135 -6.75 47.72 -13.90
N PRO B 136 -5.58 47.31 -13.40
CA PRO B 136 -5.43 47.13 -11.94
C PRO B 136 -5.63 48.41 -11.14
N SER B 137 -5.26 49.56 -11.70
CA SER B 137 -5.39 50.83 -10.99
C SER B 137 -6.78 51.45 -11.13
N SER B 138 -7.63 50.90 -12.00
CA SER B 138 -8.98 51.42 -12.20
C SER B 138 -10.03 50.63 -11.45
N ARG B 139 -9.62 49.71 -10.58
CA ARG B 139 -10.55 48.87 -9.83
C ARG B 139 -11.21 49.70 -8.73
N VAL B 140 -12.29 50.37 -9.10
CA VAL B 140 -13.04 51.22 -8.18
C VAL B 140 -14.22 50.41 -7.66
N PHE B 141 -14.03 49.80 -6.48
CA PHE B 141 -15.07 49.01 -5.82
C PHE B 141 -15.60 47.90 -6.72
N GLY B 142 -14.69 47.24 -7.44
CA GLY B 142 -15.03 46.16 -8.34
C GLY B 142 -15.26 46.59 -9.77
N ARG B 143 -15.71 47.82 -9.99
CA ARG B 143 -15.95 48.34 -11.34
C ARG B 143 -14.62 48.86 -11.89
N GLY B 144 -13.86 47.96 -12.49
CA GLY B 144 -12.56 48.28 -13.05
C GLY B 144 -12.57 48.69 -14.50
N GLU B 145 -13.76 48.88 -15.10
CA GLU B 145 -13.89 49.29 -16.49
C GLU B 145 -13.20 48.31 -17.43
N LEU B 146 -12.98 48.73 -18.68
CA LEU B 146 -12.32 47.90 -19.68
C LEU B 146 -11.31 48.74 -20.44
N VAL B 147 -10.29 48.07 -20.97
CA VAL B 147 -9.27 48.71 -21.78
C VAL B 147 -9.46 48.26 -23.23
N ILE B 148 -9.60 49.23 -24.13
CA ILE B 148 -9.86 48.94 -25.54
C ILE B 148 -8.63 49.15 -26.41
N ASP B 149 -7.66 49.94 -25.96
CA ASP B 149 -6.47 50.22 -26.75
C ASP B 149 -5.73 48.93 -27.10
N SER B 150 -5.64 48.65 -28.40
CA SER B 150 -5.01 47.41 -28.85
C SER B 150 -3.53 47.38 -28.49
N SER B 151 -2.84 48.52 -28.63
CA SER B 151 -1.41 48.57 -28.35
C SER B 151 -1.13 48.26 -26.89
N LYS B 152 -1.92 48.82 -25.98
CA LYS B 152 -1.73 48.56 -24.55
C LYS B 152 -1.97 47.09 -24.23
N ILE B 153 -3.02 46.50 -24.79
CA ILE B 153 -3.30 45.09 -24.56
C ILE B 153 -2.16 44.21 -25.09
N ALA B 154 -1.68 44.52 -26.29
CA ALA B 154 -0.58 43.75 -26.86
C ALA B 154 0.68 43.86 -26.01
N SER B 155 1.00 45.08 -25.54
CA SER B 155 2.18 45.25 -24.70
C SER B 155 2.03 44.49 -23.38
N ARG B 156 0.85 44.54 -22.77
CA ARG B 156 0.63 43.80 -21.53
C ARG B 156 0.77 42.30 -21.74
N TYR B 157 0.21 41.79 -22.84
CA TYR B 157 0.32 40.37 -23.13
C TYR B 157 1.76 39.95 -23.38
N LEU B 158 2.51 40.77 -24.14
CA LEU B 158 3.90 40.45 -24.42
C LEU B 158 4.74 40.47 -23.15
N HIS B 159 4.47 41.42 -22.26
CA HIS B 159 5.24 41.51 -21.02
C HIS B 159 5.05 40.28 -20.15
N LYS B 160 3.81 39.79 -20.03
CA LYS B 160 3.52 38.63 -19.19
C LYS B 160 2.41 37.83 -19.84
N GLY B 161 2.68 36.56 -20.14
CA GLY B 161 1.67 35.66 -20.64
C GLY B 161 1.94 35.12 -22.03
N PHE B 162 2.49 35.96 -22.91
CA PHE B 162 2.69 35.55 -24.29
C PHE B 162 3.77 34.49 -24.43
N PHE B 163 4.82 34.55 -23.60
CA PHE B 163 5.95 33.65 -23.77
C PHE B 163 5.54 32.20 -23.60
N LEU B 164 4.88 31.87 -22.48
CA LEU B 164 4.54 30.49 -22.20
C LEU B 164 3.39 30.00 -23.08
N ASP B 165 2.46 30.90 -23.45
CA ASP B 165 1.40 30.51 -24.38
C ASP B 165 1.97 30.20 -25.76
N PHE B 166 2.96 30.99 -26.20
CA PHE B 166 3.60 30.72 -27.48
C PHE B 166 4.44 29.45 -27.42
N ILE B 167 5.06 29.17 -26.27
CA ILE B 167 5.81 27.93 -26.11
C ILE B 167 4.89 26.73 -26.25
N ALA B 168 3.72 26.78 -25.64
CA ALA B 168 2.78 25.67 -25.70
C ALA B 168 2.23 25.46 -27.11
N ALA B 169 2.17 26.52 -27.91
CA ALA B 169 1.59 26.45 -29.25
C ALA B 169 2.56 25.99 -30.31
N LEU B 170 3.84 25.83 -29.97
CA LEU B 170 4.82 25.39 -30.96
C LEU B 170 4.59 23.92 -31.32
N PRO B 171 4.55 23.56 -32.60
CA PRO B 171 4.41 22.15 -33.00
C PRO B 171 5.71 21.37 -32.86
N LEU B 172 6.20 21.27 -31.63
CA LEU B 172 7.47 20.59 -31.38
C LEU B 172 7.43 19.11 -31.75
N PRO B 173 6.43 18.31 -31.35
CA PRO B 173 6.43 16.91 -31.77
C PRO B 173 6.40 16.72 -33.27
N GLN B 174 5.67 17.58 -33.99
CA GLN B 174 5.57 17.42 -35.43
C GLN B 174 6.91 17.67 -36.12
N VAL B 175 7.58 18.78 -35.78
CA VAL B 175 8.87 19.06 -36.39
C VAL B 175 9.91 18.02 -35.95
N LEU B 176 9.84 17.56 -34.70
CA LEU B 176 10.75 16.51 -34.25
C LEU B 176 10.58 15.24 -35.06
N ILE B 177 9.34 14.83 -35.30
CA ILE B 177 9.08 13.59 -36.03
C ILE B 177 9.44 13.74 -37.50
N TRP B 178 9.15 14.88 -38.10
CA TRP B 178 9.26 15.00 -39.55
C TRP B 178 10.59 15.59 -40.01
N ILE B 179 10.98 16.76 -39.49
CA ILE B 179 12.10 17.50 -40.06
C ILE B 179 13.22 17.68 -39.05
N VAL B 180 13.36 16.74 -38.12
CA VAL B 180 14.48 16.79 -37.18
C VAL B 180 15.25 15.47 -37.23
N ILE B 181 14.57 14.36 -36.99
CA ILE B 181 15.21 13.05 -36.95
C ILE B 181 15.45 12.52 -38.37
N PRO B 182 14.42 12.40 -39.24
CA PRO B 182 14.67 11.82 -40.56
C PRO B 182 15.06 12.84 -41.61
N ASN B 183 15.22 12.40 -42.85
CA ASN B 183 15.50 13.25 -44.00
C ASN B 183 16.83 13.97 -43.86
N LEU B 184 16.81 15.30 -43.95
CA LEU B 184 18.05 16.08 -43.91
C LEU B 184 18.74 15.95 -42.55
N GLY B 185 17.97 15.95 -41.47
CA GLY B 185 18.54 15.87 -40.14
C GLY B 185 18.82 14.45 -39.67
N GLY B 186 19.31 13.61 -40.57
CA GLY B 186 19.62 12.23 -40.24
C GLY B 186 20.58 12.10 -39.07
N SER B 187 20.08 11.61 -37.94
CA SER B 187 20.88 11.51 -36.71
C SER B 187 21.68 10.22 -36.68
N THR B 188 22.52 10.04 -37.71
CA THR B 188 23.40 8.88 -37.75
C THR B 188 24.42 8.93 -36.62
N ILE B 189 24.99 10.11 -36.35
CA ILE B 189 26.00 10.23 -35.30
C ILE B 189 25.35 10.08 -33.92
N ALA B 190 24.21 10.72 -33.71
CA ALA B 190 23.56 10.65 -32.40
C ALA B 190 23.07 9.24 -32.10
N ASN B 191 22.33 8.64 -33.03
CA ASN B 191 21.81 7.28 -32.89
C ASN B 191 20.99 7.13 -31.61
N THR B 192 20.18 8.14 -31.30
CA THR B 192 19.33 8.16 -30.11
C THR B 192 17.92 8.57 -30.49
N LYS B 193 17.39 7.96 -31.55
CA LYS B 193 16.08 8.36 -32.07
C LYS B 193 14.98 8.18 -31.03
N ASN B 194 15.08 7.12 -30.23
CA ASN B 194 14.06 6.83 -29.23
C ASN B 194 14.18 7.72 -27.99
N VAL B 195 15.25 8.50 -27.88
CA VAL B 195 15.48 9.33 -26.69
C VAL B 195 15.01 10.76 -26.92
N LEU B 196 15.15 11.28 -28.14
CA LEU B 196 14.79 12.67 -28.40
C LEU B 196 13.33 12.94 -28.15
N ARG B 197 12.46 11.94 -28.33
CA ARG B 197 11.01 12.17 -28.19
C ARG B 197 10.68 12.78 -26.84
N PHE B 198 11.48 12.49 -25.81
CA PHE B 198 11.16 12.96 -24.47
C PHE B 198 11.23 14.48 -24.33
N ILE B 199 11.84 15.19 -25.28
CA ILE B 199 11.81 16.65 -25.16
C ILE B 199 10.43 17.20 -25.46
N ILE B 200 9.49 16.35 -25.89
CA ILE B 200 8.09 16.74 -25.89
C ILE B 200 7.65 17.10 -24.48
N ILE B 201 8.19 16.39 -23.49
CA ILE B 201 7.95 16.74 -22.09
C ILE B 201 8.39 18.17 -21.81
N ILE B 202 9.45 18.63 -22.51
CA ILE B 202 9.92 20.00 -22.35
C ILE B 202 8.80 20.98 -22.69
N GLN B 203 8.02 20.67 -23.72
CA GLN B 203 6.84 21.48 -24.03
C GLN B 203 5.64 21.05 -23.20
N TYR B 204 5.61 19.79 -22.76
CA TYR B 204 4.44 19.28 -22.07
C TYR B 204 4.26 19.93 -20.70
N LEU B 205 5.37 20.17 -19.99
CA LEU B 205 5.26 20.74 -18.65
C LEU B 205 4.63 22.14 -18.65
N PRO B 206 5.03 23.09 -19.50
CA PRO B 206 4.28 24.36 -19.54
C PRO B 206 2.82 24.17 -19.92
N ARG B 207 2.53 23.26 -20.85
CA ARG B 207 1.15 23.02 -21.26
C ARG B 207 0.32 22.53 -20.08
N LEU B 208 0.86 21.58 -19.30
CA LEU B 208 0.19 21.13 -18.10
C LEU B 208 -0.05 22.28 -17.13
N PHE B 209 0.80 23.30 -17.17
CA PHE B 209 0.57 24.48 -16.34
C PHE B 209 -0.73 25.17 -16.75
N LEU B 210 -0.95 25.33 -18.07
CA LEU B 210 -2.09 26.08 -18.56
C LEU B 210 -3.43 25.50 -18.12
N ILE B 211 -3.46 24.22 -17.75
CA ILE B 211 -4.72 23.62 -17.30
C ILE B 211 -5.14 24.22 -15.96
N PHE B 212 -4.19 24.47 -15.07
CA PHE B 212 -4.54 24.87 -13.71
C PHE B 212 -5.28 26.21 -13.63
N PRO B 213 -4.80 27.31 -14.25
CA PRO B 213 -5.58 28.55 -14.19
C PRO B 213 -6.88 28.48 -15.00
N LEU B 214 -6.77 28.01 -16.25
CA LEU B 214 -7.91 28.05 -17.15
C LEU B 214 -9.09 27.27 -16.58
N SER B 215 -8.84 26.08 -16.06
CA SER B 215 -9.91 25.31 -15.42
C SER B 215 -10.55 26.10 -14.29
N SER B 216 -9.73 26.76 -13.47
CA SER B 216 -10.28 27.62 -12.42
C SER B 216 -11.15 28.71 -13.02
N GLN B 217 -10.73 29.30 -14.14
CA GLN B 217 -11.57 30.28 -14.81
C GLN B 217 -12.89 29.65 -15.24
N ILE B 218 -12.85 28.39 -15.69
CA ILE B 218 -14.08 27.68 -16.02
C ILE B 218 -14.97 27.58 -14.79
N VAL B 219 -14.36 27.40 -13.62
CA VAL B 219 -15.13 27.41 -12.38
C VAL B 219 -15.86 28.73 -12.21
N LYS B 220 -15.19 29.83 -12.54
CA LYS B 220 -15.84 31.13 -12.47
C LYS B 220 -16.92 31.31 -13.53
N ALA B 221 -16.91 30.48 -14.58
CA ALA B 221 -17.93 30.58 -15.60
C ALA B 221 -19.28 30.07 -15.10
N THR B 222 -19.27 28.96 -14.38
CA THR B 222 -20.50 28.37 -13.86
C THR B 222 -20.36 28.02 -12.38
N THR B 228 -18.26 22.46 -6.59
CA THR B 228 -19.28 21.93 -5.69
C THR B 228 -18.77 20.71 -4.94
N ALA B 229 -19.69 20.00 -4.28
CA ALA B 229 -19.31 18.81 -3.53
C ALA B 229 -18.80 17.70 -4.45
N TRP B 230 -19.45 17.52 -5.59
CA TRP B 230 -19.07 16.48 -6.54
C TRP B 230 -17.95 16.91 -7.48
N ALA B 231 -17.61 18.19 -7.50
CA ALA B 231 -16.60 18.72 -8.42
C ALA B 231 -15.18 18.61 -7.90
N GLY B 232 -14.99 18.03 -6.71
CA GLY B 232 -13.67 17.88 -6.16
C GLY B 232 -13.08 16.50 -6.40
N ALA B 233 -13.90 15.46 -6.21
CA ALA B 233 -13.42 14.09 -6.40
C ALA B 233 -13.24 13.77 -7.88
N ALA B 234 -14.19 14.19 -8.72
CA ALA B 234 -14.10 13.87 -10.14
C ALA B 234 -12.93 14.57 -10.80
N TYR B 235 -12.72 15.85 -10.49
CA TYR B 235 -11.59 16.58 -11.07
C TYR B 235 -10.26 15.96 -10.65
N ASN B 236 -10.14 15.59 -9.38
CA ASN B 236 -8.89 15.00 -8.90
C ASN B 236 -8.69 13.62 -9.51
N LEU B 237 -9.78 12.87 -9.74
CA LEU B 237 -9.65 11.59 -10.43
C LEU B 237 -9.22 11.78 -11.88
N ILE B 238 -9.71 12.83 -12.54
CA ILE B 238 -9.26 13.12 -13.91
C ILE B 238 -7.78 13.46 -13.92
N LEU B 239 -7.33 14.29 -12.98
CA LEU B 239 -5.90 14.60 -12.87
C LEU B 239 -5.10 13.33 -12.58
N TYR B 240 -5.65 12.44 -11.76
CA TYR B 240 -4.96 11.22 -11.39
C TYR B 240 -4.81 10.29 -12.60
N MET B 241 -5.87 10.19 -13.40
CA MET B 241 -5.80 9.44 -14.65
C MET B 241 -4.80 10.06 -15.61
N LEU B 242 -4.75 11.39 -15.68
CA LEU B 242 -3.78 12.05 -16.55
C LEU B 242 -2.36 11.72 -16.12
N ALA B 243 -2.09 11.78 -14.82
CA ALA B 243 -0.76 11.45 -14.31
C ALA B 243 -0.42 9.99 -14.61
N SER B 244 -1.39 9.09 -14.44
CA SER B 244 -1.15 7.68 -14.75
C SER B 244 -0.84 7.48 -16.23
N HIS B 245 -1.58 8.17 -17.10
CA HIS B 245 -1.35 8.07 -18.54
C HIS B 245 0.04 8.56 -18.92
N VAL B 246 0.45 9.72 -18.38
CA VAL B 246 1.75 10.27 -18.70
C VAL B 246 2.86 9.36 -18.19
N LEU B 247 2.71 8.87 -16.95
CA LEU B 247 3.73 7.98 -16.39
C LEU B 247 3.81 6.67 -17.15
N GLY B 248 2.68 6.13 -17.59
CA GLY B 248 2.72 4.91 -18.37
C GLY B 248 3.41 5.08 -19.71
N ALA B 249 3.12 6.20 -20.40
CA ALA B 249 3.81 6.46 -21.67
C ALA B 249 5.30 6.64 -21.45
N CYS B 250 5.67 7.38 -20.40
CA CYS B 250 7.09 7.57 -20.09
C CYS B 250 7.76 6.24 -19.78
N TRP B 251 7.10 5.38 -19.02
CA TRP B 251 7.66 4.08 -18.70
C TRP B 251 7.82 3.21 -19.94
N TYR B 252 6.84 3.26 -20.85
CA TYR B 252 6.97 2.50 -22.09
C TYR B 252 8.18 2.95 -22.89
N LEU B 253 8.35 4.27 -23.05
CA LEU B 253 9.49 4.74 -23.82
C LEU B 253 10.80 4.44 -23.11
N LEU B 254 10.81 4.53 -21.78
CA LEU B 254 12.02 4.21 -21.03
C LEU B 254 12.38 2.74 -21.14
N SER B 255 11.38 1.86 -21.15
CA SER B 255 11.64 0.44 -21.34
C SER B 255 12.13 0.15 -22.75
N ILE B 256 11.60 0.87 -23.73
CA ILE B 256 12.13 0.76 -25.09
C ILE B 256 13.61 1.15 -25.12
N GLU B 257 13.95 2.26 -24.44
CA GLU B 257 15.34 2.70 -24.40
C GLU B 257 16.21 1.69 -23.66
N ARG B 258 15.70 1.08 -22.59
CA ARG B 258 16.47 0.08 -21.86
C ARG B 258 16.73 -1.15 -22.71
N GLN B 259 15.71 -1.62 -23.45
CA GLN B 259 15.91 -2.76 -24.32
C GLN B 259 16.88 -2.45 -25.44
N GLU B 260 16.81 -1.23 -25.99
CA GLU B 260 17.75 -0.84 -27.03
C GLU B 260 19.17 -0.75 -26.46
N ALA B 261 19.31 -0.28 -25.22
CA ALA B 261 20.62 -0.23 -24.58
C ALA B 261 21.17 -1.63 -24.36
N CYS B 262 20.32 -2.58 -23.98
CA CYS B 262 20.77 -3.97 -23.87
C CYS B 262 21.21 -4.51 -25.21
N TRP B 263 20.48 -4.17 -26.27
CA TRP B 263 20.88 -4.59 -27.61
C TRP B 263 22.23 -4.00 -27.98
N LYS B 264 22.46 -2.72 -27.64
CA LYS B 264 23.75 -2.09 -27.92
C LYS B 264 24.87 -2.75 -27.14
N SER B 265 24.61 -3.12 -25.88
CA SER B 265 25.62 -3.82 -25.10
C SER B 265 25.96 -5.18 -25.69
N VAL B 266 24.93 -5.91 -26.15
CA VAL B 266 25.17 -7.19 -26.80
C VAL B 266 25.99 -6.98 -28.08
N CYS B 267 25.66 -5.95 -28.85
CA CYS B 267 26.41 -5.65 -30.05
C CYS B 267 27.87 -5.33 -29.74
N LYS B 268 28.11 -4.61 -28.65
CA LYS B 268 29.48 -4.35 -28.22
C LYS B 268 30.17 -5.65 -27.84
N LEU B 269 29.45 -6.58 -27.20
CA LEU B 269 30.00 -7.90 -26.92
C LEU B 269 30.32 -8.65 -28.20
N GLU B 270 29.61 -8.36 -29.29
CA GLU B 270 29.76 -9.04 -30.56
C GLU B 270 30.22 -8.08 -31.66
N GLU B 271 31.22 -7.24 -31.35
CA GLU B 271 31.71 -6.26 -32.33
C GLU B 271 32.25 -6.91 -33.60
N SER B 272 32.60 -8.19 -33.55
CA SER B 272 33.15 -8.85 -34.73
C SER B 272 32.12 -8.90 -35.86
N SER B 273 30.87 -9.21 -35.54
CA SER B 273 29.83 -9.40 -36.55
C SER B 273 28.63 -8.48 -36.35
N CYS B 274 28.74 -7.47 -35.49
CA CYS B 274 27.64 -6.56 -35.23
C CYS B 274 28.15 -5.12 -35.18
N GLN B 275 27.25 -4.20 -35.51
CA GLN B 275 27.53 -2.76 -35.46
C GLN B 275 26.22 -2.03 -35.19
N PHE B 276 26.33 -0.75 -34.85
CA PHE B 276 25.16 -0.01 -34.37
C PHE B 276 24.25 0.45 -35.50
N ASP B 277 23.88 -0.49 -36.36
CA ASP B 277 22.82 -0.30 -37.34
C ASP B 277 21.91 -1.52 -37.35
N PHE B 278 22.40 -2.67 -36.87
CA PHE B 278 21.76 -3.96 -37.05
C PHE B 278 20.40 -4.05 -36.41
N PHE B 279 20.06 -3.13 -35.50
CA PHE B 279 18.81 -3.15 -34.76
C PHE B 279 17.76 -2.22 -35.35
N ASP B 280 17.93 -1.81 -36.60
CA ASP B 280 16.96 -0.97 -37.29
C ASP B 280 16.15 -1.84 -38.26
N CYS B 281 14.83 -1.75 -38.18
CA CYS B 281 13.96 -2.66 -38.93
C CYS B 281 13.97 -2.40 -40.42
N ASN B 282 14.54 -1.28 -40.88
CA ASN B 282 14.66 -1.08 -42.32
C ASN B 282 15.74 -1.96 -42.93
N MET B 283 16.73 -2.39 -42.14
CA MET B 283 17.80 -3.26 -42.58
C MET B 283 17.63 -4.70 -42.11
N VAL B 284 16.40 -5.09 -41.76
CA VAL B 284 16.18 -6.43 -41.23
C VAL B 284 16.40 -7.49 -42.30
N LYS B 285 16.14 -7.14 -43.56
CA LYS B 285 16.24 -8.09 -44.66
C LYS B 285 17.64 -8.16 -45.27
N ASP B 286 18.61 -7.45 -44.70
CA ASP B 286 19.97 -7.48 -45.21
C ASP B 286 20.58 -8.87 -44.99
N SER B 287 21.43 -9.28 -45.94
CA SER B 287 22.11 -10.57 -45.81
C SER B 287 23.02 -10.59 -44.60
N LEU B 288 23.73 -9.49 -44.35
CA LEU B 288 24.53 -9.38 -43.14
C LEU B 288 23.65 -9.48 -41.91
N ARG B 289 22.48 -8.85 -41.95
CA ARG B 289 21.58 -8.86 -40.80
C ARG B 289 21.12 -10.27 -40.47
N VAL B 290 20.67 -11.02 -41.47
CA VAL B 290 20.19 -12.39 -41.23
C VAL B 290 21.35 -13.30 -40.83
N SER B 291 22.53 -13.10 -41.43
CA SER B 291 23.68 -13.93 -41.08
C SER B 291 24.11 -13.69 -39.63
N TRP B 292 24.04 -12.44 -39.17
CA TRP B 292 24.33 -12.16 -37.77
C TRP B 292 23.24 -12.72 -36.86
N PHE B 293 21.98 -12.59 -37.26
CA PHE B 293 20.88 -13.00 -36.40
C PHE B 293 20.85 -14.52 -36.20
N VAL B 294 21.14 -15.28 -37.25
CA VAL B 294 21.12 -16.74 -37.13
C VAL B 294 22.24 -17.28 -36.25
N THR B 295 23.22 -16.44 -35.91
CA THR B 295 24.34 -16.86 -35.07
C THR B 295 24.51 -15.99 -33.82
N SER B 296 23.51 -15.18 -33.48
CA SER B 296 23.57 -14.30 -32.32
C SER B 296 22.57 -14.75 -31.27
N ASN B 297 22.96 -14.63 -30.00
CA ASN B 297 22.11 -14.99 -28.87
C ASN B 297 21.51 -13.75 -28.19
N VAL B 298 21.20 -12.70 -28.97
CA VAL B 298 20.57 -11.52 -28.40
C VAL B 298 19.13 -11.80 -28.00
N THR B 299 18.52 -12.87 -28.52
CA THR B 299 17.13 -13.17 -28.23
C THR B 299 16.90 -13.48 -26.75
N ASN B 300 17.80 -14.25 -26.13
CA ASN B 300 17.66 -14.61 -24.72
C ASN B 300 18.56 -13.83 -23.79
N LEU B 301 19.67 -13.28 -24.29
CA LEU B 301 20.53 -12.46 -23.45
C LEU B 301 19.81 -11.20 -22.97
N CYS B 302 19.08 -10.54 -23.87
CA CYS B 302 18.34 -9.34 -23.50
C CYS B 302 16.95 -9.68 -22.98
N SER B 303 16.90 -10.50 -21.94
CA SER B 303 15.66 -10.84 -21.26
C SER B 303 15.88 -10.70 -19.76
N PRO B 304 14.86 -10.28 -19.02
CA PRO B 304 15.01 -10.15 -17.56
C PRO B 304 15.31 -11.48 -16.86
N ASN B 305 14.98 -12.61 -17.48
CA ASN B 305 15.27 -13.91 -16.87
C ASN B 305 16.78 -14.12 -16.75
N SER B 306 17.51 -13.86 -17.83
CA SER B 306 18.96 -13.96 -17.78
C SER B 306 19.55 -12.78 -17.02
N LEU B 307 20.61 -13.03 -16.26
CA LEU B 307 21.28 -11.99 -15.49
C LEU B 307 22.42 -11.34 -16.27
N PHE B 308 22.12 -10.93 -17.50
CA PHE B 308 23.11 -10.28 -18.35
C PHE B 308 23.06 -8.76 -18.22
N TYR B 309 21.86 -8.19 -18.30
CA TYR B 309 21.67 -6.75 -18.18
C TYR B 309 20.66 -6.45 -17.09
N GLN B 310 20.88 -5.32 -16.41
CA GLN B 310 19.99 -4.89 -15.33
C GLN B 310 18.82 -4.15 -15.95
N PHE B 311 17.77 -4.89 -16.29
CA PHE B 311 16.57 -4.28 -16.87
C PHE B 311 15.82 -3.45 -15.83
N GLY B 312 15.78 -3.93 -14.58
CA GLY B 312 15.11 -3.16 -13.54
C GLY B 312 13.61 -3.14 -13.74
N ILE B 313 13.00 -2.01 -13.40
CA ILE B 313 11.55 -1.88 -13.48
C ILE B 313 11.06 -1.95 -14.92
N TYR B 314 11.96 -1.77 -15.88
CA TYR B 314 11.60 -1.89 -17.29
C TYR B 314 11.54 -3.33 -17.76
N GLY B 315 12.10 -4.26 -16.97
CA GLY B 315 12.07 -5.66 -17.36
C GLY B 315 10.66 -6.21 -17.48
N ASP B 316 9.73 -5.67 -16.69
CA ASP B 316 8.33 -6.07 -16.80
C ASP B 316 7.75 -5.82 -18.18
N ALA B 317 8.36 -4.90 -18.94
CA ALA B 317 7.90 -4.64 -20.30
C ALA B 317 8.42 -5.66 -21.30
N VAL B 318 9.41 -6.47 -20.92
CA VAL B 318 9.96 -7.47 -21.81
C VAL B 318 9.35 -8.84 -21.56
N THR B 319 9.15 -9.21 -20.29
CA THR B 319 8.50 -10.47 -19.99
C THR B 319 7.06 -10.49 -20.50
N SER B 320 6.34 -9.38 -20.33
CA SER B 320 4.97 -9.29 -20.80
C SER B 320 4.88 -8.97 -22.29
N LYS B 321 6.00 -8.66 -22.94
CA LYS B 321 6.06 -8.38 -24.37
C LYS B 321 5.11 -7.26 -24.77
N VAL B 322 5.05 -6.21 -23.95
CA VAL B 322 4.20 -5.07 -24.27
C VAL B 322 4.81 -4.19 -25.35
N THR B 323 6.13 -4.26 -25.54
CA THR B 323 6.79 -3.49 -26.58
C THR B 323 6.52 -4.06 -27.97
N THR B 324 5.96 -5.26 -28.07
CA THR B 324 5.65 -5.90 -29.34
C THR B 324 4.16 -5.89 -29.66
N SER B 325 3.31 -5.87 -28.63
CA SER B 325 1.86 -6.01 -28.82
C SER B 325 1.29 -4.83 -29.58
N ALA B 326 -0.01 -4.92 -29.88
CA ALA B 326 -0.70 -3.88 -30.63
C ALA B 326 -0.80 -2.60 -29.80
N PHE B 327 -1.23 -1.53 -30.47
CA PHE B 327 -1.25 -0.22 -29.82
C PHE B 327 -2.22 -0.20 -28.64
N PHE B 328 -3.41 -0.78 -28.81
CA PHE B 328 -4.38 -0.77 -27.72
C PHE B 328 -3.89 -1.58 -26.53
N ASN B 329 -3.33 -2.77 -26.77
CA ASN B 329 -2.85 -3.60 -25.68
C ASN B 329 -1.72 -2.92 -24.92
N LYS B 330 -0.73 -2.39 -25.64
CA LYS B 330 0.37 -1.73 -24.98
C LYS B 330 -0.08 -0.46 -24.25
N TYR B 331 -1.00 0.29 -24.86
CA TYR B 331 -1.49 1.51 -24.22
C TYR B 331 -2.20 1.19 -22.92
N PHE B 332 -3.09 0.20 -22.93
CA PHE B 332 -3.82 -0.11 -21.71
C PHE B 332 -2.90 -0.72 -20.66
N PHE B 333 -1.95 -1.56 -21.09
CA PHE B 333 -1.00 -2.12 -20.13
C PHE B 333 -0.17 -1.02 -19.46
N CYS B 334 0.30 -0.05 -20.24
CA CYS B 334 1.14 1.00 -19.67
C CYS B 334 0.31 1.97 -18.83
N LEU B 335 -0.93 2.25 -19.23
CA LEU B 335 -1.80 3.08 -18.42
C LEU B 335 -2.09 2.41 -17.08
N TRP B 336 -2.37 1.11 -17.10
CA TRP B 336 -2.57 0.39 -15.85
C TRP B 336 -1.30 0.31 -15.03
N TRP B 337 -0.14 0.19 -15.69
CA TRP B 337 1.13 0.21 -14.98
C TRP B 337 1.31 1.53 -14.23
N GLY B 338 1.06 2.64 -14.92
CA GLY B 338 1.16 3.94 -14.27
C GLY B 338 0.17 4.09 -13.14
N LEU B 339 -1.09 3.67 -13.36
CA LEU B 339 -2.10 3.75 -12.31
C LEU B 339 -1.73 2.92 -11.10
N ARG B 340 -1.22 1.71 -11.31
CA ARG B 340 -0.88 0.82 -10.21
C ARG B 340 0.33 1.31 -9.44
N ASN B 341 1.37 1.77 -10.14
CA ASN B 341 2.55 2.28 -9.47
C ASN B 341 2.36 3.68 -8.91
N LEU B 342 1.27 4.35 -9.28
CA LEU B 342 0.90 5.62 -8.68
C LEU B 342 0.02 5.42 -7.45
N SER B 343 -0.83 4.39 -7.48
CA SER B 343 -1.66 4.07 -6.31
C SER B 343 -0.84 3.39 -5.23
N SER B 344 0.06 2.49 -5.62
CA SER B 344 0.92 1.78 -4.67
C SER B 344 2.06 2.63 -4.16
N LEU B 345 2.04 3.94 -4.42
CA LEU B 345 3.07 4.87 -3.96
C LEU B 345 4.45 4.46 -4.44
N GLY B 346 4.53 3.89 -5.65
CA GLY B 346 5.78 3.49 -6.24
C GLY B 346 6.37 2.20 -5.72
N GLN B 347 5.68 1.51 -4.81
CA GLN B 347 6.18 0.25 -4.30
C GLN B 347 6.12 -0.81 -5.40
N GLY B 348 7.04 -1.76 -5.34
CA GLY B 348 7.22 -2.72 -6.40
C GLY B 348 8.13 -2.27 -7.51
N LEU B 349 8.58 -1.02 -7.47
CA LEU B 349 9.55 -0.49 -8.44
C LEU B 349 10.95 -0.80 -7.95
N LEU B 350 11.28 -2.09 -7.95
CA LEU B 350 12.62 -2.52 -7.59
C LEU B 350 13.58 -2.18 -8.71
N THR B 351 14.22 -1.03 -8.62
CA THR B 351 15.04 -0.50 -9.71
C THR B 351 16.42 -1.15 -9.70
N SER B 352 17.20 -0.83 -10.73
CA SER B 352 18.60 -1.22 -10.82
C SER B 352 19.46 -0.11 -10.23
N THR B 353 20.77 -0.19 -10.48
CA THR B 353 21.72 0.80 -10.00
C THR B 353 21.87 1.98 -10.95
N PHE B 354 20.87 2.24 -11.80
CA PHE B 354 20.94 3.31 -12.78
C PHE B 354 20.20 4.53 -12.25
N VAL B 355 20.86 5.69 -12.34
CA VAL B 355 20.33 6.90 -11.71
C VAL B 355 19.05 7.36 -12.37
N GLY B 356 18.94 7.22 -13.70
CA GLY B 356 17.74 7.67 -14.38
C GLY B 356 16.51 6.89 -13.98
N GLU B 357 16.63 5.56 -13.94
CA GLU B 357 15.50 4.72 -13.54
C GLU B 357 15.10 4.99 -12.10
N ILE B 358 16.09 5.17 -11.21
CA ILE B 358 15.80 5.47 -9.81
C ILE B 358 15.09 6.80 -9.68
N MET B 359 15.55 7.81 -10.43
CA MET B 359 14.89 9.12 -10.38
C MET B 359 13.47 9.05 -10.92
N PHE B 360 13.25 8.26 -11.97
CA PHE B 360 11.90 8.07 -12.49
C PHE B 360 11.00 7.43 -11.44
N ALA B 361 11.51 6.41 -10.75
CA ALA B 361 10.72 5.76 -9.70
C ALA B 361 10.42 6.73 -8.56
N ILE B 362 11.40 7.56 -8.18
CA ILE B 362 11.19 8.54 -7.13
C ILE B 362 10.12 9.55 -7.54
N VAL B 363 10.16 10.00 -8.79
CA VAL B 363 9.14 10.92 -9.28
C VAL B 363 7.77 10.27 -9.24
N ILE B 364 7.68 9.01 -9.64
CA ILE B 364 6.41 8.29 -9.62
C ILE B 364 5.88 8.20 -8.19
N ALA B 365 6.75 7.87 -7.24
CA ALA B 365 6.31 7.73 -5.85
C ALA B 365 5.87 9.07 -5.27
N THR B 366 6.60 10.15 -5.56
CA THR B 366 6.20 11.46 -5.06
C THR B 366 4.88 11.90 -5.66
N LEU B 367 4.68 11.66 -6.96
CA LEU B 367 3.40 11.96 -7.58
C LEU B 367 2.28 11.16 -6.93
N GLY B 368 2.53 9.87 -6.65
CA GLY B 368 1.54 9.07 -5.96
C GLY B 368 1.21 9.62 -4.58
N LEU B 369 2.23 10.04 -3.84
CA LEU B 369 2.00 10.58 -2.50
C LEU B 369 1.14 11.83 -2.56
N VAL B 370 1.53 12.79 -3.40
CA VAL B 370 0.77 14.05 -3.47
C VAL B 370 -0.65 13.79 -3.97
N LEU B 371 -0.80 12.89 -4.95
CA LEU B 371 -2.13 12.66 -5.52
C LEU B 371 -3.03 11.93 -4.54
N PHE B 372 -2.51 10.93 -3.82
CA PHE B 372 -3.33 10.23 -2.85
C PHE B 372 -3.71 11.13 -1.68
N ALA B 373 -2.78 11.97 -1.22
CA ALA B 373 -3.12 12.92 -0.17
C ALA B 373 -4.18 13.90 -0.64
N LEU B 374 -4.06 14.39 -1.88
CA LEU B 374 -5.07 15.28 -2.43
C LEU B 374 -6.43 14.60 -2.53
N LEU B 375 -6.45 13.33 -2.93
CA LEU B 375 -7.70 12.60 -3.04
C LEU B 375 -8.34 12.42 -1.67
N ILE B 376 -7.55 12.07 -0.65
CA ILE B 376 -8.06 11.93 0.69
C ILE B 376 -8.65 13.25 1.17
N GLY B 377 -7.92 14.35 0.96
CA GLY B 377 -8.41 15.65 1.37
C GLY B 377 -9.68 16.06 0.64
N ASN B 378 -9.75 15.77 -0.66
CA ASN B 378 -10.94 16.12 -1.43
C ASN B 378 -12.16 15.34 -0.96
N MET B 379 -12.00 14.04 -0.68
CA MET B 379 -13.13 13.28 -0.16
C MET B 379 -13.51 13.74 1.24
N GLN B 380 -12.53 14.10 2.07
CA GLN B 380 -12.85 14.64 3.38
C GLN B 380 -13.67 15.92 3.26
N THR B 381 -13.29 16.80 2.34
CA THR B 381 -14.06 18.03 2.11
C THR B 381 -15.46 17.70 1.60
N TYR B 382 -15.56 16.72 0.69
CA TYR B 382 -16.86 16.39 0.12
C TYR B 382 -17.81 15.84 1.16
N LEU B 383 -17.35 14.91 1.99
CA LEU B 383 -18.20 14.38 3.06
C LEU B 383 -18.51 15.43 4.11
N GLN B 384 -17.52 16.25 4.48
CA GLN B 384 -17.74 17.29 5.48
C GLN B 384 -18.65 18.41 4.98
N SER B 385 -18.66 18.67 3.68
CA SER B 385 -19.49 19.73 3.12
C SER B 385 -20.49 19.17 2.11
N ARG C 58 28.77 43.44 22.95
CA ARG C 58 28.16 43.28 21.65
C ARG C 58 26.96 42.34 21.71
N ILE C 59 25.98 42.70 22.53
CA ILE C 59 24.78 41.88 22.68
C ILE C 59 23.85 42.12 21.49
N PHE C 60 23.42 41.04 20.86
CA PHE C 60 22.54 41.13 19.70
C PHE C 60 21.08 41.11 20.13
N ASP C 61 20.26 41.85 19.41
CA ASP C 61 18.83 41.89 19.71
C ASP C 61 18.17 40.61 19.20
N PRO C 62 17.45 39.88 20.05
CA PRO C 62 16.81 38.63 19.60
C PRO C 62 15.79 38.85 18.49
N ARG C 63 15.11 39.99 18.47
CA ARG C 63 14.10 40.29 17.47
C ARG C 63 14.67 41.18 16.36
N GLY C 64 15.95 41.50 16.45
CA GLY C 64 16.59 42.43 15.54
C GLY C 64 16.89 41.83 14.19
N GLN C 65 17.96 42.33 13.56
CA GLN C 65 18.32 41.97 12.20
C GLN C 65 19.52 41.04 12.11
N THR C 66 20.54 41.23 12.97
CA THR C 66 21.71 40.37 12.92
C THR C 66 21.35 38.92 13.26
N ILE C 67 20.56 38.72 14.31
CA ILE C 67 20.16 37.37 14.70
C ILE C 67 19.24 36.76 13.64
N HIS C 68 18.37 37.56 13.03
CA HIS C 68 17.51 37.05 11.97
C HIS C 68 18.32 36.54 10.78
N GLN C 69 19.31 37.34 10.35
CA GLN C 69 20.16 36.92 9.24
C GLN C 69 20.98 35.70 9.62
N TRP C 70 21.49 35.66 10.85
CA TRP C 70 22.25 34.50 11.29
C TRP C 70 21.39 33.25 11.33
N ASN C 71 20.12 33.38 11.72
CA ASN C 71 19.22 32.25 11.72
C ASN C 71 18.89 31.79 10.30
N LYS C 72 18.76 32.74 9.37
CA LYS C 72 18.57 32.37 7.97
C LYS C 72 19.76 31.58 7.45
N ILE C 73 20.98 32.01 7.79
CA ILE C 73 22.17 31.26 7.39
C ILE C 73 22.22 29.91 8.09
N PHE C 74 21.84 29.88 9.37
CA PHE C 74 21.97 28.68 10.19
C PHE C 74 20.98 27.60 9.77
N LEU C 75 19.80 27.99 9.28
CA LEU C 75 18.88 26.98 8.78
C LEU C 75 19.47 26.22 7.61
N VAL C 76 20.08 26.95 6.66
CA VAL C 76 20.72 26.30 5.52
C VAL C 76 21.92 25.48 5.99
N ALA C 77 22.70 26.00 6.93
CA ALA C 77 23.85 25.25 7.43
C ALA C 77 23.42 23.95 8.09
N CYS C 78 22.36 23.99 8.89
CA CYS C 78 21.87 22.78 9.55
C CYS C 78 21.27 21.80 8.55
N LEU C 79 20.60 22.31 7.52
CA LEU C 79 20.08 21.42 6.48
C LEU C 79 21.22 20.72 5.75
N ILE C 80 22.28 21.45 5.43
CA ILE C 80 23.44 20.83 4.78
C ILE C 80 24.08 19.80 5.70
N SER C 81 24.19 20.13 7.00
CA SER C 81 24.79 19.18 7.94
C SER C 81 23.95 17.93 8.08
N LEU C 82 22.63 18.06 8.06
CA LEU C 82 21.76 16.89 8.14
C LEU C 82 21.78 16.08 6.84
N PHE C 83 22.04 16.74 5.72
CA PHE C 83 22.17 16.01 4.47
C PHE C 83 23.50 15.27 4.37
N VAL C 84 24.56 15.83 4.96
CA VAL C 84 25.89 15.26 4.79
C VAL C 84 26.16 14.13 5.77
N ASP C 85 25.64 14.22 6.99
CA ASP C 85 25.96 13.23 8.02
C ASP C 85 25.65 11.80 7.61
N PRO C 86 24.47 11.47 7.06
CA PRO C 86 24.23 10.09 6.63
C PRO C 86 25.12 9.64 5.48
N LEU C 87 25.69 10.56 4.70
CA LEU C 87 26.52 10.17 3.57
C LEU C 87 27.76 9.40 4.01
N PHE C 88 28.20 9.57 5.26
CA PHE C 88 29.32 8.81 5.78
C PHE C 88 29.03 7.31 5.79
N PHE C 89 27.75 6.92 5.73
CA PHE C 89 27.41 5.51 5.69
C PHE C 89 27.64 4.91 4.30
N TYR C 90 27.75 5.74 3.26
CA TYR C 90 27.98 5.26 1.91
C TYR C 90 29.44 5.06 1.58
N LEU C 91 30.34 5.44 2.49
CA LEU C 91 31.77 5.32 2.22
C LEU C 91 32.25 3.89 2.01
N PRO C 92 31.89 2.91 2.85
CA PRO C 92 32.40 1.54 2.62
C PRO C 92 31.97 1.00 1.27
N ILE C 93 32.90 0.30 0.62
CA ILE C 93 32.70 -0.27 -0.71
C ILE C 93 33.11 -1.73 -0.67
N VAL C 94 32.22 -2.61 -1.10
CA VAL C 94 32.53 -4.03 -1.23
C VAL C 94 33.10 -4.25 -2.62
N GLN C 95 34.34 -4.71 -2.68
CA GLN C 95 35.01 -4.92 -3.97
C GLN C 95 34.84 -6.36 -4.43
N ASP C 96 35.14 -6.58 -5.71
CA ASP C 96 34.93 -7.89 -6.32
C ASP C 96 35.86 -8.95 -5.72
N GLU C 97 36.95 -8.55 -5.06
CA GLU C 97 37.84 -9.48 -4.41
C GLU C 97 37.37 -9.87 -3.01
N VAL C 98 36.11 -9.58 -2.67
CA VAL C 98 35.53 -9.85 -1.36
C VAL C 98 36.37 -9.14 -0.31
N CYS C 99 36.23 -7.82 -0.24
CA CYS C 99 36.87 -7.02 0.79
C CYS C 99 36.14 -5.69 0.86
N ILE C 100 36.35 -4.96 1.95
CA ILE C 100 35.69 -3.67 2.18
C ILE C 100 36.75 -2.59 2.23
N ASP C 101 36.70 -1.68 1.26
CA ASP C 101 37.55 -0.50 1.20
C ASP C 101 36.72 0.74 1.53
N ILE C 102 37.38 1.88 1.58
CA ILE C 102 36.71 3.15 1.83
C ILE C 102 37.23 4.18 0.84
N GLY C 103 36.32 4.85 0.14
CA GLY C 103 36.71 5.88 -0.81
C GLY C 103 37.39 7.05 -0.13
N ILE C 104 38.69 7.21 -0.38
CA ILE C 104 39.46 8.21 0.36
C ILE C 104 39.07 9.62 -0.07
N ALA C 105 38.88 9.85 -1.37
CA ALA C 105 38.55 11.19 -1.85
C ALA C 105 37.17 11.62 -1.38
N VAL C 106 36.18 10.73 -1.49
CA VAL C 106 34.84 11.06 -1.02
C VAL C 106 34.83 11.28 0.48
N GLU C 107 35.59 10.46 1.21
CA GLU C 107 35.69 10.64 2.66
C GLU C 107 36.30 12.00 3.00
N VAL C 108 37.35 12.39 2.29
CA VAL C 108 38.00 13.68 2.55
C VAL C 108 37.03 14.82 2.26
N PHE C 109 36.31 14.75 1.15
CA PHE C 109 35.35 15.81 0.82
C PHE C 109 34.25 15.90 1.86
N LEU C 110 33.72 14.74 2.28
CA LEU C 110 32.66 14.74 3.28
C LEU C 110 33.16 15.28 4.62
N ILE C 111 34.41 14.96 4.98
CA ILE C 111 34.97 15.48 6.22
C ILE C 111 35.16 16.99 6.13
N ILE C 112 35.55 17.50 4.96
CA ILE C 112 35.68 18.94 4.79
C ILE C 112 34.33 19.64 4.96
N ILE C 113 33.30 19.09 4.32
CA ILE C 113 31.97 19.69 4.45
C ILE C 113 31.48 19.60 5.90
N ARG C 114 31.73 18.47 6.55
CA ARG C 114 31.36 18.31 7.95
C ARG C 114 32.08 19.31 8.85
N SER C 115 33.36 19.58 8.56
CA SER C 115 34.10 20.56 9.36
C SER C 115 33.57 21.96 9.11
N ILE C 116 33.14 22.26 7.89
CA ILE C 116 32.50 23.55 7.62
C ILE C 116 31.23 23.69 8.44
N ALA C 117 30.41 22.63 8.45
CA ALA C 117 29.21 22.66 9.28
C ALA C 117 29.55 22.81 10.75
N ASP C 118 30.61 22.15 11.21
CA ASP C 118 31.02 22.24 12.60
C ASP C 118 31.46 23.65 12.98
N VAL C 119 32.23 24.30 12.11
CA VAL C 119 32.66 25.66 12.42
C VAL C 119 31.46 26.61 12.38
N PHE C 120 30.48 26.35 11.50
CA PHE C 120 29.25 27.13 11.53
C PHE C 120 28.51 26.95 12.85
N TYR C 121 28.47 25.71 13.37
CA TYR C 121 27.83 25.48 14.65
C TYR C 121 28.57 26.18 15.79
N VAL C 122 29.91 26.19 15.71
CA VAL C 122 30.70 26.91 16.71
C VAL C 122 30.39 28.40 16.67
N ILE C 123 30.28 28.96 15.46
CA ILE C 123 29.92 30.37 15.32
C ILE C 123 28.52 30.61 15.91
N HIS C 124 27.60 29.68 15.69
CA HIS C 124 26.26 29.83 16.25
C HIS C 124 26.30 29.82 17.77
N ILE C 125 27.09 28.93 18.36
CA ILE C 125 27.21 28.89 19.82
C ILE C 125 27.82 30.18 20.34
N PHE C 126 28.85 30.69 19.65
CA PHE C 126 29.46 31.95 20.06
C PHE C 126 28.45 33.09 19.99
N MET C 127 27.64 33.14 18.94
CA MET C 127 26.64 34.18 18.82
C MET C 127 25.56 34.07 19.89
N ARG C 128 25.12 32.84 20.19
CA ARG C 128 24.12 32.64 21.22
C ARG C 128 24.66 32.92 22.61
N PHE C 129 25.98 32.87 22.80
CA PHE C 129 26.56 33.34 24.05
C PHE C 129 26.44 34.86 24.22
N HIS C 130 26.08 35.59 23.18
CA HIS C 130 26.00 37.06 23.21
C HIS C 130 24.66 37.53 22.68
N THR C 131 23.57 36.94 23.15
CA THR C 131 22.22 37.34 22.75
C THR C 131 21.40 37.71 23.97
N ALA C 132 20.53 38.70 23.80
CA ALA C 132 19.64 39.12 24.87
C ALA C 132 18.40 38.25 24.92
N TYR C 133 17.78 38.20 26.09
CA TYR C 133 16.56 37.42 26.30
C TYR C 133 15.55 38.24 27.06
N VAL C 134 14.27 37.91 26.88
CA VAL C 134 13.19 38.61 27.55
C VAL C 134 13.01 38.05 28.96
N ALA C 135 13.06 38.93 29.95
CA ALA C 135 12.88 38.50 31.33
C ALA C 135 11.44 38.06 31.56
N PRO C 136 11.21 36.85 32.08
CA PRO C 136 9.83 36.41 32.32
C PRO C 136 9.06 37.29 33.29
N SER C 137 9.73 37.84 34.30
CA SER C 137 9.07 38.68 35.29
C SER C 137 8.82 40.10 34.81
N SER C 138 9.44 40.52 33.72
CA SER C 138 9.27 41.86 33.17
C SER C 138 8.28 41.90 32.02
N ARG C 139 7.56 40.80 31.76
CA ARG C 139 6.63 40.71 30.64
C ARG C 139 5.37 41.52 30.98
N VAL C 140 5.47 42.83 30.78
CA VAL C 140 4.36 43.75 31.03
C VAL C 140 3.60 43.90 29.72
N PHE C 141 2.54 43.12 29.54
CA PHE C 141 1.70 43.15 28.35
C PHE C 141 2.54 42.91 27.08
N GLY C 142 3.49 41.99 27.17
CA GLY C 142 4.33 41.67 26.04
C GLY C 142 5.66 42.39 26.05
N ARG C 143 5.67 43.62 26.55
CA ARG C 143 6.89 44.44 26.60
C ARG C 143 7.76 43.95 27.75
N GLY C 144 8.52 42.90 27.47
CA GLY C 144 9.42 42.30 28.43
C GLY C 144 10.81 42.90 28.47
N GLU C 145 11.08 43.95 27.69
CA GLU C 145 12.38 44.60 27.63
C GLU C 145 13.48 43.62 27.24
N LEU C 146 14.73 43.96 27.55
CA LEU C 146 15.88 43.14 27.21
C LEU C 146 16.81 43.03 28.39
N VAL C 147 17.60 41.96 28.40
CA VAL C 147 18.62 41.72 29.42
C VAL C 147 19.98 41.84 28.74
N ILE C 148 20.84 42.71 29.28
CA ILE C 148 22.13 42.99 28.66
C ILE C 148 23.29 42.35 29.42
N ASP C 149 23.12 42.06 30.71
CA ASP C 149 24.18 41.48 31.53
C ASP C 149 24.75 40.22 30.90
N SER C 150 26.04 40.26 30.54
CA SER C 150 26.67 39.12 29.88
C SER C 150 26.72 37.91 30.80
N SER C 151 27.03 38.12 32.08
CA SER C 151 27.12 37.01 33.01
C SER C 151 25.77 36.32 33.18
N LYS C 152 24.69 37.10 33.29
CA LYS C 152 23.37 36.51 33.43
C LYS C 152 22.98 35.73 32.19
N ILE C 153 23.27 36.28 31.01
CA ILE C 153 22.96 35.59 29.76
C ILE C 153 23.73 34.28 29.67
N ALA C 154 25.02 34.31 30.00
CA ALA C 154 25.82 33.09 29.96
C ALA C 154 25.30 32.05 30.94
N SER C 155 24.94 32.48 32.16
CA SER C 155 24.42 31.55 33.14
C SER C 155 23.10 30.94 32.67
N ARG C 156 22.21 31.75 32.11
CA ARG C 156 20.95 31.24 31.61
C ARG C 156 21.17 30.24 30.48
N TYR C 157 22.08 30.55 29.56
CA TYR C 157 22.34 29.64 28.45
C TYR C 157 22.95 28.34 28.94
N LEU C 158 23.87 28.40 29.91
CA LEU C 158 24.46 27.19 30.47
C LEU C 158 23.41 26.35 31.18
N HIS C 159 22.49 27.00 31.90
CA HIS C 159 21.48 26.25 32.64
C HIS C 159 20.56 25.48 31.71
N LYS C 160 20.16 26.09 30.59
CA LYS C 160 19.24 25.46 29.65
C LYS C 160 19.65 25.83 28.23
N GLY C 161 20.09 24.85 27.46
CA GLY C 161 20.36 25.05 26.05
C GLY C 161 21.79 24.79 25.64
N PHE C 162 22.75 25.08 26.51
CA PHE C 162 24.16 24.98 26.13
C PHE C 162 24.57 23.54 25.85
N PHE C 163 24.12 22.59 26.68
CA PHE C 163 24.58 21.21 26.56
C PHE C 163 24.15 20.60 25.23
N LEU C 164 22.88 20.78 24.86
CA LEU C 164 22.37 20.14 23.66
C LEU C 164 22.96 20.77 22.40
N ASP C 165 23.19 22.08 22.41
CA ASP C 165 23.85 22.74 21.28
C ASP C 165 25.32 22.34 21.20
N PHE C 166 25.98 22.16 22.35
CA PHE C 166 27.38 21.75 22.36
C PHE C 166 27.53 20.32 21.84
N ILE C 167 26.56 19.45 22.16
CA ILE C 167 26.59 18.09 21.64
C ILE C 167 26.51 18.09 20.12
N ALA C 168 25.60 18.90 19.57
CA ALA C 168 25.43 18.97 18.12
C ALA C 168 26.62 19.59 17.41
N ALA C 169 27.48 20.34 18.11
CA ALA C 169 28.62 20.98 17.51
C ALA C 169 29.91 20.17 17.64
N LEU C 170 29.87 19.03 18.31
CA LEU C 170 31.07 18.22 18.47
C LEU C 170 31.45 17.58 17.15
N PRO C 171 32.72 17.64 16.75
CA PRO C 171 33.16 17.00 15.49
C PRO C 171 33.36 15.50 15.64
N LEU C 172 32.32 14.81 16.12
CA LEU C 172 32.42 13.38 16.37
C LEU C 172 32.72 12.57 15.11
N PRO C 173 32.06 12.78 13.96
CA PRO C 173 32.38 11.96 12.78
C PRO C 173 33.82 12.10 12.32
N GLN C 174 34.33 13.31 12.19
CA GLN C 174 35.70 13.49 11.70
C GLN C 174 36.73 12.99 12.71
N VAL C 175 36.40 13.03 14.00
CA VAL C 175 37.28 12.44 15.01
C VAL C 175 37.27 10.92 14.89
N LEU C 176 36.09 10.32 14.74
CA LEU C 176 35.99 8.87 14.61
C LEU C 176 36.73 8.36 13.37
N ILE C 177 36.57 9.06 12.25
CA ILE C 177 37.19 8.60 11.00
C ILE C 177 38.71 8.70 11.07
N TRP C 178 39.23 9.78 11.66
CA TRP C 178 40.64 10.08 11.57
C TRP C 178 41.45 9.62 12.77
N ILE C 179 41.04 9.97 13.99
CA ILE C 179 41.89 9.78 15.15
C ILE C 179 41.23 8.88 16.19
N VAL C 180 40.37 7.96 15.75
CA VAL C 180 39.78 6.99 16.66
C VAL C 180 40.06 5.58 16.17
N ILE C 181 39.61 5.26 14.96
CA ILE C 181 39.76 3.91 14.42
C ILE C 181 41.20 3.69 13.92
N PRO C 182 41.76 4.54 13.03
CA PRO C 182 43.11 4.27 12.53
C PRO C 182 44.20 4.90 13.37
N ASN C 183 45.44 4.75 12.94
CA ASN C 183 46.62 5.41 13.52
C ASN C 183 46.81 4.88 14.94
N LEU C 184 46.93 5.73 15.96
CA LEU C 184 47.28 5.27 17.30
C LEU C 184 46.18 4.39 17.90
N GLY C 185 44.92 4.74 17.67
CA GLY C 185 43.82 4.01 18.27
C GLY C 185 43.43 2.76 17.51
N GLY C 186 44.39 1.87 17.25
CA GLY C 186 44.11 0.65 16.53
C GLY C 186 43.12 -0.25 17.25
N SER C 187 41.91 -0.35 16.70
CA SER C 187 40.86 -1.18 17.28
C SER C 187 40.84 -2.57 16.65
N THR C 188 41.98 -3.26 16.70
CA THR C 188 42.07 -4.59 16.11
C THR C 188 41.18 -5.58 16.85
N ILE C 189 41.11 -5.47 18.18
CA ILE C 189 40.30 -6.39 18.96
C ILE C 189 38.82 -6.26 18.62
N ALA C 190 38.33 -5.02 18.49
CA ALA C 190 36.92 -4.81 18.21
C ALA C 190 36.54 -5.35 16.83
N ASN C 191 37.33 -5.01 15.81
CA ASN C 191 37.09 -5.46 14.43
C ASN C 191 35.67 -5.08 13.96
N THR C 192 35.24 -3.88 14.33
CA THR C 192 33.92 -3.36 13.98
C THR C 192 34.05 -1.97 13.37
N LYS C 193 34.95 -1.84 12.39
CA LYS C 193 35.25 -0.53 11.82
C LYS C 193 34.02 0.09 11.16
N ASN C 194 33.25 -0.71 10.42
CA ASN C 194 32.07 -0.20 9.74
C ASN C 194 30.84 -0.14 10.64
N VAL C 195 30.95 -0.58 11.90
CA VAL C 195 29.82 -0.51 12.81
C VAL C 195 29.85 0.76 13.65
N LEU C 196 31.04 1.27 13.96
CA LEU C 196 31.15 2.48 14.78
C LEU C 196 30.51 3.68 14.10
N ARG C 197 30.44 3.68 12.77
CA ARG C 197 29.89 4.82 12.05
C ARG C 197 28.49 5.16 12.52
N PHE C 198 27.70 4.17 12.92
CA PHE C 198 26.33 4.42 13.31
C PHE C 198 26.22 5.28 14.56
N ILE C 199 27.31 5.44 15.33
CA ILE C 199 27.24 6.33 16.48
C ILE C 199 27.12 7.78 16.05
N ILE C 200 27.30 8.08 14.76
CA ILE C 200 26.95 9.39 14.23
C ILE C 200 25.46 9.67 14.48
N ILE C 201 24.64 8.63 14.37
CA ILE C 201 23.22 8.76 14.71
C ILE C 201 23.05 9.25 16.13
N ILE C 202 23.94 8.84 17.04
CA ILE C 202 23.88 9.29 18.42
C ILE C 202 23.93 10.82 18.48
N GLN C 203 24.72 11.43 17.60
CA GLN C 203 24.73 12.88 17.48
C GLN C 203 23.70 13.39 16.48
N TYR C 204 23.30 12.56 15.51
CA TYR C 204 22.38 13.02 14.47
C TYR C 204 21.01 13.36 15.04
N LEU C 205 20.51 12.53 15.94
CA LEU C 205 19.17 12.77 16.49
C LEU C 205 19.05 14.09 17.24
N PRO C 206 19.97 14.47 18.13
CA PRO C 206 19.87 15.83 18.71
C PRO C 206 19.88 16.92 17.67
N ARG C 207 20.77 16.81 16.67
CA ARG C 207 20.81 17.81 15.61
C ARG C 207 19.51 17.87 14.83
N LEU C 208 18.92 16.71 14.54
CA LEU C 208 17.62 16.68 13.88
C LEU C 208 16.58 17.43 14.70
N PHE C 209 16.76 17.52 16.01
CA PHE C 209 15.85 18.30 16.84
C PHE C 209 15.93 19.78 16.51
N LEU C 210 17.15 20.31 16.32
CA LEU C 210 17.34 21.75 16.19
C LEU C 210 16.59 22.35 15.01
N ILE C 211 16.23 21.53 14.01
CA ILE C 211 15.48 22.04 12.87
C ILE C 211 14.10 22.50 13.30
N PHE C 212 13.44 21.75 14.18
CA PHE C 212 12.04 22.02 14.50
C PHE C 212 11.83 23.39 15.13
N PRO C 213 12.57 23.82 16.17
CA PRO C 213 12.39 25.19 16.66
C PRO C 213 12.87 26.24 15.68
N LEU C 214 14.10 26.07 15.18
CA LEU C 214 14.73 27.09 14.36
C LEU C 214 13.89 27.42 13.14
N SER C 215 13.45 26.39 12.41
CA SER C 215 12.59 26.63 11.25
C SER C 215 11.33 27.36 11.66
N SER C 216 10.74 26.98 12.79
CA SER C 216 9.56 27.70 13.29
C SER C 216 9.89 29.17 13.51
N GLN C 217 11.08 29.46 14.06
CA GLN C 217 11.49 30.85 14.19
C GLN C 217 11.54 31.54 12.84
N ILE C 218 12.05 30.85 11.82
CA ILE C 218 12.03 31.40 10.47
C ILE C 218 10.59 31.68 10.04
N VAL C 219 9.67 30.79 10.41
CA VAL C 219 8.25 31.01 10.12
C VAL C 219 7.79 32.30 10.77
N LYS C 220 8.26 32.58 11.99
CA LYS C 220 7.94 33.85 12.64
C LYS C 220 8.62 35.01 11.94
N ALA C 221 9.80 34.78 11.35
CA ALA C 221 10.52 35.87 10.70
C ALA C 221 9.82 36.31 9.41
N THR C 222 9.34 35.36 8.63
CA THR C 222 8.69 35.68 7.36
C THR C 222 7.17 35.70 7.51
N THR C 228 2.08 28.62 5.53
CA THR C 228 0.95 28.99 4.68
C THR C 228 0.39 27.78 3.95
N ALA C 229 -0.32 28.04 2.85
CA ALA C 229 -0.92 26.95 2.07
C ALA C 229 0.13 26.11 1.36
N TRP C 230 1.15 26.73 0.79
CA TRP C 230 2.20 26.02 0.06
C TRP C 230 3.37 25.61 0.97
N ALA C 231 3.43 26.12 2.20
CA ALA C 231 4.55 25.86 3.09
C ALA C 231 4.29 24.68 4.03
N GLY C 232 3.15 24.01 3.90
CA GLY C 232 2.86 22.86 4.75
C GLY C 232 3.11 21.54 4.07
N ALA C 233 2.68 21.44 2.80
CA ALA C 233 2.91 20.21 2.05
C ALA C 233 4.38 20.10 1.61
N ALA C 234 4.97 21.22 1.18
CA ALA C 234 6.35 21.20 0.74
C ALA C 234 7.29 20.89 1.90
N TYR C 235 7.03 21.47 3.07
CA TYR C 235 7.87 21.20 4.24
C TYR C 235 7.81 19.73 4.64
N ASN C 236 6.61 19.15 4.59
CA ASN C 236 6.48 17.75 4.98
C ASN C 236 7.08 16.83 3.91
N LEU C 237 7.05 17.26 2.65
CA LEU C 237 7.76 16.50 1.62
C LEU C 237 9.27 16.58 1.83
N ILE C 238 9.78 17.72 2.29
CA ILE C 238 11.20 17.82 2.62
C ILE C 238 11.53 16.90 3.79
N LEU C 239 10.66 16.87 4.80
CA LEU C 239 10.87 15.93 5.91
C LEU C 239 10.87 14.49 5.43
N TYR C 240 9.96 14.18 4.50
CA TYR C 240 9.91 12.84 3.93
C TYR C 240 11.19 12.49 3.18
N MET C 241 11.70 13.45 2.38
CA MET C 241 12.96 13.25 1.69
C MET C 241 14.10 13.00 2.65
N LEU C 242 14.17 13.79 3.73
CA LEU C 242 15.25 13.64 4.69
C LEU C 242 15.16 12.28 5.40
N ALA C 243 13.96 11.89 5.80
CA ALA C 243 13.80 10.60 6.46
C ALA C 243 14.17 9.45 5.53
N SER C 244 13.75 9.53 4.27
CA SER C 244 14.08 8.49 3.31
C SER C 244 15.59 8.43 3.06
N HIS C 245 16.25 9.59 2.97
CA HIS C 245 17.69 9.61 2.77
C HIS C 245 18.43 9.00 3.94
N VAL C 246 18.03 9.34 5.17
CA VAL C 246 18.67 8.77 6.34
C VAL C 246 18.45 7.27 6.41
N LEU C 247 17.22 6.82 6.13
CA LEU C 247 16.94 5.39 6.16
C LEU C 247 17.70 4.64 5.08
N GLY C 248 17.87 5.26 3.90
CA GLY C 248 18.66 4.62 2.85
C GLY C 248 20.12 4.48 3.22
N ALA C 249 20.71 5.53 3.82
CA ALA C 249 22.09 5.42 4.27
C ALA C 249 22.23 4.35 5.35
N CYS C 250 21.29 4.32 6.30
CA CYS C 250 21.33 3.29 7.33
C CYS C 250 21.20 1.90 6.72
N TRP C 251 20.32 1.74 5.73
CA TRP C 251 20.17 0.45 5.07
C TRP C 251 21.44 0.03 4.36
N TYR C 252 22.11 0.98 3.70
CA TYR C 252 23.36 0.64 3.03
C TYR C 252 24.41 0.15 4.03
N LEU C 253 24.57 0.88 5.14
CA LEU C 253 25.58 0.46 6.11
C LEU C 253 25.19 -0.86 6.77
N LEU C 254 23.90 -1.08 7.03
CA LEU C 254 23.48 -2.34 7.63
C LEU C 254 23.64 -3.51 6.66
N SER C 255 23.45 -3.27 5.37
CA SER C 255 23.71 -4.31 4.38
C SER C 255 25.20 -4.62 4.30
N ILE C 256 26.04 -3.59 4.40
CA ILE C 256 27.48 -3.83 4.47
C ILE C 256 27.82 -4.68 5.68
N GLU C 257 27.19 -4.38 6.83
CA GLU C 257 27.42 -5.17 8.03
C GLU C 257 26.95 -6.61 7.85
N ARG C 258 25.80 -6.80 7.20
CA ARG C 258 25.27 -8.14 6.96
C ARG C 258 26.21 -8.95 6.06
N GLN C 259 26.71 -8.33 5.00
CA GLN C 259 27.64 -9.03 4.11
C GLN C 259 28.94 -9.35 4.83
N GLU C 260 29.43 -8.43 5.66
CA GLU C 260 30.61 -8.70 6.46
C GLU C 260 30.37 -9.84 7.44
N ALA C 261 29.17 -9.91 8.02
CA ALA C 261 28.84 -11.01 8.92
C ALA C 261 28.81 -12.33 8.19
N CYS C 262 28.26 -12.36 6.97
CA CYS C 262 28.29 -13.57 6.17
C CYS C 262 29.73 -13.98 5.86
N TRP C 263 30.58 -13.00 5.55
CA TRP C 263 31.98 -13.30 5.31
C TRP C 263 32.65 -13.87 6.55
N LYS C 264 32.32 -13.33 7.73
CA LYS C 264 32.85 -13.87 8.98
C LYS C 264 32.38 -15.30 9.21
N SER C 265 31.12 -15.59 8.90
CA SER C 265 30.61 -16.95 9.03
C SER C 265 31.34 -17.90 8.09
N VAL C 266 31.58 -17.46 6.85
CA VAL C 266 32.33 -18.28 5.90
C VAL C 266 33.75 -18.52 6.41
N CYS C 267 34.38 -17.48 6.95
CA CYS C 267 35.72 -17.63 7.52
C CYS C 267 35.72 -18.62 8.68
N LYS C 268 34.68 -18.57 9.52
CA LYS C 268 34.56 -19.56 10.59
C LYS C 268 34.41 -20.96 10.04
N LEU C 269 33.65 -21.12 8.95
CA LEU C 269 33.52 -22.43 8.32
C LEU C 269 34.85 -22.91 7.76
N GLU C 270 35.67 -21.98 7.26
CA GLU C 270 36.97 -22.28 6.68
C GLU C 270 38.10 -21.76 7.57
N GLU C 271 37.96 -21.95 8.88
CA GLU C 271 38.91 -21.41 9.84
C GLU C 271 40.33 -21.96 9.65
N SER C 272 40.47 -23.10 8.95
CA SER C 272 41.79 -23.67 8.73
C SER C 272 42.68 -22.73 7.94
N SER C 273 42.13 -22.06 6.93
CA SER C 273 42.90 -21.19 6.06
C SER C 273 42.51 -19.72 6.17
N CYS C 274 41.57 -19.36 7.03
CA CYS C 274 41.09 -17.99 7.16
C CYS C 274 41.09 -17.56 8.62
N GLN C 275 41.25 -16.26 8.83
CA GLN C 275 41.29 -15.67 10.16
C GLN C 275 40.55 -14.33 10.12
N PHE C 276 40.22 -13.83 11.31
CA PHE C 276 39.36 -12.64 11.40
C PHE C 276 40.14 -11.33 11.28
N ASP C 277 40.97 -11.22 10.24
CA ASP C 277 41.49 -9.94 9.78
C ASP C 277 41.66 -9.94 8.27
N PHE C 278 40.96 -10.84 7.57
CA PHE C 278 41.34 -11.30 6.25
C PHE C 278 40.57 -10.64 5.12
N PHE C 279 39.47 -9.92 5.43
CA PHE C 279 38.66 -9.26 4.43
C PHE C 279 38.94 -7.77 4.33
N ASP C 280 40.20 -7.38 4.48
CA ASP C 280 40.63 -6.00 4.31
C ASP C 280 41.32 -5.86 2.97
N CYS C 281 40.95 -4.82 2.22
CA CYS C 281 41.44 -4.65 0.86
C CYS C 281 42.94 -4.35 0.80
N ASN C 282 43.57 -3.99 1.91
CA ASN C 282 45.00 -3.75 1.92
C ASN C 282 45.81 -5.04 1.84
N MET C 283 45.16 -6.20 1.95
CA MET C 283 45.82 -7.49 1.90
C MET C 283 45.41 -8.29 0.67
N VAL C 284 44.74 -7.64 -0.29
CA VAL C 284 44.25 -8.34 -1.48
C VAL C 284 45.42 -8.94 -2.27
N LYS C 285 46.49 -8.18 -2.45
CA LYS C 285 47.62 -8.62 -3.27
C LYS C 285 48.47 -9.68 -2.57
N ASP C 286 48.17 -10.02 -1.33
CA ASP C 286 48.93 -11.04 -0.63
C ASP C 286 48.77 -12.40 -1.30
N SER C 287 49.86 -13.16 -1.36
CA SER C 287 49.83 -14.48 -1.98
C SER C 287 48.93 -15.44 -1.21
N LEU C 288 48.96 -15.35 0.13
CA LEU C 288 48.10 -16.21 0.93
C LEU C 288 46.63 -15.96 0.64
N ARG C 289 46.25 -14.69 0.51
CA ARG C 289 44.85 -14.38 0.26
C ARG C 289 44.38 -14.90 -1.09
N VAL C 290 45.20 -14.74 -2.12
CA VAL C 290 44.80 -15.22 -3.44
C VAL C 290 44.78 -16.75 -3.48
N SER C 291 45.71 -17.40 -2.76
CA SER C 291 45.70 -18.86 -2.71
C SER C 291 44.46 -19.37 -1.99
N TRP C 292 44.02 -18.68 -0.94
CA TRP C 292 42.77 -19.04 -0.28
C TRP C 292 41.59 -18.79 -1.20
N PHE C 293 41.58 -17.65 -1.89
CA PHE C 293 40.41 -17.24 -2.68
C PHE C 293 40.20 -18.17 -3.87
N VAL C 294 41.27 -18.59 -4.53
CA VAL C 294 41.12 -19.46 -5.69
C VAL C 294 40.54 -20.82 -5.31
N THR C 295 40.58 -21.18 -4.03
CA THR C 295 40.03 -22.45 -3.56
C THR C 295 38.92 -22.26 -2.52
N SER C 296 38.31 -21.08 -2.48
CA SER C 296 37.25 -20.79 -1.53
C SER C 296 35.94 -20.51 -2.25
N ASN C 297 34.84 -20.89 -1.61
CA ASN C 297 33.49 -20.67 -2.13
C ASN C 297 32.76 -19.55 -1.41
N VAL C 298 33.47 -18.49 -1.03
CA VAL C 298 32.82 -17.36 -0.38
C VAL C 298 32.00 -16.54 -1.37
N THR C 299 32.30 -16.62 -2.66
CA THR C 299 31.64 -15.77 -3.64
C THR C 299 30.18 -16.17 -3.86
N ASN C 300 29.83 -17.45 -3.67
CA ASN C 300 28.48 -17.90 -3.87
C ASN C 300 27.73 -18.25 -2.59
N LEU C 301 28.45 -18.55 -1.51
CA LEU C 301 27.77 -18.77 -0.23
C LEU C 301 27.15 -17.50 0.30
N CYS C 302 27.86 -16.37 0.18
CA CYS C 302 27.31 -15.07 0.59
C CYS C 302 26.58 -14.40 -0.57
N SER C 303 25.52 -15.07 -1.02
CA SER C 303 24.58 -14.54 -1.99
C SER C 303 23.18 -14.87 -1.51
N PRO C 304 22.21 -13.99 -1.76
CA PRO C 304 20.83 -14.29 -1.37
C PRO C 304 20.26 -15.51 -2.07
N ASN C 305 20.81 -15.88 -3.22
CA ASN C 305 20.35 -17.08 -3.91
C ASN C 305 20.61 -18.33 -3.07
N SER C 306 21.78 -18.42 -2.46
CA SER C 306 22.10 -19.54 -1.59
C SER C 306 21.48 -19.34 -0.22
N LEU C 307 21.14 -20.46 0.43
CA LEU C 307 20.49 -20.43 1.74
C LEU C 307 21.50 -20.52 2.88
N PHE C 308 22.78 -20.28 2.63
CA PHE C 308 23.79 -20.38 3.67
C PHE C 308 23.56 -19.36 4.77
N TYR C 309 23.23 -18.12 4.41
CA TYR C 309 23.04 -17.05 5.36
C TYR C 309 21.72 -16.34 5.08
N GLN C 310 21.06 -15.90 6.15
CA GLN C 310 19.79 -15.18 6.04
C GLN C 310 20.09 -13.70 5.82
N PHE C 311 20.09 -13.27 4.57
CA PHE C 311 20.37 -11.87 4.27
C PHE C 311 19.16 -10.99 4.58
N GLY C 312 17.96 -11.49 4.35
CA GLY C 312 16.76 -10.72 4.66
C GLY C 312 16.62 -9.51 3.75
N ILE C 313 16.14 -8.42 4.33
CA ILE C 313 15.90 -7.20 3.56
C ILE C 313 17.19 -6.63 2.98
N TYR C 314 18.35 -7.01 3.54
CA TYR C 314 19.63 -6.56 3.04
C TYR C 314 20.08 -7.34 1.81
N GLY C 315 19.42 -8.46 1.48
CA GLY C 315 19.78 -9.22 0.31
C GLY C 315 19.64 -8.45 -0.98
N ASP C 316 18.69 -7.52 -1.05
CA ASP C 316 18.54 -6.67 -2.23
C ASP C 316 19.78 -5.82 -2.48
N ALA C 317 20.61 -5.59 -1.46
CA ALA C 317 21.86 -4.86 -1.67
C ALA C 317 22.99 -5.75 -2.15
N VAL C 318 22.81 -7.06 -2.16
CA VAL C 318 23.80 -7.98 -2.68
C VAL C 318 23.44 -8.45 -4.09
N THR C 319 22.16 -8.71 -4.33
CA THR C 319 21.72 -9.07 -5.67
C THR C 319 21.91 -7.92 -6.65
N SER C 320 21.56 -6.70 -6.24
CA SER C 320 21.70 -5.53 -7.10
C SER C 320 23.12 -4.98 -7.13
N LYS C 321 24.00 -5.47 -6.26
CA LYS C 321 25.41 -5.05 -6.24
C LYS C 321 25.56 -3.55 -6.06
N VAL C 322 24.74 -2.97 -5.18
CA VAL C 322 24.88 -1.55 -4.90
C VAL C 322 26.11 -1.28 -4.05
N THR C 323 26.52 -2.26 -3.24
CA THR C 323 27.68 -2.09 -2.38
C THR C 323 28.98 -1.95 -3.16
N THR C 324 28.98 -2.31 -4.45
CA THR C 324 30.15 -2.17 -5.30
C THR C 324 30.02 -1.07 -6.34
N SER C 325 28.84 -0.45 -6.46
CA SER C 325 28.61 0.55 -7.49
C SER C 325 29.26 1.88 -7.11
N ALA C 326 29.12 2.86 -8.01
CA ALA C 326 29.67 4.18 -7.76
C ALA C 326 28.86 4.90 -6.68
N PHE C 327 29.39 6.03 -6.22
CA PHE C 327 28.75 6.75 -5.12
C PHE C 327 27.35 7.24 -5.50
N PHE C 328 27.20 7.78 -6.70
CA PHE C 328 25.89 8.30 -7.09
C PHE C 328 24.88 7.18 -7.28
N ASN C 329 25.29 6.10 -7.93
CA ASN C 329 24.38 4.96 -8.12
C ASN C 329 23.91 4.40 -6.79
N LYS C 330 24.86 4.13 -5.89
CA LYS C 330 24.50 3.57 -4.59
C LYS C 330 23.65 4.54 -3.78
N TYR C 331 23.99 5.83 -3.83
CA TYR C 331 23.24 6.82 -3.06
C TYR C 331 21.80 6.90 -3.55
N PHE C 332 21.60 6.95 -4.86
CA PHE C 332 20.24 7.05 -5.39
C PHE C 332 19.46 5.76 -5.16
N PHE C 333 20.12 4.60 -5.30
CA PHE C 333 19.44 3.34 -5.03
C PHE C 333 18.98 3.27 -3.58
N CYS C 334 19.84 3.66 -2.64
CA CYS C 334 19.48 3.59 -1.23
C CYS C 334 18.43 4.64 -0.87
N LEU C 335 18.52 5.82 -1.47
CA LEU C 335 17.50 6.84 -1.24
C LEU C 335 16.13 6.36 -1.73
N TRP C 336 16.09 5.76 -2.93
CA TRP C 336 14.83 5.22 -3.42
C TRP C 336 14.36 4.05 -2.58
N TRP C 337 15.27 3.22 -2.09
CA TRP C 337 14.87 2.12 -1.22
C TRP C 337 14.19 2.65 0.04
N GLY C 338 14.81 3.64 0.69
CA GLY C 338 14.21 4.23 1.88
C GLY C 338 12.88 4.87 1.59
N LEU C 339 12.78 5.61 0.49
CA LEU C 339 11.52 6.30 0.17
C LEU C 339 10.42 5.30 -0.17
N ARG C 340 10.77 4.21 -0.87
CA ARG C 340 9.78 3.21 -1.25
C ARG C 340 9.29 2.43 -0.04
N ASN C 341 10.20 2.04 0.84
CA ASN C 341 9.79 1.34 2.04
C ASN C 341 9.17 2.26 3.09
N LEU C 342 9.29 3.57 2.91
CA LEU C 342 8.57 4.51 3.74
C LEU C 342 7.17 4.77 3.20
N SER C 343 7.02 4.78 1.88
CA SER C 343 5.71 4.92 1.26
C SER C 343 4.90 3.64 1.36
N SER C 344 5.55 2.49 1.19
CA SER C 344 4.88 1.21 1.33
C SER C 344 4.63 0.84 2.78
N LEU C 345 4.97 1.71 3.73
CA LEU C 345 4.73 1.47 5.15
C LEU C 345 5.46 0.23 5.64
N GLY C 346 6.65 0.00 5.10
CA GLY C 346 7.45 -1.15 5.47
C GLY C 346 7.05 -2.44 4.80
N GLN C 347 6.02 -2.45 3.97
CA GLN C 347 5.64 -3.65 3.26
C GLN C 347 6.70 -4.03 2.24
N GLY C 348 6.90 -5.33 2.05
CA GLY C 348 7.98 -5.83 1.24
C GLY C 348 9.28 -5.99 1.98
N LEU C 349 9.33 -5.60 3.26
CA LEU C 349 10.49 -5.82 4.11
C LEU C 349 10.38 -7.19 4.78
N LEU C 350 10.47 -8.22 3.95
CA LEU C 350 10.44 -9.59 4.45
C LEU C 350 11.77 -9.89 5.14
N THR C 351 11.82 -9.65 6.45
CA THR C 351 13.06 -9.76 7.20
C THR C 351 13.38 -11.22 7.51
N SER C 352 14.58 -11.42 8.06
CA SER C 352 14.97 -12.71 8.60
C SER C 352 14.61 -12.74 10.09
N THR C 353 15.13 -13.72 10.81
CA THR C 353 14.83 -13.88 12.24
C THR C 353 15.86 -13.18 13.13
N PHE C 354 16.44 -12.09 12.66
CA PHE C 354 17.41 -11.32 13.43
C PHE C 354 16.72 -10.10 14.04
N VAL C 355 16.94 -9.88 15.33
CA VAL C 355 16.19 -8.86 16.05
C VAL C 355 16.51 -7.46 15.52
N GLY C 356 17.77 -7.21 15.18
CA GLY C 356 18.14 -5.88 14.72
C GLY C 356 17.46 -5.50 13.41
N GLU C 357 17.48 -6.42 12.44
CA GLU C 357 16.84 -6.16 11.16
C GLU C 357 15.34 -5.98 11.33
N ILE C 358 14.73 -6.79 12.21
CA ILE C 358 13.29 -6.67 12.47
C ILE C 358 12.97 -5.31 13.09
N MET C 359 13.79 -4.87 14.04
CA MET C 359 13.56 -3.56 14.65
C MET C 359 13.75 -2.44 13.64
N PHE C 360 14.71 -2.57 12.74
CA PHE C 360 14.88 -1.57 11.68
C PHE C 360 13.65 -1.51 10.79
N ALA C 361 13.10 -2.68 10.42
CA ALA C 361 11.89 -2.70 9.62
C ALA C 361 10.71 -2.09 10.36
N ILE C 362 10.60 -2.37 11.67
CA ILE C 362 9.52 -1.81 12.46
C ILE C 362 9.64 -0.29 12.53
N VAL C 363 10.87 0.21 12.72
CA VAL C 363 11.10 1.65 12.74
C VAL C 363 10.71 2.28 11.41
N ILE C 364 11.08 1.63 10.30
CA ILE C 364 10.72 2.14 8.98
C ILE C 364 9.22 2.19 8.81
N ALA C 365 8.52 1.12 9.23
CA ALA C 365 7.07 1.09 9.10
C ALA C 365 6.39 2.16 9.95
N THR C 366 6.86 2.35 11.18
CA THR C 366 6.29 3.37 12.04
C THR C 366 6.54 4.77 11.48
N LEU C 367 7.74 5.02 10.98
CA LEU C 367 8.03 6.30 10.35
C LEU C 367 7.15 6.53 9.13
N GLY C 368 6.94 5.49 8.32
CA GLY C 368 6.05 5.62 7.20
C GLY C 368 4.63 5.94 7.61
N LEU C 369 4.14 5.26 8.65
CA LEU C 369 2.81 5.53 9.18
C LEU C 369 2.67 6.99 9.60
N VAL C 370 3.59 7.46 10.44
CA VAL C 370 3.45 8.81 10.98
C VAL C 370 3.64 9.85 9.88
N LEU C 371 4.57 9.63 8.96
CA LEU C 371 4.81 10.59 7.90
C LEU C 371 3.66 10.67 6.92
N PHE C 372 3.08 9.51 6.56
CA PHE C 372 1.94 9.53 5.65
C PHE C 372 0.72 10.17 6.32
N ALA C 373 0.51 9.89 7.61
CA ALA C 373 -0.58 10.54 8.32
C ALA C 373 -0.38 12.05 8.39
N LEU C 374 0.85 12.49 8.65
CA LEU C 374 1.15 13.92 8.66
C LEU C 374 0.92 14.54 7.29
N LEU C 375 1.32 13.85 6.22
CA LEU C 375 1.12 14.38 4.88
C LEU C 375 -0.36 14.52 4.55
N ILE C 376 -1.16 13.51 4.91
CA ILE C 376 -2.60 13.59 4.65
C ILE C 376 -3.21 14.73 5.45
N GLY C 377 -2.82 14.87 6.73
CA GLY C 377 -3.35 15.96 7.52
C GLY C 377 -2.96 17.33 6.98
N ASN C 378 -1.71 17.47 6.54
CA ASN C 378 -1.26 18.75 5.99
C ASN C 378 -2.00 19.08 4.70
N MET C 379 -2.23 18.09 3.85
CA MET C 379 -2.97 18.35 2.61
C MET C 379 -4.43 18.67 2.90
N GLN C 380 -5.01 18.02 3.92
CA GLN C 380 -6.37 18.38 4.33
C GLN C 380 -6.44 19.82 4.83
N THR C 381 -5.44 20.23 5.62
CA THR C 381 -5.38 21.62 6.08
C THR C 381 -5.23 22.58 4.91
N TYR C 382 -4.38 22.22 3.93
CA TYR C 382 -4.20 23.06 2.76
C TYR C 382 -5.49 23.20 1.97
N LEU C 383 -6.22 22.09 1.79
CA LEU C 383 -7.46 22.15 1.01
C LEU C 383 -8.55 22.90 1.75
N GLN C 384 -8.59 22.79 3.08
CA GLN C 384 -9.58 23.54 3.86
C GLN C 384 -9.25 25.01 3.95
N SER C 385 -8.03 25.42 3.61
CA SER C 385 -7.63 26.82 3.67
C SER C 385 -7.49 27.40 2.26
N ARG D 58 -15.86 1.02 54.50
CA ARG D 58 -14.74 1.60 53.77
C ARG D 58 -15.09 1.84 52.31
N ILE D 59 -16.27 2.43 52.07
CA ILE D 59 -16.71 2.71 50.71
C ILE D 59 -15.93 3.89 50.15
N PHE D 60 -15.33 3.70 48.99
CA PHE D 60 -14.52 4.73 48.36
C PHE D 60 -15.38 5.64 47.51
N ASP D 61 -15.03 6.93 47.48
CA ASP D 61 -15.76 7.89 46.68
C ASP D 61 -15.42 7.71 45.21
N PRO D 62 -16.41 7.60 44.32
CA PRO D 62 -16.11 7.40 42.90
C PRO D 62 -15.29 8.51 42.28
N ARG D 63 -15.45 9.75 42.77
CA ARG D 63 -14.70 10.90 42.29
C ARG D 63 -13.67 11.34 43.32
N GLY D 64 -13.10 10.38 44.03
CA GLY D 64 -12.14 10.63 45.09
C GLY D 64 -10.71 10.50 44.61
N GLN D 65 -9.81 10.18 45.54
CA GLN D 65 -8.39 10.04 45.26
C GLN D 65 -7.92 8.59 45.27
N THR D 66 -8.45 7.75 46.17
CA THR D 66 -8.05 6.35 46.20
C THR D 66 -8.45 5.64 44.90
N ILE D 67 -9.67 5.90 44.42
CA ILE D 67 -10.14 5.25 43.21
C ILE D 67 -9.37 5.75 42.00
N HIS D 68 -9.01 7.04 41.98
CA HIS D 68 -8.22 7.57 40.88
C HIS D 68 -6.86 6.88 40.80
N GLN D 69 -6.18 6.75 41.94
CA GLN D 69 -4.89 6.05 41.96
C GLN D 69 -5.05 4.59 41.58
N TRP D 70 -6.11 3.94 42.07
CA TRP D 70 -6.33 2.54 41.74
C TRP D 70 -6.55 2.36 40.24
N ASN D 71 -7.31 3.26 39.62
CA ASN D 71 -7.53 3.18 38.18
C ASN D 71 -6.25 3.47 37.41
N LYS D 72 -5.42 4.39 37.92
CA LYS D 72 -4.14 4.63 37.29
C LYS D 72 -3.27 3.38 37.31
N ILE D 73 -3.24 2.67 38.43
CA ILE D 73 -2.48 1.42 38.51
C ILE D 73 -3.12 0.34 37.65
N PHE D 74 -4.45 0.30 37.61
CA PHE D 74 -5.16 -0.76 36.91
C PHE D 74 -5.05 -0.62 35.41
N LEU D 75 -4.90 0.60 34.89
CA LEU D 75 -4.65 0.76 33.47
C LEU D 75 -3.32 0.11 33.08
N VAL D 76 -2.28 0.32 33.90
CA VAL D 76 -1.00 -0.31 33.65
C VAL D 76 -1.11 -1.83 33.77
N ALA D 77 -1.84 -2.30 34.78
CA ALA D 77 -2.01 -3.74 34.96
C ALA D 77 -2.73 -4.37 33.76
N CYS D 78 -3.78 -3.71 33.27
CA CYS D 78 -4.52 -4.21 32.11
C CYS D 78 -3.66 -4.18 30.86
N LEU D 79 -2.84 -3.14 30.70
CA LEU D 79 -1.93 -3.09 29.56
C LEU D 79 -0.92 -4.24 29.61
N ILE D 80 -0.39 -4.51 30.81
CA ILE D 80 0.54 -5.63 30.97
C ILE D 80 -0.15 -6.95 30.63
N SER D 81 -1.39 -7.13 31.11
CA SER D 81 -2.12 -8.36 30.82
C SER D 81 -2.40 -8.50 29.33
N LEU D 82 -2.74 -7.39 28.67
CA LEU D 82 -2.98 -7.41 27.23
C LEU D 82 -1.71 -7.76 26.47
N PHE D 83 -0.56 -7.28 26.94
CA PHE D 83 0.70 -7.59 26.28
C PHE D 83 1.09 -9.04 26.50
N VAL D 84 0.83 -9.58 27.68
CA VAL D 84 1.34 -10.90 28.04
C VAL D 84 0.49 -12.03 27.47
N ASP D 85 -0.82 -11.82 27.32
CA ASP D 85 -1.69 -12.90 26.88
C ASP D 85 -1.31 -13.48 25.52
N PRO D 86 -1.07 -12.69 24.47
CA PRO D 86 -0.64 -13.29 23.20
C PRO D 86 0.69 -14.01 23.27
N LEU D 87 1.55 -13.68 24.24
CA LEU D 87 2.85 -14.35 24.33
C LEU D 87 2.68 -15.84 24.58
N PHE D 88 1.57 -16.25 25.17
CA PHE D 88 1.30 -17.68 25.37
C PHE D 88 1.25 -18.44 24.06
N PHE D 89 0.99 -17.74 22.94
CA PHE D 89 0.97 -18.39 21.65
C PHE D 89 2.36 -18.70 21.12
N TYR D 90 3.40 -18.06 21.67
CA TYR D 90 4.77 -18.28 21.22
C TYR D 90 5.44 -19.45 21.91
N LEU D 91 4.77 -20.10 22.85
CA LEU D 91 5.38 -21.21 23.57
C LEU D 91 5.73 -22.40 22.68
N PRO D 92 4.86 -22.89 21.80
CA PRO D 92 5.23 -24.06 20.99
C PRO D 92 6.44 -23.79 20.11
N ILE D 93 7.32 -24.79 20.01
CA ILE D 93 8.56 -24.71 19.25
C ILE D 93 8.65 -25.95 18.38
N VAL D 94 8.86 -25.76 17.08
CA VAL D 94 9.07 -26.86 16.15
C VAL D 94 10.56 -27.12 16.06
N GLN D 95 10.97 -28.34 16.39
CA GLN D 95 12.39 -28.69 16.42
C GLN D 95 12.82 -29.33 15.11
N ASP D 96 14.14 -29.50 14.97
CA ASP D 96 14.69 -30.06 13.75
C ASP D 96 14.30 -31.52 13.55
N GLU D 97 14.10 -32.26 14.64
CA GLU D 97 13.65 -33.64 14.57
C GLU D 97 12.16 -33.77 14.28
N VAL D 98 11.51 -32.67 13.90
CA VAL D 98 10.09 -32.62 13.56
C VAL D 98 9.30 -33.05 14.78
N CYS D 99 9.10 -32.13 15.72
CA CYS D 99 8.22 -32.32 16.86
C CYS D 99 7.99 -30.96 17.51
N ILE D 100 6.87 -30.84 18.21
CA ILE D 100 6.48 -29.59 18.85
C ILE D 100 6.71 -29.75 20.35
N ASP D 101 7.61 -28.94 20.89
CA ASP D 101 7.88 -28.87 22.32
C ASP D 101 7.36 -27.55 22.87
N ILE D 102 7.46 -27.39 24.19
CA ILE D 102 7.02 -26.18 24.87
C ILE D 102 8.15 -25.69 25.76
N GLY D 103 8.46 -24.40 25.67
CA GLY D 103 9.46 -23.81 26.54
C GLY D 103 8.96 -23.74 27.97
N ILE D 104 9.53 -24.57 28.84
CA ILE D 104 9.00 -24.70 30.20
C ILE D 104 9.27 -23.44 31.01
N ALA D 105 10.49 -22.92 30.95
CA ALA D 105 10.84 -21.75 31.75
C ALA D 105 10.01 -20.53 31.34
N VAL D 106 9.89 -20.30 30.04
CA VAL D 106 9.09 -19.17 29.56
C VAL D 106 7.62 -19.38 29.92
N GLU D 107 7.16 -20.63 29.85
CA GLU D 107 5.78 -20.93 30.22
C GLU D 107 5.52 -20.57 31.68
N VAL D 108 6.42 -20.97 32.58
CA VAL D 108 6.23 -20.68 34.00
C VAL D 108 6.33 -19.17 34.25
N PHE D 109 7.24 -18.49 33.57
CA PHE D 109 7.38 -17.04 33.76
C PHE D 109 6.11 -16.33 33.31
N LEU D 110 5.56 -16.71 32.15
CA LEU D 110 4.33 -16.11 31.67
C LEU D 110 3.15 -16.43 32.60
N ILE D 111 3.13 -17.66 33.15
CA ILE D 111 2.06 -18.02 34.08
C ILE D 111 2.14 -17.18 35.35
N ILE D 112 3.35 -16.93 35.83
CA ILE D 112 3.51 -16.08 37.02
C ILE D 112 3.02 -14.66 36.74
N ILE D 113 3.39 -14.11 35.58
CA ILE D 113 2.92 -12.77 35.23
C ILE D 113 1.41 -12.73 35.12
N ARG D 114 0.83 -13.75 34.49
CA ARG D 114 -0.62 -13.82 34.34
C ARG D 114 -1.31 -13.95 35.69
N SER D 115 -0.71 -14.70 36.62
CA SER D 115 -1.26 -14.83 37.95
C SER D 115 -1.24 -13.49 38.68
N ILE D 116 -0.16 -12.72 38.51
CA ILE D 116 -0.11 -11.39 39.11
C ILE D 116 -1.19 -10.50 38.52
N ALA D 117 -1.38 -10.57 37.20
CA ALA D 117 -2.44 -9.77 36.55
C ALA D 117 -3.82 -10.18 37.05
N ASP D 118 -4.05 -11.49 37.24
CA ASP D 118 -5.33 -11.95 37.77
C ASP D 118 -5.54 -11.52 39.21
N VAL D 119 -4.48 -11.48 40.01
CA VAL D 119 -4.58 -10.93 41.36
C VAL D 119 -5.01 -9.47 41.30
N PHE D 120 -4.42 -8.71 40.39
CA PHE D 120 -4.82 -7.31 40.23
C PHE D 120 -6.28 -7.19 39.81
N TYR D 121 -6.73 -8.08 38.91
CA TYR D 121 -8.11 -8.06 38.48
C TYR D 121 -9.06 -8.39 39.64
N VAL D 122 -8.67 -9.34 40.48
CA VAL D 122 -9.49 -9.67 41.66
C VAL D 122 -9.55 -8.48 42.60
N ILE D 123 -8.43 -7.78 42.79
CA ILE D 123 -8.44 -6.57 43.61
C ILE D 123 -9.38 -5.53 43.01
N HIS D 124 -9.37 -5.40 41.69
CA HIS D 124 -10.26 -4.46 41.03
C HIS D 124 -11.73 -4.82 41.27
N ILE D 125 -12.05 -6.11 41.18
CA ILE D 125 -13.43 -6.54 41.43
C ILE D 125 -13.82 -6.26 42.87
N PHE D 126 -12.89 -6.48 43.81
CA PHE D 126 -13.14 -6.18 45.21
C PHE D 126 -13.44 -4.70 45.40
N MET D 127 -12.62 -3.83 44.81
CA MET D 127 -12.81 -2.39 44.96
C MET D 127 -14.08 -1.93 44.25
N ARG D 128 -14.50 -2.65 43.20
CA ARG D 128 -15.76 -2.32 42.53
C ARG D 128 -16.97 -2.76 43.35
N PHE D 129 -16.84 -3.84 44.12
CA PHE D 129 -17.85 -4.13 45.14
C PHE D 129 -17.79 -3.15 46.31
N HIS D 130 -16.68 -2.43 46.46
CA HIS D 130 -16.62 -1.42 47.52
C HIS D 130 -16.39 -0.02 46.97
N THR D 131 -17.16 0.37 45.95
CA THR D 131 -17.16 1.72 45.41
C THR D 131 -18.57 2.28 45.42
N ALA D 132 -18.68 3.59 45.57
CA ALA D 132 -19.98 4.25 45.56
C ALA D 132 -20.36 4.68 44.15
N TYR D 133 -21.63 5.02 43.98
CA TYR D 133 -22.17 5.41 42.68
C TYR D 133 -23.12 6.59 42.86
N VAL D 134 -23.43 7.24 41.74
CA VAL D 134 -24.32 8.38 41.73
C VAL D 134 -25.70 7.93 41.26
N ALA D 135 -26.72 8.23 42.06
CA ALA D 135 -28.08 7.84 41.71
C ALA D 135 -28.55 8.65 40.50
N PRO D 136 -29.13 8.01 39.49
CA PRO D 136 -29.61 8.77 38.31
C PRO D 136 -30.69 9.79 38.65
N SER D 137 -31.56 9.48 39.61
CA SER D 137 -32.66 10.38 39.96
C SER D 137 -32.27 11.45 40.98
N SER D 138 -31.06 11.39 41.53
CA SER D 138 -30.59 12.35 42.50
C SER D 138 -29.69 13.42 41.88
N ARG D 139 -29.58 13.45 40.55
CA ARG D 139 -28.71 14.39 39.86
C ARG D 139 -29.37 15.76 39.88
N VAL D 140 -29.05 16.55 40.90
CA VAL D 140 -29.59 17.90 41.04
C VAL D 140 -28.56 18.87 40.46
N PHE D 141 -28.78 19.27 39.21
CA PHE D 141 -27.90 20.21 38.50
C PHE D 141 -26.45 19.72 38.50
N GLY D 142 -26.27 18.41 38.33
CA GLY D 142 -24.96 17.79 38.33
C GLY D 142 -24.51 17.25 39.66
N ARG D 143 -25.18 17.64 40.75
CA ARG D 143 -24.84 17.16 42.09
C ARG D 143 -25.72 15.95 42.38
N GLY D 144 -25.20 14.77 42.07
CA GLY D 144 -25.91 13.52 42.25
C GLY D 144 -25.78 12.87 43.60
N GLU D 145 -25.13 13.55 44.56
CA GLU D 145 -24.91 13.04 45.91
C GLU D 145 -24.15 11.72 45.89
N LEU D 146 -24.12 11.02 47.03
CA LEU D 146 -23.40 9.77 47.16
C LEU D 146 -24.31 8.72 47.79
N VAL D 147 -24.06 7.46 47.44
CA VAL D 147 -24.81 6.33 47.98
C VAL D 147 -23.85 5.49 48.82
N ILE D 148 -24.24 5.23 50.06
CA ILE D 148 -23.42 4.46 50.99
C ILE D 148 -23.95 3.06 51.21
N ASP D 149 -25.13 2.74 50.69
CA ASP D 149 -25.74 1.43 50.89
C ASP D 149 -24.90 0.36 50.18
N SER D 150 -24.27 -0.52 50.95
CA SER D 150 -23.46 -1.58 50.36
C SER D 150 -24.31 -2.55 49.55
N SER D 151 -25.49 -2.89 50.06
CA SER D 151 -26.36 -3.84 49.37
C SER D 151 -26.81 -3.28 48.02
N LYS D 152 -27.18 -2.00 47.98
CA LYS D 152 -27.59 -1.39 46.71
C LYS D 152 -26.44 -1.34 45.72
N ILE D 153 -25.24 -1.02 46.20
CA ILE D 153 -24.07 -0.99 45.32
C ILE D 153 -23.80 -2.38 44.76
N ALA D 154 -23.86 -3.41 45.60
CA ALA D 154 -23.63 -4.77 45.15
C ALA D 154 -24.68 -5.20 44.13
N SER D 155 -25.94 -4.87 44.38
CA SER D 155 -27.00 -5.22 43.44
C SER D 155 -26.80 -4.52 42.10
N ARG D 156 -26.44 -3.23 42.13
CA ARG D 156 -26.20 -2.49 40.89
C ARG D 156 -25.02 -3.09 40.13
N TYR D 157 -23.94 -3.45 40.83
CA TYR D 157 -22.80 -4.05 40.17
C TYR D 157 -23.16 -5.39 39.55
N LEU D 158 -23.90 -6.22 40.28
CA LEU D 158 -24.27 -7.54 39.77
C LEU D 158 -25.19 -7.42 38.56
N HIS D 159 -26.13 -6.47 38.60
CA HIS D 159 -27.06 -6.30 37.49
C HIS D 159 -26.34 -5.88 36.21
N LYS D 160 -25.37 -4.96 36.33
CA LYS D 160 -24.65 -4.44 35.17
C LYS D 160 -23.19 -4.25 35.54
N GLY D 161 -22.30 -4.91 34.81
CA GLY D 161 -20.87 -4.71 34.99
C GLY D 161 -20.11 -5.87 35.57
N PHE D 162 -20.74 -6.61 36.48
CA PHE D 162 -20.03 -7.68 37.19
C PHE D 162 -19.72 -8.85 36.25
N PHE D 163 -20.62 -9.17 35.34
CA PHE D 163 -20.44 -10.36 34.51
C PHE D 163 -19.19 -10.25 33.64
N LEU D 164 -19.05 -9.14 32.92
CA LEU D 164 -17.92 -8.99 32.01
C LEU D 164 -16.61 -8.87 32.78
N ASP D 165 -16.61 -8.19 33.92
CA ASP D 165 -15.41 -8.07 34.74
C ASP D 165 -15.00 -9.43 35.30
N PHE D 166 -15.96 -10.24 35.72
CA PHE D 166 -15.65 -11.56 36.24
C PHE D 166 -15.14 -12.48 35.14
N ILE D 167 -15.71 -12.38 33.93
CA ILE D 167 -15.23 -13.18 32.82
C ILE D 167 -13.79 -12.82 32.48
N ALA D 168 -13.47 -11.52 32.49
CA ALA D 168 -12.11 -11.08 32.17
C ALA D 168 -11.10 -11.49 33.23
N ALA D 169 -11.54 -11.74 34.46
CA ALA D 169 -10.62 -12.07 35.55
C ALA D 169 -10.44 -13.56 35.76
N LEU D 170 -11.10 -14.40 34.97
CA LEU D 170 -10.93 -15.84 35.11
C LEU D 170 -9.53 -16.24 34.69
N PRO D 171 -8.82 -17.04 35.48
CA PRO D 171 -7.48 -17.50 35.10
C PRO D 171 -7.52 -18.60 34.05
N LEU D 172 -8.13 -18.28 32.90
CA LEU D 172 -8.30 -19.28 31.84
C LEU D 172 -6.98 -19.79 31.29
N PRO D 173 -6.00 -18.96 30.91
CA PRO D 173 -4.75 -19.52 30.38
C PRO D 173 -4.03 -20.43 31.36
N GLN D 174 -4.02 -20.08 32.64
CA GLN D 174 -3.28 -20.88 33.62
C GLN D 174 -3.92 -22.26 33.79
N VAL D 175 -5.24 -22.31 33.95
CA VAL D 175 -5.91 -23.60 34.11
C VAL D 175 -5.82 -24.40 32.82
N LEU D 176 -5.88 -23.74 31.66
CA LEU D 176 -5.73 -24.45 30.40
C LEU D 176 -4.34 -25.08 30.29
N ILE D 177 -3.31 -24.35 30.69
CA ILE D 177 -1.95 -24.87 30.58
C ILE D 177 -1.72 -25.99 31.59
N TRP D 178 -2.24 -25.86 32.80
CA TRP D 178 -1.86 -26.76 33.89
C TRP D 178 -2.88 -27.85 34.16
N ILE D 179 -4.13 -27.49 34.44
CA ILE D 179 -5.12 -28.45 34.93
C ILE D 179 -6.16 -28.77 33.84
N VAL D 180 -5.81 -28.57 32.56
CA VAL D 180 -6.74 -28.92 31.50
C VAL D 180 -6.08 -29.91 30.54
N ILE D 181 -5.00 -29.51 29.90
CA ILE D 181 -4.36 -30.32 28.87
C ILE D 181 -3.58 -31.48 29.51
N PRO D 182 -2.59 -31.22 30.41
CA PRO D 182 -1.82 -32.35 30.96
C PRO D 182 -2.50 -32.98 32.18
N ASN D 183 -1.79 -33.91 32.80
CA ASN D 183 -2.22 -34.55 34.07
C ASN D 183 -3.47 -35.37 33.77
N LEU D 184 -4.53 -35.27 34.57
CA LEU D 184 -5.69 -36.14 34.39
C LEU D 184 -6.48 -35.78 33.13
N GLY D 185 -6.47 -34.51 32.72
CA GLY D 185 -7.22 -34.09 31.57
C GLY D 185 -6.54 -34.39 30.25
N GLY D 186 -5.97 -35.58 30.12
CA GLY D 186 -5.29 -35.98 28.89
C GLY D 186 -6.21 -35.94 27.69
N SER D 187 -5.98 -34.98 26.79
CA SER D 187 -6.81 -34.81 25.60
C SER D 187 -6.26 -35.59 24.42
N THR D 188 -6.03 -36.89 24.62
CA THR D 188 -5.58 -37.75 23.54
C THR D 188 -6.63 -37.87 22.45
N ILE D 189 -7.91 -37.97 22.84
CA ILE D 189 -8.99 -38.06 21.86
C ILE D 189 -9.07 -36.76 21.05
N ALA D 190 -8.97 -35.62 21.72
CA ALA D 190 -9.04 -34.34 21.01
C ALA D 190 -7.81 -34.14 20.13
N ASN D 191 -6.62 -34.35 20.69
CA ASN D 191 -5.36 -34.22 19.95
C ASN D 191 -5.24 -32.84 19.29
N THR D 192 -5.61 -31.80 20.03
CA THR D 192 -5.59 -30.42 19.55
C THR D 192 -4.96 -29.51 20.60
N LYS D 193 -3.80 -29.92 21.11
CA LYS D 193 -3.17 -29.18 22.20
C LYS D 193 -2.85 -27.74 21.80
N ASN D 194 -2.42 -27.53 20.56
CA ASN D 194 -2.08 -26.20 20.08
C ASN D 194 -3.28 -25.40 19.59
N VAL D 195 -4.48 -25.98 19.63
CA VAL D 195 -5.67 -25.30 19.14
C VAL D 195 -6.42 -24.67 20.30
N LEU D 196 -6.44 -25.36 21.45
CA LEU D 196 -7.19 -24.87 22.61
C LEU D 196 -6.63 -23.55 23.12
N ARG D 197 -5.34 -23.29 22.91
CA ARG D 197 -4.74 -22.04 23.36
C ARG D 197 -5.51 -20.83 22.82
N PHE D 198 -6.05 -20.95 21.61
CA PHE D 198 -6.76 -19.82 21.00
C PHE D 198 -8.04 -19.46 21.73
N ILE D 199 -8.55 -20.31 22.61
CA ILE D 199 -9.71 -19.90 23.41
C ILE D 199 -9.35 -18.81 24.41
N ILE D 200 -8.06 -18.53 24.59
CA ILE D 200 -7.65 -17.34 25.32
C ILE D 200 -8.24 -16.10 24.65
N ILE D 201 -8.33 -16.12 23.32
CA ILE D 201 -8.96 -15.02 22.60
C ILE D 201 -10.41 -14.85 23.06
N ILE D 202 -11.09 -15.96 23.35
CA ILE D 202 -12.46 -15.89 23.85
C ILE D 202 -12.53 -15.05 25.12
N GLN D 203 -11.49 -15.12 25.95
CA GLN D 203 -11.39 -14.24 27.11
C GLN D 203 -10.67 -12.93 26.78
N TYR D 204 -9.80 -12.94 25.77
CA TYR D 204 -9.03 -11.74 25.44
C TYR D 204 -9.93 -10.64 24.90
N LEU D 205 -10.92 -11.00 24.08
CA LEU D 205 -11.76 -9.99 23.45
C LEU D 205 -12.55 -9.15 24.46
N PRO D 206 -13.25 -9.73 25.45
CA PRO D 206 -13.87 -8.86 26.47
C PRO D 206 -12.86 -8.02 27.22
N ARG D 207 -11.71 -8.61 27.57
CA ARG D 207 -10.68 -7.87 28.29
C ARG D 207 -10.20 -6.67 27.50
N LEU D 208 -9.98 -6.85 26.19
CA LEU D 208 -9.66 -5.73 25.33
C LEU D 208 -10.70 -4.64 25.43
N PHE D 209 -11.99 -5.02 25.45
CA PHE D 209 -13.05 -4.03 25.61
C PHE D 209 -12.86 -3.22 26.89
N LEU D 210 -12.41 -3.88 27.96
CA LEU D 210 -12.23 -3.21 29.24
C LEU D 210 -11.18 -2.11 29.16
N ILE D 211 -10.32 -2.11 28.15
CA ILE D 211 -9.30 -1.07 28.07
C ILE D 211 -9.91 0.23 27.55
N PHE D 212 -11.08 0.16 26.91
CA PHE D 212 -11.64 1.37 26.31
C PHE D 212 -12.26 2.31 27.33
N PRO D 213 -13.24 1.90 28.16
CA PRO D 213 -13.83 2.86 29.10
C PRO D 213 -12.86 3.28 30.20
N LEU D 214 -12.10 2.33 30.73
CA LEU D 214 -11.21 2.61 31.85
C LEU D 214 -10.20 3.70 31.49
N SER D 215 -9.53 3.55 30.34
CA SER D 215 -8.61 4.59 29.89
C SER D 215 -9.32 5.92 29.72
N SER D 216 -10.59 5.89 29.28
CA SER D 216 -11.37 7.11 29.17
C SER D 216 -11.47 7.81 30.52
N GLN D 217 -11.70 7.04 31.59
CA GLN D 217 -11.69 7.63 32.93
C GLN D 217 -10.35 8.28 33.22
N ILE D 218 -9.26 7.64 32.81
CA ILE D 218 -7.94 8.23 32.98
C ILE D 218 -7.85 9.55 32.22
N VAL D 219 -8.49 9.61 31.04
CA VAL D 219 -8.56 10.86 30.31
C VAL D 219 -9.27 11.92 31.13
N LYS D 220 -10.32 11.54 31.84
CA LYS D 220 -10.99 12.48 32.73
C LYS D 220 -10.14 12.78 33.96
N ALA D 221 -9.21 11.90 34.30
CA ALA D 221 -8.38 12.11 35.49
C ALA D 221 -7.41 13.27 35.28
N THR D 222 -6.78 13.34 34.11
CA THR D 222 -5.82 14.39 33.82
C THR D 222 -6.22 15.19 32.60
N THR D 228 -5.27 15.54 24.45
CA THR D 228 -4.56 16.72 23.95
C THR D 228 -4.12 16.53 22.51
N ALA D 229 -3.16 17.35 22.08
CA ALA D 229 -2.65 17.23 20.71
C ALA D 229 -1.81 15.98 20.51
N TRP D 230 -0.95 15.66 21.47
CA TRP D 230 -0.09 14.49 21.40
C TRP D 230 -0.74 13.24 21.99
N ALA D 231 -1.90 13.37 22.62
CA ALA D 231 -2.57 12.26 23.27
C ALA D 231 -3.55 11.54 22.35
N GLY D 232 -3.67 11.96 21.09
CA GLY D 232 -4.57 11.32 20.16
C GLY D 232 -3.85 10.39 19.20
N ALA D 233 -2.57 10.68 18.95
CA ALA D 233 -1.77 9.88 18.03
C ALA D 233 -0.92 8.84 18.76
N ALA D 234 -0.35 9.20 19.90
CA ALA D 234 0.45 8.25 20.66
C ALA D 234 -0.41 7.09 21.16
N TYR D 235 -1.59 7.38 21.67
CA TYR D 235 -2.50 6.33 22.11
C TYR D 235 -2.90 5.42 20.96
N ASN D 236 -3.19 6.01 19.80
CA ASN D 236 -3.61 5.20 18.66
C ASN D 236 -2.46 4.35 18.14
N LEU D 237 -1.24 4.88 18.17
CA LEU D 237 -0.10 4.06 17.78
C LEU D 237 0.17 2.94 18.78
N ILE D 238 -0.07 3.19 20.07
CA ILE D 238 0.06 2.12 21.06
C ILE D 238 -0.97 1.02 20.80
N LEU D 239 -2.21 1.41 20.53
CA LEU D 239 -3.24 0.44 20.18
C LEU D 239 -2.88 -0.29 18.89
N TYR D 240 -2.27 0.40 17.94
CA TYR D 240 -1.90 -0.21 16.67
C TYR D 240 -0.81 -1.26 16.88
N MET D 241 0.17 -0.94 17.73
CA MET D 241 1.21 -1.91 18.09
C MET D 241 0.61 -3.09 18.85
N LEU D 242 -0.38 -2.85 19.71
CA LEU D 242 -1.05 -3.95 20.39
C LEU D 242 -1.75 -4.88 19.41
N ALA D 243 -2.44 -4.30 18.43
CA ALA D 243 -3.08 -5.11 17.40
C ALA D 243 -2.06 -5.90 16.60
N SER D 244 -0.92 -5.27 16.28
CA SER D 244 0.15 -5.99 15.59
C SER D 244 0.67 -7.15 16.42
N HIS D 245 0.85 -6.94 17.73
CA HIS D 245 1.32 -7.98 18.62
C HIS D 245 0.36 -9.16 18.65
N VAL D 246 -0.93 -8.87 18.81
CA VAL D 246 -1.93 -9.94 18.90
C VAL D 246 -2.01 -10.70 17.59
N LEU D 247 -2.02 -9.98 16.45
CA LEU D 247 -2.09 -10.64 15.15
C LEU D 247 -0.85 -11.47 14.88
N GLY D 248 0.32 -10.99 15.29
CA GLY D 248 1.53 -11.77 15.11
C GLY D 248 1.54 -13.05 15.91
N ALA D 249 1.10 -12.97 17.18
CA ALA D 249 1.01 -14.19 17.99
C ALA D 249 0.00 -15.17 17.41
N CYS D 250 -1.14 -14.66 16.95
CA CYS D 250 -2.14 -15.52 16.33
C CYS D 250 -1.60 -16.17 15.09
N TRP D 251 -0.85 -15.42 14.27
CA TRP D 251 -0.26 -15.99 13.06
C TRP D 251 0.78 -17.06 13.41
N TYR D 252 1.57 -16.83 14.46
CA TYR D 252 2.54 -17.85 14.86
C TYR D 252 1.85 -19.14 15.27
N LEU D 253 0.82 -19.04 16.11
CA LEU D 253 0.13 -20.25 16.53
C LEU D 253 -0.59 -20.92 15.38
N LEU D 254 -1.16 -20.14 14.46
CA LEU D 254 -1.81 -20.72 13.29
C LEU D 254 -0.80 -21.39 12.37
N SER D 255 0.40 -20.83 12.24
CA SER D 255 1.44 -21.48 11.46
C SER D 255 1.89 -22.79 12.09
N ILE D 256 1.99 -22.81 13.43
CA ILE D 256 2.29 -24.06 14.12
C ILE D 256 1.20 -25.09 13.85
N GLU D 257 -0.06 -24.66 13.89
CA GLU D 257 -1.18 -25.57 13.59
C GLU D 257 -1.11 -26.07 12.15
N ARG D 258 -0.76 -25.20 11.22
CA ARG D 258 -0.65 -25.60 9.82
C ARG D 258 0.45 -26.61 9.62
N GLN D 259 1.61 -26.40 10.27
CA GLN D 259 2.70 -27.35 10.15
C GLN D 259 2.34 -28.69 10.79
N GLU D 260 1.62 -28.65 11.91
CA GLU D 260 1.15 -29.89 12.52
C GLU D 260 0.17 -30.61 11.62
N ALA D 261 -0.71 -29.86 10.94
CA ALA D 261 -1.63 -30.47 9.99
C ALA D 261 -0.90 -31.09 8.81
N CYS D 262 0.16 -30.43 8.35
CA CYS D 262 0.99 -31.02 7.29
C CYS D 262 1.64 -32.32 7.76
N TRP D 263 2.13 -32.34 9.01
CA TRP D 263 2.69 -33.56 9.57
C TRP D 263 1.65 -34.66 9.65
N LYS D 264 0.42 -34.32 10.05
CA LYS D 264 -0.65 -35.31 10.11
C LYS D 264 -0.98 -35.85 8.73
N SER D 265 -1.00 -34.97 7.71
CA SER D 265 -1.25 -35.43 6.35
C SER D 265 -0.12 -36.35 5.86
N VAL D 266 1.12 -36.01 6.20
CA VAL D 266 2.24 -36.88 5.85
C VAL D 266 2.09 -38.24 6.50
N CYS D 267 1.72 -38.25 7.78
CA CYS D 267 1.50 -39.52 8.49
C CYS D 267 0.37 -40.31 7.86
N LYS D 268 -0.68 -39.63 7.41
CA LYS D 268 -1.76 -40.31 6.70
C LYS D 268 -1.24 -40.92 5.40
N LEU D 269 -0.35 -40.22 4.70
CA LEU D 269 0.27 -40.79 3.51
C LEU D 269 1.14 -42.00 3.86
N GLU D 270 1.66 -42.05 5.09
CA GLU D 270 2.53 -43.15 5.51
C GLU D 270 1.94 -43.88 6.71
N GLU D 271 0.65 -44.24 6.63
CA GLU D 271 -0.01 -44.92 7.74
C GLU D 271 0.58 -46.29 8.03
N SER D 272 1.39 -46.84 7.12
CA SER D 272 1.96 -48.17 7.33
C SER D 272 2.84 -48.21 8.56
N SER D 273 3.65 -47.15 8.77
CA SER D 273 4.59 -47.13 9.89
C SER D 273 4.49 -45.87 10.74
N CYS D 274 3.34 -45.18 10.71
CA CYS D 274 3.19 -43.94 11.47
C CYS D 274 1.77 -43.85 12.03
N GLN D 275 1.66 -43.18 13.18
CA GLN D 275 0.39 -42.80 13.75
C GLN D 275 0.52 -41.38 14.31
N PHE D 276 -0.61 -40.83 14.76
CA PHE D 276 -0.61 -39.45 15.22
C PHE D 276 -0.10 -39.33 16.65
N ASP D 277 1.07 -39.91 16.92
CA ASP D 277 1.74 -39.76 18.20
C ASP D 277 3.25 -39.55 18.06
N PHE D 278 3.78 -39.54 16.84
CA PHE D 278 5.22 -39.47 16.63
C PHE D 278 5.76 -38.05 16.60
N PHE D 279 4.88 -37.04 16.63
CA PHE D 279 5.29 -35.65 16.50
C PHE D 279 5.34 -34.94 17.86
N ASP D 280 5.63 -35.67 18.92
CA ASP D 280 5.83 -35.10 20.25
C ASP D 280 7.27 -35.36 20.69
N CYS D 281 7.95 -34.31 21.14
CA CYS D 281 9.36 -34.41 21.47
C CYS D 281 9.63 -35.30 22.68
N ASN D 282 8.61 -35.66 23.46
CA ASN D 282 8.83 -36.56 24.58
C ASN D 282 9.11 -37.99 24.12
N MET D 283 8.82 -38.30 22.85
CA MET D 283 9.08 -39.63 22.29
C MET D 283 10.05 -39.58 21.13
N VAL D 284 10.87 -38.52 21.03
CA VAL D 284 11.79 -38.39 19.91
C VAL D 284 12.91 -39.43 19.99
N LYS D 285 13.31 -39.82 21.20
CA LYS D 285 14.41 -40.75 21.40
C LYS D 285 13.99 -42.20 21.28
N ASP D 286 12.72 -42.48 21.04
CA ASP D 286 12.26 -43.84 20.88
C ASP D 286 12.84 -44.47 19.62
N SER D 287 13.13 -45.77 19.69
CA SER D 287 13.70 -46.47 18.55
C SER D 287 12.74 -46.47 17.37
N LEU D 288 11.43 -46.65 17.64
CA LEU D 288 10.44 -46.61 16.57
C LEU D 288 10.43 -45.24 15.88
N ARG D 289 10.55 -44.17 16.67
CA ARG D 289 10.51 -42.83 16.10
C ARG D 289 11.68 -42.58 15.16
N VAL D 290 12.91 -42.94 15.59
CA VAL D 290 14.06 -42.71 14.74
C VAL D 290 14.03 -43.63 13.53
N SER D 291 13.55 -44.87 13.70
CA SER D 291 13.45 -45.79 12.57
C SER D 291 12.47 -45.28 11.52
N TRP D 292 11.35 -44.71 11.96
CA TRP D 292 10.41 -44.13 11.02
C TRP D 292 10.98 -42.86 10.39
N PHE D 293 11.70 -42.05 11.18
CA PHE D 293 12.22 -40.79 10.67
C PHE D 293 13.28 -41.00 9.60
N VAL D 294 14.17 -41.97 9.79
CA VAL D 294 15.23 -42.21 8.81
C VAL D 294 14.71 -42.76 7.50
N THR D 295 13.47 -43.25 7.47
CA THR D 295 12.87 -43.80 6.25
C THR D 295 11.70 -42.97 5.76
N SER D 296 11.57 -41.74 6.23
CA SER D 296 10.47 -40.86 5.85
C SER D 296 11.01 -39.54 5.30
N ASN D 297 10.25 -38.95 4.38
CA ASN D 297 10.59 -37.66 3.79
C ASN D 297 9.69 -36.54 4.30
N VAL D 298 9.32 -36.60 5.58
CA VAL D 298 8.47 -35.56 6.16
C VAL D 298 9.19 -34.22 6.19
N THR D 299 10.50 -34.23 6.41
CA THR D 299 11.26 -32.98 6.46
C THR D 299 11.28 -32.25 5.12
N ASN D 300 11.05 -32.96 4.01
CA ASN D 300 11.03 -32.35 2.69
C ASN D 300 9.63 -32.13 2.15
N LEU D 301 8.65 -32.94 2.55
CA LEU D 301 7.28 -32.76 2.07
C LEU D 301 6.62 -31.56 2.74
N CYS D 302 6.91 -31.34 4.02
CA CYS D 302 6.27 -30.26 4.78
C CYS D 302 7.10 -28.98 4.68
N SER D 303 7.26 -28.51 3.45
CA SER D 303 7.94 -27.26 3.16
C SER D 303 7.14 -26.50 2.11
N PRO D 304 7.12 -25.17 2.19
CA PRO D 304 6.40 -24.39 1.16
C PRO D 304 6.93 -24.60 -0.25
N ASN D 305 8.23 -24.90 -0.38
CA ASN D 305 8.80 -25.15 -1.71
C ASN D 305 8.17 -26.37 -2.36
N SER D 306 7.98 -27.44 -1.60
CA SER D 306 7.32 -28.63 -2.13
C SER D 306 5.81 -28.40 -2.20
N LEU D 307 5.23 -28.71 -3.35
CA LEU D 307 3.79 -28.50 -3.57
C LEU D 307 2.99 -29.73 -3.13
N PHE D 308 3.15 -30.08 -1.86
CA PHE D 308 2.39 -31.18 -1.26
C PHE D 308 1.22 -30.68 -0.42
N TYR D 309 1.49 -29.77 0.53
CA TYR D 309 0.46 -29.19 1.38
C TYR D 309 0.43 -27.69 1.21
N GLN D 310 -0.76 -27.13 1.15
CA GLN D 310 -0.94 -25.68 0.97
C GLN D 310 -0.63 -24.99 2.29
N PHE D 311 0.50 -24.30 2.35
CA PHE D 311 0.86 -23.57 3.56
C PHE D 311 0.28 -22.16 3.57
N GLY D 312 0.24 -21.51 2.41
CA GLY D 312 -0.36 -20.18 2.36
C GLY D 312 0.48 -19.15 3.09
N ILE D 313 -0.21 -18.25 3.80
CA ILE D 313 0.46 -17.16 4.50
C ILE D 313 1.36 -17.67 5.61
N TYR D 314 1.17 -18.91 6.04
CA TYR D 314 2.03 -19.51 7.06
C TYR D 314 3.35 -20.01 6.51
N GLY D 315 3.52 -20.00 5.18
CA GLY D 315 4.75 -20.48 4.60
C GLY D 315 5.98 -19.73 5.07
N ASP D 316 5.86 -18.42 5.29
CA ASP D 316 6.98 -17.64 5.80
C ASP D 316 7.44 -18.11 7.16
N ALA D 317 6.60 -18.84 7.90
CA ALA D 317 7.02 -19.37 9.18
C ALA D 317 7.85 -20.64 9.06
N VAL D 318 7.86 -21.28 7.89
CA VAL D 318 8.65 -22.48 7.66
C VAL D 318 9.94 -22.18 6.91
N THR D 319 9.87 -21.31 5.90
CA THR D 319 11.09 -20.94 5.18
C THR D 319 12.05 -20.18 6.07
N SER D 320 11.54 -19.27 6.91
CA SER D 320 12.37 -18.46 7.77
C SER D 320 12.72 -19.14 9.08
N LYS D 321 12.23 -20.36 9.31
CA LYS D 321 12.50 -21.11 10.54
C LYS D 321 12.08 -20.31 11.77
N VAL D 322 10.96 -19.61 11.67
CA VAL D 322 10.45 -18.83 12.79
C VAL D 322 10.03 -19.74 13.93
N THR D 323 9.37 -20.85 13.60
CA THR D 323 8.89 -21.80 14.60
C THR D 323 10.02 -22.52 15.32
N THR D 324 11.25 -22.42 14.84
CA THR D 324 12.40 -23.04 15.49
C THR D 324 13.30 -22.03 16.20
N SER D 325 13.22 -20.75 15.84
CA SER D 325 14.09 -19.74 16.40
C SER D 325 13.83 -19.53 17.89
N ALA D 326 14.70 -18.75 18.52
CA ALA D 326 14.58 -18.45 19.94
C ALA D 326 13.32 -17.61 20.20
N PHE D 327 13.02 -17.40 21.48
CA PHE D 327 11.78 -16.72 21.84
C PHE D 327 11.78 -15.28 21.36
N PHE D 328 12.89 -14.56 21.54
CA PHE D 328 12.92 -13.16 21.13
C PHE D 328 12.94 -13.02 19.63
N ASN D 329 13.70 -13.87 18.94
CA ASN D 329 13.72 -13.84 17.47
C ASN D 329 12.32 -14.08 16.91
N LYS D 330 11.65 -15.14 17.38
CA LYS D 330 10.32 -15.46 16.88
C LYS D 330 9.32 -14.38 17.27
N TYR D 331 9.43 -13.83 18.48
CA TYR D 331 8.50 -12.81 18.92
C TYR D 331 8.60 -11.56 18.06
N PHE D 332 9.83 -11.11 17.80
CA PHE D 332 9.99 -9.89 16.99
C PHE D 332 9.64 -10.16 15.54
N PHE D 333 9.95 -11.35 15.02
CA PHE D 333 9.55 -11.68 13.66
C PHE D 333 8.03 -11.64 13.51
N CYS D 334 7.30 -12.21 14.48
CA CYS D 334 5.85 -12.27 14.37
C CYS D 334 5.22 -10.90 14.62
N LEU D 335 5.79 -10.11 15.54
CA LEU D 335 5.30 -8.75 15.74
C LEU D 335 5.50 -7.91 14.49
N TRP D 336 6.65 -8.04 13.84
CA TRP D 336 6.87 -7.33 12.58
C TRP D 336 5.95 -7.85 11.49
N TRP D 337 5.69 -9.16 11.46
CA TRP D 337 4.75 -9.71 10.50
C TRP D 337 3.37 -9.07 10.68
N GLY D 338 2.90 -9.02 11.92
CA GLY D 338 1.60 -8.41 12.18
C GLY D 338 1.57 -6.93 11.83
N LEU D 339 2.61 -6.20 12.21
CA LEU D 339 2.67 -4.77 11.88
C LEU D 339 2.71 -4.53 10.38
N ARG D 340 3.48 -5.35 9.65
CA ARG D 340 3.61 -5.18 8.21
C ARG D 340 2.31 -5.53 7.49
N ASN D 341 1.65 -6.60 7.90
CA ASN D 341 0.40 -7.01 7.27
C ASN D 341 -0.78 -6.20 7.76
N LEU D 342 -0.61 -5.40 8.81
CA LEU D 342 -1.64 -4.48 9.25
C LEU D 342 -1.47 -3.11 8.58
N SER D 343 -0.22 -2.71 8.32
CA SER D 343 0.05 -1.47 7.60
C SER D 343 -0.23 -1.62 6.12
N SER D 344 0.13 -2.75 5.53
CA SER D 344 -0.09 -3.02 4.12
C SER D 344 -1.53 -3.40 3.82
N LEU D 345 -2.44 -3.22 4.78
CA LEU D 345 -3.86 -3.50 4.60
C LEU D 345 -4.11 -4.97 4.25
N GLY D 346 -3.29 -5.86 4.78
CA GLY D 346 -3.42 -7.28 4.52
C GLY D 346 -2.89 -7.73 3.18
N GLN D 347 -2.31 -6.83 2.39
CA GLN D 347 -1.75 -7.21 1.10
C GLN D 347 -0.50 -8.05 1.31
N GLY D 348 -0.25 -8.95 0.35
CA GLY D 348 0.79 -9.94 0.50
C GLY D 348 0.36 -11.18 1.25
N LEU D 349 -0.89 -11.23 1.71
CA LEU D 349 -1.44 -12.41 2.35
C LEU D 349 -2.08 -13.30 1.29
N LEU D 350 -1.23 -13.88 0.45
CA LEU D 350 -1.69 -14.82 -0.56
C LEU D 350 -2.05 -16.14 0.10
N THR D 351 -3.32 -16.29 0.47
CA THR D 351 -3.75 -17.44 1.26
C THR D 351 -3.95 -18.67 0.37
N SER D 352 -4.31 -19.77 1.01
CA SER D 352 -4.68 -21.00 0.35
C SER D 352 -6.21 -21.06 0.23
N THR D 353 -6.74 -22.21 -0.16
CA THR D 353 -8.17 -22.42 -0.27
C THR D 353 -8.80 -22.90 1.03
N PHE D 354 -8.16 -22.63 2.16
CA PHE D 354 -8.68 -23.02 3.47
C PHE D 354 -9.45 -21.85 4.07
N VAL D 355 -10.64 -22.14 4.60
CA VAL D 355 -11.54 -21.08 5.04
C VAL D 355 -10.95 -20.31 6.22
N GLY D 356 -10.35 -21.02 7.19
CA GLY D 356 -9.86 -20.34 8.38
C GLY D 356 -8.76 -19.34 8.09
N GLU D 357 -7.79 -19.72 7.26
CA GLU D 357 -6.72 -18.80 6.89
C GLU D 357 -7.27 -17.60 6.14
N ILE D 358 -8.25 -17.82 5.25
CA ILE D 358 -8.86 -16.72 4.51
C ILE D 358 -9.56 -15.76 5.46
N MET D 359 -10.30 -16.29 6.44
CA MET D 359 -10.97 -15.42 7.40
C MET D 359 -9.97 -14.67 8.27
N PHE D 360 -8.85 -15.31 8.62
CA PHE D 360 -7.81 -14.60 9.35
C PHE D 360 -7.25 -13.45 8.54
N ALA D 361 -7.01 -13.68 7.24
CA ALA D 361 -6.52 -12.60 6.38
C ALA D 361 -7.55 -11.49 6.25
N ILE D 362 -8.83 -11.84 6.15
CA ILE D 362 -9.88 -10.83 6.05
C ILE D 362 -9.95 -10.00 7.32
N VAL D 363 -9.83 -10.65 8.48
CA VAL D 363 -9.82 -9.93 9.75
C VAL D 363 -8.63 -8.99 9.81
N ILE D 364 -7.47 -9.45 9.36
CA ILE D 364 -6.28 -8.61 9.36
C ILE D 364 -6.47 -7.40 8.47
N ALA D 365 -7.05 -7.60 7.28
CA ALA D 365 -7.28 -6.49 6.35
C ALA D 365 -8.27 -5.48 6.93
N THR D 366 -9.36 -5.97 7.52
CA THR D 366 -10.35 -5.07 8.11
C THR D 366 -9.76 -4.27 9.28
N LEU D 367 -8.99 -4.95 10.13
CA LEU D 367 -8.33 -4.26 11.24
C LEU D 367 -7.35 -3.21 10.71
N GLY D 368 -6.59 -3.54 9.68
CA GLY D 368 -5.69 -2.57 9.10
C GLY D 368 -6.43 -1.37 8.54
N LEU D 369 -7.54 -1.61 7.85
CA LEU D 369 -8.33 -0.50 7.30
C LEU D 369 -8.82 0.42 8.40
N VAL D 370 -9.47 -0.14 9.42
CA VAL D 370 -10.04 0.70 10.47
C VAL D 370 -8.95 1.40 11.26
N LEU D 371 -7.83 0.72 11.51
CA LEU D 371 -6.76 1.33 12.29
C LEU D 371 -6.06 2.44 11.52
N PHE D 372 -5.84 2.23 10.21
CA PHE D 372 -5.26 3.30 9.40
C PHE D 372 -6.19 4.49 9.31
N ALA D 373 -7.51 4.24 9.21
CA ALA D 373 -8.46 5.34 9.21
C ALA D 373 -8.41 6.12 10.52
N LEU D 374 -8.35 5.39 11.64
CA LEU D 374 -8.24 6.06 12.94
C LEU D 374 -6.96 6.88 13.04
N LEU D 375 -5.84 6.34 12.55
CA LEU D 375 -4.58 7.06 12.60
C LEU D 375 -4.64 8.33 11.75
N ILE D 376 -5.21 8.23 10.55
CA ILE D 376 -5.33 9.40 9.69
C ILE D 376 -6.18 10.47 10.36
N GLY D 377 -7.33 10.05 10.92
CA GLY D 377 -8.19 11.01 11.59
C GLY D 377 -7.53 11.66 12.79
N ASN D 378 -6.82 10.87 13.59
CA ASN D 378 -6.16 11.41 14.77
C ASN D 378 -5.06 12.40 14.41
N MET D 379 -4.28 12.09 13.37
CA MET D 379 -3.24 13.03 12.96
C MET D 379 -3.84 14.28 12.34
N GLN D 380 -4.94 14.15 11.61
CA GLN D 380 -5.63 15.33 11.10
C GLN D 380 -6.12 16.21 12.25
N THR D 381 -6.69 15.60 13.29
CA THR D 381 -7.14 16.36 14.44
C THR D 381 -5.98 17.04 15.15
N TYR D 382 -4.86 16.33 15.30
CA TYR D 382 -3.69 16.90 15.95
C TYR D 382 -3.14 18.10 15.16
N LEU D 383 -3.05 17.96 13.83
CA LEU D 383 -2.52 19.05 13.01
C LEU D 383 -3.47 20.23 13.00
N GLN D 384 -4.79 19.98 12.97
CA GLN D 384 -5.73 21.09 12.98
C GLN D 384 -5.80 21.79 14.33
N SER D 385 -5.29 21.16 15.38
CA SER D 385 -5.29 21.77 16.71
C SER D 385 -3.90 21.71 17.33
#